data_4K67
#
_entry.id   4K67
#
_cell.length_a   70.626
_cell.length_b   70.626
_cell.length_c   494.520
_cell.angle_alpha   90.00
_cell.angle_beta   90.00
_cell.angle_gamma   120.00
#
_symmetry.space_group_name_H-M   'P 3'
#
loop_
_entity.id
_entity.type
_entity.pdbx_description
1 polymer Hemagglutinin
2 polymer Hemagglutinin
3 branched 'N-acetyl-alpha-neuraminic acid-(2-6)-beta-D-galactopyranose'
4 branched 'N-acetyl-alpha-neuraminic acid-(2-6)-beta-D-galactopyranose-(1-4)-2-acetamido-2-deoxy-beta-D-glucopyranose'
5 non-polymer 2-acetamido-2-deoxy-beta-D-glucopyranose
#
loop_
_entity_poly.entity_id
_entity_poly.type
_entity_poly.pdbx_seq_one_letter_code
_entity_poly.pdbx_strand_id
1 'polypeptide(L)'
;QDQICIGYHANNSTEQVDTIMEKNVTVTHAQDILEKTHNGKLCDLDGVKPLILRDCSVAGWLLGNPMCDEFINVPEWSYI
VEKANPTNDLCYPGSFNDYEELKYLLSRINHFEKIQIIPKSSWSDHEASSGVSSACPYLGSPSFFRNVVWLIKKNSAYPT
IKKSYNNTNQEDLLVLWGIHHPNDAAEQTRLYQNPTTYISIGTSTLNQRLVPKIATRSKVNGLSSRMEFFWTILKPNDAI
NFESNGNFIAPEYAYKIVKKGDSAIMKSELEYGNCNTKCQTPMGAINSSMPFHNIHPLTIGECPKYVKSNRLVLATGLRN
S
;
A,C,E,G
2 'polypeptide(L)'
;GLFGAIAGFIEGGWQGMVDGWYGYHHSNEQGSGYAADKESTQKAIDGVTNKVNSIIDKMNTQFEAVGREFNNLERRIENL
NKKMEDGFLDVWTYNAELLVLMENERTLDFHDSNVKNLYDKVRLQLRDNAKELGNGCFEFYHKCDNECMESIRNGTYNYP
QYSE
;
B,D,F,H
#
loop_
_chem_comp.id
_chem_comp.type
_chem_comp.name
_chem_comp.formula
GAL D-saccharide, beta linking beta-D-galactopyranose 'C6 H12 O6'
NAG D-saccharide, beta linking 2-acetamido-2-deoxy-beta-D-glucopyranose 'C8 H15 N O6'
SIA D-saccharide, alpha linking 'N-acetyl-alpha-neuraminic acid' 'C11 H19 N O9'
#
# COMPACT_ATOMS: atom_id res chain seq x y z
N GLN A 1 33.52 -160.13 189.48
CA GLN A 1 34.87 -160.65 189.26
C GLN A 1 35.60 -159.85 188.18
N ASP A 2 36.11 -160.54 187.16
CA ASP A 2 36.74 -159.82 186.05
C ASP A 2 35.85 -159.83 184.80
N GLN A 3 35.87 -158.74 184.05
CA GLN A 3 35.01 -158.60 182.87
C GLN A 3 35.69 -157.86 181.71
N ILE A 4 35.17 -158.11 180.51
CA ILE A 4 35.54 -157.35 179.31
C ILE A 4 34.31 -157.15 178.42
N CYS A 5 34.11 -155.93 177.95
CA CYS A 5 32.90 -155.60 177.19
C CYS A 5 33.20 -154.79 175.93
N ILE A 6 32.55 -155.17 174.83
CA ILE A 6 32.67 -154.44 173.57
C ILE A 6 31.44 -153.59 173.34
N GLY A 7 31.64 -152.31 173.06
CA GLY A 7 30.54 -151.40 172.83
C GLY A 7 30.86 -150.37 171.75
N TYR A 8 30.01 -149.35 171.65
CA TYR A 8 30.20 -148.31 170.64
C TYR A 8 29.94 -146.90 171.15
N HIS A 9 30.34 -145.91 170.35
CA HIS A 9 30.19 -144.51 170.70
C HIS A 9 28.72 -144.08 170.81
N ALA A 10 28.47 -143.03 171.58
CA ALA A 10 27.18 -142.39 171.62
C ALA A 10 27.35 -140.96 172.13
N ASN A 11 26.40 -140.08 171.81
CA ASN A 11 26.45 -138.71 172.30
C ASN A 11 25.10 -138.00 172.38
N ASN A 12 25.11 -136.67 172.23
CA ASN A 12 23.94 -135.85 172.50
C ASN A 12 23.34 -135.17 171.28
N SER A 13 23.91 -135.42 170.10
CA SER A 13 23.43 -134.78 168.88
C SER A 13 22.05 -135.31 168.45
N THR A 14 21.16 -134.39 168.09
CA THR A 14 19.81 -134.75 167.69
C THR A 14 19.65 -134.83 166.17
N GLU A 15 20.73 -134.55 165.45
CA GLU A 15 20.70 -134.52 163.99
C GLU A 15 20.25 -135.85 163.38
N GLN A 16 19.40 -135.76 162.37
CA GLN A 16 18.82 -136.94 161.74
C GLN A 16 19.19 -137.05 160.27
N VAL A 17 19.20 -138.28 159.77
CA VAL A 17 19.39 -138.53 158.35
C VAL A 17 18.31 -139.49 157.85
N ASP A 18 18.25 -139.68 156.54
CA ASP A 18 17.30 -140.64 155.96
C ASP A 18 18.03 -141.81 155.32
N THR A 19 17.37 -142.96 155.30
CA THR A 19 17.81 -144.10 154.51
C THR A 19 16.62 -144.54 153.67
N ILE A 20 16.80 -145.58 152.87
CA ILE A 20 15.72 -146.08 152.02
C ILE A 20 14.61 -146.69 152.87
N MET A 21 14.99 -147.45 153.89
CA MET A 21 14.03 -148.18 154.72
C MET A 21 13.52 -147.41 155.93
N GLU A 22 14.09 -146.24 156.19
CA GLU A 22 13.76 -145.51 157.41
C GLU A 22 14.11 -144.02 157.34
N LYS A 23 13.16 -143.18 157.74
CA LYS A 23 13.39 -141.74 157.77
C LYS A 23 13.72 -141.27 159.17
N ASN A 24 14.13 -140.01 159.29
CA ASN A 24 14.30 -139.33 160.57
C ASN A 24 15.10 -140.12 161.61
N VAL A 25 16.26 -140.63 161.21
CA VAL A 25 17.09 -141.43 162.10
C VAL A 25 18.22 -140.62 162.72
N THR A 26 18.21 -140.54 164.05
CA THR A 26 19.22 -139.77 164.78
C THR A 26 20.58 -140.47 164.74
N VAL A 27 21.64 -139.68 164.67
CA VAL A 27 23.00 -140.23 164.61
C VAL A 27 24.00 -139.46 165.46
N THR A 28 25.18 -140.06 165.65
CA THR A 28 26.23 -139.44 166.45
C THR A 28 26.85 -138.26 165.71
N HIS A 29 27.21 -138.50 164.45
CA HIS A 29 27.84 -137.47 163.63
C HIS A 29 27.29 -137.48 162.21
N ALA A 30 27.16 -136.30 161.61
CA ALA A 30 26.64 -136.16 160.26
C ALA A 30 27.35 -135.05 159.51
N GLN A 31 27.02 -134.91 158.22
CA GLN A 31 27.57 -133.84 157.40
C GLN A 31 26.53 -133.34 156.42
N ASP A 32 26.15 -132.07 156.54
CA ASP A 32 25.21 -131.46 155.62
C ASP A 32 25.97 -131.00 154.39
N ILE A 33 25.54 -131.48 153.22
CA ILE A 33 26.24 -131.17 151.98
C ILE A 33 25.44 -130.21 151.09
N LEU A 34 24.48 -129.52 151.68
CA LEU A 34 23.59 -128.65 150.91
C LEU A 34 23.59 -127.21 151.41
N GLU A 35 24.24 -126.32 150.67
CA GLU A 35 24.21 -124.90 151.00
C GLU A 35 22.85 -124.30 150.67
N LYS A 36 22.23 -123.67 151.65
CA LYS A 36 20.87 -123.17 151.48
C LYS A 36 20.75 -121.67 151.77
N THR A 37 21.86 -120.97 151.70
CA THR A 37 21.87 -119.54 152.04
C THR A 37 22.75 -118.73 151.08
N HIS A 38 22.23 -117.56 150.70
CA HIS A 38 22.94 -116.60 149.88
C HIS A 38 22.92 -115.25 150.59
N ASN A 39 23.64 -114.27 150.05
CA ASN A 39 23.69 -112.96 150.70
C ASN A 39 22.64 -111.97 150.20
N GLY A 40 21.82 -112.39 149.24
CA GLY A 40 20.76 -111.55 148.71
C GLY A 40 21.29 -110.33 147.96
N LYS A 41 22.52 -110.41 147.47
CA LYS A 41 23.14 -109.29 146.77
C LYS A 41 23.73 -109.68 145.41
N LEU A 42 23.94 -108.67 144.57
CA LEU A 42 24.62 -108.86 143.29
C LEU A 42 26.05 -108.34 143.41
N CYS A 43 27.02 -109.26 143.47
CA CYS A 43 28.40 -108.89 143.77
C CYS A 43 29.31 -108.86 142.55
N ASP A 44 30.51 -108.30 142.74
CA ASP A 44 31.60 -108.46 141.78
C ASP A 44 31.94 -109.94 141.73
N LEU A 45 32.50 -110.40 140.61
CA LEU A 45 32.90 -111.79 140.50
C LEU A 45 34.41 -111.83 140.44
N ASP A 46 35.02 -112.27 141.54
CA ASP A 46 36.48 -112.29 141.67
C ASP A 46 37.09 -110.94 141.34
N GLY A 47 36.47 -109.87 141.85
CA GLY A 47 37.01 -108.54 141.72
C GLY A 47 36.66 -107.78 140.44
N VAL A 48 36.01 -108.45 139.49
CA VAL A 48 35.52 -107.74 138.31
C VAL A 48 34.02 -107.51 138.40
N LYS A 49 33.63 -106.23 138.33
CA LYS A 49 32.26 -105.81 138.62
C LYS A 49 31.26 -106.07 137.48
N PRO A 50 30.06 -106.58 137.81
CA PRO A 50 29.02 -106.81 136.81
C PRO A 50 28.54 -105.53 136.15
N LEU A 51 27.87 -105.67 135.02
CA LEU A 51 27.23 -104.54 134.34
C LEU A 51 25.74 -104.63 134.61
N ILE A 52 25.25 -103.71 135.42
CA ILE A 52 23.86 -103.77 135.81
C ILE A 52 23.06 -102.78 135.00
N LEU A 53 22.44 -103.28 133.93
CA LEU A 53 21.47 -102.51 133.19
C LEU A 53 20.38 -102.29 134.21
N ARG A 54 19.86 -101.07 134.31
CA ARG A 54 18.91 -100.79 135.38
C ARG A 54 17.50 -100.89 134.84
N ASP A 55 17.00 -99.80 134.27
CA ASP A 55 15.71 -99.86 133.59
C ASP A 55 15.92 -99.81 132.09
N CYS A 56 17.13 -100.17 131.67
CA CYS A 56 17.47 -100.28 130.25
C CYS A 56 17.60 -101.74 129.84
N SER A 57 17.18 -102.03 128.61
CA SER A 57 17.35 -103.34 128.02
C SER A 57 18.67 -103.39 127.26
N VAL A 58 19.04 -104.58 126.79
CA VAL A 58 20.24 -104.73 125.99
C VAL A 58 20.13 -103.85 124.76
N ALA A 59 18.95 -103.85 124.16
CA ALA A 59 18.71 -103.04 122.96
C ALA A 59 18.80 -101.56 123.26
N GLY A 60 18.32 -101.14 124.43
CA GLY A 60 18.36 -99.73 124.80
C GLY A 60 19.80 -99.31 125.00
N TRP A 61 20.58 -100.20 125.59
CA TRP A 61 22.00 -99.95 125.79
C TRP A 61 22.74 -99.88 124.46
N LEU A 62 22.58 -100.91 123.64
CA LEU A 62 23.41 -101.04 122.46
C LEU A 62 23.05 -100.02 121.40
N LEU A 63 21.77 -99.63 121.38
CA LEU A 63 21.32 -98.65 120.40
C LEU A 63 21.53 -97.24 120.93
N GLY A 64 21.60 -97.13 122.25
CA GLY A 64 21.81 -95.84 122.89
C GLY A 64 20.55 -95.03 123.11
N ASN A 65 19.54 -95.68 123.69
CA ASN A 65 18.35 -95.00 124.20
C ASN A 65 18.78 -93.82 125.07
N PRO A 66 18.23 -92.63 124.80
CA PRO A 66 18.69 -91.43 125.51
C PRO A 66 18.50 -91.58 127.02
N MET A 67 17.57 -92.45 127.43
CA MET A 67 17.30 -92.65 128.86
C MET A 67 18.29 -93.65 129.40
N CYS A 68 19.26 -94.02 128.57
CA CYS A 68 20.23 -95.03 128.96
C CYS A 68 21.66 -94.50 128.93
N ASP A 69 21.82 -93.18 129.04
CA ASP A 69 23.13 -92.54 128.94
C ASP A 69 24.13 -93.09 129.97
N GLU A 70 23.63 -93.64 131.07
CA GLU A 70 24.50 -94.21 132.10
C GLU A 70 25.44 -95.25 131.50
N PHE A 71 25.07 -95.79 130.34
CA PHE A 71 25.83 -96.89 129.75
C PHE A 71 26.51 -96.50 128.43
N ILE A 72 26.64 -95.19 128.18
CA ILE A 72 27.30 -94.69 126.98
C ILE A 72 28.71 -95.29 126.84
N ASN A 73 29.45 -95.34 127.94
CA ASN A 73 30.72 -96.06 127.96
C ASN A 73 30.72 -96.98 129.15
N VAL A 74 31.17 -98.20 128.93
CA VAL A 74 30.96 -99.25 129.89
C VAL A 74 32.21 -100.06 129.97
N PRO A 75 32.77 -100.17 131.19
CA PRO A 75 34.02 -100.89 131.38
C PRO A 75 33.81 -102.39 131.23
N GLU A 76 34.90 -103.14 131.16
CA GLU A 76 34.84 -104.60 131.21
C GLU A 76 33.90 -105.05 132.33
N TRP A 77 33.05 -106.03 132.02
CA TRP A 77 32.16 -106.58 133.03
C TRP A 77 32.45 -108.06 133.22
N SER A 78 31.85 -108.65 134.25
CA SER A 78 31.97 -110.08 134.50
C SER A 78 30.71 -110.81 134.05
N TYR A 79 29.56 -110.22 134.37
CA TYR A 79 28.28 -110.71 133.89
C TYR A 79 27.33 -109.53 133.72
N ILE A 80 26.23 -109.74 133.01
CA ILE A 80 25.26 -108.68 132.76
C ILE A 80 23.96 -108.95 133.48
N VAL A 81 23.41 -107.94 134.13
CA VAL A 81 22.12 -108.08 134.82
C VAL A 81 21.05 -107.25 134.12
N GLU A 82 19.96 -107.90 133.74
CA GLU A 82 18.87 -107.21 133.09
C GLU A 82 17.58 -107.50 133.84
N LYS A 83 16.72 -106.50 133.94
CA LYS A 83 15.44 -106.70 134.61
C LYS A 83 14.51 -107.52 133.72
N ALA A 84 13.48 -108.11 134.32
CA ALA A 84 12.52 -108.92 133.59
C ALA A 84 11.77 -108.10 132.56
N ASN A 85 11.48 -106.85 132.92
CA ASN A 85 10.77 -105.93 132.04
C ASN A 85 11.34 -104.51 132.09
N PRO A 86 12.53 -104.32 131.47
CA PRO A 86 13.19 -103.02 131.43
C PRO A 86 12.27 -102.00 130.77
N THR A 87 12.15 -100.81 131.35
CA THR A 87 11.23 -99.82 130.82
C THR A 87 11.85 -99.03 129.67
N ASN A 88 13.17 -99.09 129.55
CA ASN A 88 13.83 -98.34 128.50
C ASN A 88 14.45 -99.24 127.45
N ASP A 89 13.77 -99.32 126.32
CA ASP A 89 14.06 -100.31 125.31
C ASP A 89 14.04 -99.61 123.97
N LEU A 90 13.03 -99.89 123.16
CA LEU A 90 12.90 -99.22 121.88
C LEU A 90 11.97 -98.04 122.02
N CYS A 91 12.52 -96.89 122.42
CA CYS A 91 11.71 -95.70 122.62
C CYS A 91 10.92 -95.38 121.34
N TYR A 92 11.59 -95.40 120.21
CA TYR A 92 10.85 -95.36 118.96
C TYR A 92 10.40 -96.77 118.68
N PRO A 93 9.08 -96.98 118.52
CA PRO A 93 8.53 -98.32 118.32
C PRO A 93 9.06 -99.01 117.06
N GLY A 94 9.23 -100.32 117.14
CA GLY A 94 9.74 -101.09 116.03
C GLY A 94 10.25 -102.43 116.49
N SER A 95 11.29 -102.90 115.82
CA SER A 95 11.81 -104.22 116.14
C SER A 95 13.30 -104.29 115.94
N PHE A 96 13.88 -105.38 116.43
CA PHE A 96 15.33 -105.60 116.46
C PHE A 96 15.60 -107.01 115.96
N ASN A 97 16.08 -107.11 114.73
CA ASN A 97 16.41 -108.41 114.13
C ASN A 97 17.40 -109.26 114.89
N ASP A 98 17.10 -110.55 115.01
CA ASP A 98 17.98 -111.52 115.63
C ASP A 98 18.50 -111.07 117.00
N TYR A 99 17.57 -110.52 117.78
CA TYR A 99 17.85 -109.98 119.10
C TYR A 99 18.33 -111.04 120.09
N GLU A 100 17.64 -112.16 120.15
CA GLU A 100 18.04 -113.22 121.09
C GLU A 100 19.36 -113.85 120.68
N GLU A 101 19.65 -113.85 119.40
CA GLU A 101 20.93 -114.35 118.92
C GLU A 101 22.05 -113.37 119.30
N LEU A 102 21.72 -112.09 119.38
CA LEU A 102 22.69 -111.10 119.80
C LEU A 102 22.90 -111.22 121.31
N LYS A 103 21.80 -111.31 122.03
CA LYS A 103 21.87 -111.52 123.47
C LYS A 103 22.74 -112.71 123.83
N TYR A 104 22.66 -113.78 123.04
CA TYR A 104 23.48 -114.95 123.29
C TYR A 104 24.96 -114.63 123.07
N LEU A 105 25.29 -113.93 121.99
CA LEU A 105 26.66 -113.48 121.73
C LEU A 105 27.21 -112.71 122.92
N LEU A 106 26.36 -111.87 123.51
CA LEU A 106 26.76 -111.04 124.63
C LEU A 106 27.24 -111.86 125.82
N SER A 107 26.61 -113.01 126.04
CA SER A 107 27.01 -113.90 127.12
C SER A 107 28.37 -114.53 126.84
N ARG A 108 28.91 -114.24 125.66
CA ARG A 108 30.22 -114.74 125.27
C ARG A 108 31.24 -113.61 125.25
N ILE A 109 30.84 -112.43 125.71
CA ILE A 109 31.69 -111.24 125.65
C ILE A 109 31.82 -110.57 127.03
N ASN A 110 32.96 -109.94 127.28
CA ASN A 110 33.22 -109.28 128.58
C ASN A 110 33.45 -107.77 128.49
N HIS A 111 33.71 -107.26 127.28
CA HIS A 111 34.01 -105.85 127.10
C HIS A 111 33.83 -105.35 125.67
N PHE A 112 33.10 -104.25 125.52
CA PHE A 112 32.95 -103.55 124.25
C PHE A 112 33.74 -102.27 124.35
N GLU A 113 34.23 -101.76 123.23
CA GLU A 113 34.82 -100.42 123.20
C GLU A 113 34.17 -99.57 122.13
N LYS A 114 33.29 -98.66 122.55
CA LYS A 114 32.54 -97.83 121.62
C LYS A 114 33.50 -96.99 120.80
N ILE A 115 33.34 -97.02 119.49
CA ILE A 115 34.12 -96.14 118.61
C ILE A 115 33.27 -95.53 117.51
N GLN A 116 33.61 -94.31 117.14
CA GLN A 116 32.91 -93.59 116.08
C GLN A 116 33.38 -94.03 114.71
N ILE A 117 32.54 -94.78 113.99
CA ILE A 117 32.93 -95.28 112.67
C ILE A 117 32.43 -94.41 111.51
N ILE A 118 31.41 -93.61 111.75
CA ILE A 118 30.96 -92.63 110.78
C ILE A 118 30.46 -91.41 111.53
N PRO A 119 31.28 -90.35 111.59
CA PRO A 119 30.89 -89.16 112.39
C PRO A 119 29.67 -88.48 111.80
N LYS A 120 28.78 -88.00 112.67
CA LYS A 120 27.56 -87.31 112.27
C LYS A 120 27.86 -86.09 111.38
N SER A 121 29.06 -85.55 111.52
CA SER A 121 29.44 -84.37 110.77
C SER A 121 29.80 -84.65 109.30
N SER A 122 29.97 -85.93 108.97
CA SER A 122 30.45 -86.30 107.64
C SER A 122 29.34 -86.28 106.58
N TRP A 123 28.10 -86.09 107.02
CA TRP A 123 26.97 -86.09 106.11
C TRP A 123 26.78 -84.69 105.52
N SER A 124 27.32 -84.47 104.33
CA SER A 124 27.31 -83.15 103.71
C SER A 124 26.03 -82.85 102.94
N ASP A 125 25.38 -83.90 102.43
CA ASP A 125 24.25 -83.69 101.53
C ASP A 125 22.95 -84.22 102.08
N HIS A 126 22.93 -84.49 103.38
CA HIS A 126 21.72 -84.90 104.08
C HIS A 126 21.67 -84.21 105.45
N GLU A 127 20.47 -84.04 106.00
CA GLU A 127 20.34 -83.54 107.36
C GLU A 127 20.60 -84.65 108.37
N ALA A 128 21.36 -84.34 109.42
CA ALA A 128 21.75 -85.34 110.40
C ALA A 128 21.43 -84.93 111.84
N SER A 129 21.01 -83.68 112.05
CA SER A 129 20.73 -83.24 113.41
C SER A 129 19.26 -82.93 113.65
N SER A 130 18.41 -83.36 112.72
CA SER A 130 16.96 -83.21 112.85
C SER A 130 16.24 -84.54 113.03
N GLY A 131 17.01 -85.63 113.17
CA GLY A 131 16.42 -86.95 113.30
C GLY A 131 16.05 -87.26 114.73
N VAL A 132 15.02 -86.59 115.22
CA VAL A 132 14.60 -86.72 116.61
C VAL A 132 13.12 -87.01 116.69
N SER A 133 12.65 -87.47 117.85
CA SER A 133 11.24 -87.76 118.05
C SER A 133 10.80 -87.60 119.50
N SER A 134 9.54 -87.20 119.68
CA SER A 134 8.94 -87.16 121.02
C SER A 134 8.91 -88.51 121.70
N ALA A 135 9.04 -89.57 120.92
CA ALA A 135 9.01 -90.93 121.48
C ALA A 135 10.28 -91.19 122.28
N CYS A 136 11.35 -90.50 121.90
CA CYS A 136 12.65 -90.67 122.53
C CYS A 136 13.08 -89.33 123.13
N PRO A 137 12.52 -88.97 124.29
CA PRO A 137 12.84 -87.68 124.86
C PRO A 137 14.11 -87.71 125.72
N TYR A 138 14.88 -86.63 125.68
CA TYR A 138 15.99 -86.44 126.59
C TYR A 138 15.77 -85.11 127.33
N LEU A 139 15.76 -85.17 128.66
CA LEU A 139 15.41 -84.01 129.49
C LEU A 139 14.24 -83.18 128.92
N GLY A 140 13.18 -83.85 128.49
CA GLY A 140 11.99 -83.16 127.98
C GLY A 140 11.96 -82.76 126.51
N SER A 141 13.10 -82.86 125.83
CA SER A 141 13.18 -82.47 124.43
C SER A 141 13.22 -83.70 123.55
N PRO A 142 12.67 -83.61 122.32
CA PRO A 142 12.73 -84.70 121.34
C PRO A 142 14.17 -85.11 121.07
N SER A 143 14.46 -86.40 121.14
CA SER A 143 15.81 -86.90 120.89
C SER A 143 15.74 -88.18 120.03
N PHE A 144 16.77 -89.03 120.13
CA PHE A 144 16.81 -90.29 119.41
C PHE A 144 17.88 -91.18 119.99
N PHE A 145 17.98 -92.41 119.48
CA PHE A 145 19.05 -93.35 119.85
C PHE A 145 20.40 -92.73 119.53
N ARG A 146 21.35 -92.81 120.45
CA ARG A 146 22.61 -92.07 120.28
C ARG A 146 23.58 -92.67 119.25
N ASN A 147 23.62 -94.00 119.16
CA ASN A 147 24.63 -94.68 118.33
C ASN A 147 24.33 -94.71 116.83
N VAL A 148 23.09 -94.40 116.46
CA VAL A 148 22.70 -94.34 115.06
C VAL A 148 22.09 -92.97 114.79
N VAL A 149 22.18 -92.51 113.56
CA VAL A 149 21.64 -91.23 113.18
C VAL A 149 20.54 -91.36 112.12
N TRP A 150 19.40 -90.74 112.38
CA TRP A 150 18.25 -90.80 111.49
C TRP A 150 18.33 -89.68 110.46
N LEU A 151 18.89 -89.96 109.29
CA LEU A 151 19.11 -88.94 108.28
C LEU A 151 17.81 -88.60 107.57
N ILE A 152 17.61 -87.32 107.26
CA ILE A 152 16.50 -86.91 106.42
C ILE A 152 17.02 -86.04 105.28
N LYS A 153 16.12 -85.61 104.39
CA LYS A 153 16.52 -84.85 103.21
C LYS A 153 17.13 -83.48 103.55
N LYS A 154 17.68 -82.83 102.53
CA LYS A 154 18.32 -81.53 102.67
C LYS A 154 18.11 -80.72 101.40
N ASN A 155 17.49 -79.55 101.56
CA ASN A 155 17.11 -78.72 100.43
C ASN A 155 16.26 -79.50 99.43
N SER A 156 15.20 -80.13 99.94
CA SER A 156 14.26 -80.90 99.13
C SER A 156 14.93 -81.95 98.26
N ALA A 157 15.95 -82.60 98.79
CA ALA A 157 16.70 -83.58 98.02
C ALA A 157 17.38 -84.63 98.89
N TYR A 158 17.31 -85.89 98.45
CA TYR A 158 17.99 -86.99 99.13
C TYR A 158 18.80 -87.77 98.11
N PRO A 159 20.03 -87.32 97.82
CA PRO A 159 20.92 -88.01 96.90
C PRO A 159 21.14 -89.41 97.43
N THR A 160 21.31 -90.39 96.55
CA THR A 160 21.54 -91.74 97.03
C THR A 160 22.88 -91.83 97.73
N ILE A 161 22.89 -92.50 98.88
CA ILE A 161 24.07 -92.56 99.72
C ILE A 161 24.96 -93.72 99.31
N LYS A 162 26.26 -93.48 99.25
CA LYS A 162 27.23 -94.56 99.13
C LYS A 162 28.27 -94.40 100.20
N LYS A 163 28.10 -95.12 101.30
CA LYS A 163 28.99 -95.00 102.42
C LYS A 163 29.63 -96.34 102.69
N SER A 164 30.90 -96.32 103.06
CA SER A 164 31.65 -97.54 103.26
C SER A 164 32.58 -97.40 104.47
N TYR A 165 32.67 -98.44 105.29
CA TYR A 165 33.60 -98.39 106.41
C TYR A 165 34.39 -99.70 106.46
N ASN A 166 35.72 -99.58 106.60
CA ASN A 166 36.60 -100.74 106.64
C ASN A 166 37.07 -100.97 108.07
N ASN A 167 36.83 -102.16 108.60
CA ASN A 167 37.28 -102.50 109.95
C ASN A 167 38.79 -102.70 110.00
N THR A 168 39.50 -101.62 110.35
CA THR A 168 40.96 -101.63 110.36
C THR A 168 41.51 -101.96 111.75
N ASN A 169 40.63 -102.47 112.61
CA ASN A 169 41.03 -102.90 113.95
C ASN A 169 41.34 -104.38 113.95
N GLN A 170 41.90 -104.88 115.04
CA GLN A 170 42.20 -106.31 115.11
C GLN A 170 41.11 -107.06 115.83
N GLU A 171 40.06 -106.33 116.20
CA GLU A 171 38.95 -106.92 116.90
C GLU A 171 37.73 -106.91 116.01
N ASP A 172 36.84 -107.88 116.22
CA ASP A 172 35.52 -107.89 115.58
C ASP A 172 34.75 -106.62 115.92
N LEU A 173 33.97 -106.15 114.95
CA LEU A 173 33.10 -104.99 115.16
C LEU A 173 31.62 -105.35 115.17
N LEU A 174 30.91 -104.98 116.24
CA LEU A 174 29.46 -105.06 116.25
C LEU A 174 28.90 -103.77 115.65
N VAL A 175 28.23 -103.88 114.51
CA VAL A 175 27.73 -102.70 113.80
C VAL A 175 26.21 -102.73 113.68
N LEU A 176 25.55 -101.69 114.18
CA LEU A 176 24.10 -101.59 114.17
C LEU A 176 23.64 -100.49 113.22
N TRP A 177 22.51 -100.72 112.56
CA TRP A 177 21.88 -99.71 111.72
C TRP A 177 20.40 -100.05 111.67
N GLY A 178 19.60 -99.20 111.02
CA GLY A 178 18.18 -99.45 110.95
C GLY A 178 17.51 -98.91 109.71
N ILE A 179 16.24 -99.26 109.56
CA ILE A 179 15.40 -98.68 108.52
C ILE A 179 14.16 -98.08 109.18
N HIS A 180 13.63 -97.02 108.60
CA HIS A 180 12.44 -96.39 109.14
C HIS A 180 11.23 -96.71 108.26
N HIS A 181 10.18 -97.25 108.88
CA HIS A 181 8.93 -97.50 108.18
C HIS A 181 7.92 -96.41 108.49
N PRO A 182 7.64 -95.55 107.51
CA PRO A 182 6.66 -94.46 107.66
C PRO A 182 5.23 -94.96 107.76
N ASN A 183 4.28 -94.04 107.91
CA ASN A 183 2.87 -94.40 108.04
C ASN A 183 2.07 -94.12 106.77
N ASP A 184 2.55 -93.22 105.92
CA ASP A 184 1.87 -92.91 104.67
C ASP A 184 2.85 -92.33 103.65
N ALA A 185 2.40 -92.22 102.40
CA ALA A 185 3.26 -91.76 101.31
C ALA A 185 3.65 -90.29 101.48
N ALA A 186 2.84 -89.54 102.21
CA ALA A 186 3.13 -88.13 102.44
C ALA A 186 4.36 -88.00 103.33
N GLU A 187 4.38 -88.78 104.41
CA GLU A 187 5.48 -88.79 105.36
C GLU A 187 6.79 -89.23 104.69
N GLN A 188 6.67 -90.18 103.76
CA GLN A 188 7.82 -90.67 103.01
C GLN A 188 8.52 -89.56 102.25
N THR A 189 7.76 -88.80 101.48
CA THR A 189 8.31 -87.69 100.71
C THR A 189 8.69 -86.53 101.62
N ARG A 190 7.96 -86.35 102.70
CA ARG A 190 8.24 -85.24 103.62
C ARG A 190 9.62 -85.43 104.24
N LEU A 191 9.98 -86.67 104.49
CA LEU A 191 11.27 -86.99 105.10
C LEU A 191 12.37 -87.21 104.06
N TYR A 192 12.01 -87.79 102.91
CA TYR A 192 13.03 -88.31 102.00
C TYR A 192 12.88 -87.94 100.51
N GLN A 193 11.90 -87.10 100.17
CA GLN A 193 11.58 -86.77 98.78
C GLN A 193 11.25 -87.99 97.90
N ASN A 194 12.18 -88.92 97.79
CA ASN A 194 12.01 -90.10 96.98
C ASN A 194 10.89 -91.00 97.48
N PRO A 195 9.94 -91.33 96.61
CA PRO A 195 8.77 -92.16 96.96
C PRO A 195 9.11 -93.64 97.09
N THR A 196 10.05 -94.12 96.29
CA THR A 196 10.40 -95.53 96.27
C THR A 196 11.87 -95.74 96.59
N THR A 197 12.14 -96.27 97.77
CA THR A 197 13.51 -96.28 98.30
C THR A 197 13.95 -97.65 98.74
N TYR A 198 15.22 -97.75 99.13
CA TYR A 198 15.82 -99.01 99.53
C TYR A 198 17.08 -98.78 100.34
N ILE A 199 17.56 -99.82 101.01
CA ILE A 199 18.86 -99.78 101.69
C ILE A 199 19.57 -101.10 101.44
N SER A 200 20.65 -101.06 100.69
CA SER A 200 21.46 -102.24 100.50
C SER A 200 22.67 -102.23 101.43
N ILE A 201 23.05 -103.40 101.92
CA ILE A 201 24.17 -103.54 102.85
C ILE A 201 24.97 -104.77 102.47
N GLY A 202 26.28 -104.60 102.31
CA GLY A 202 27.13 -105.72 101.94
C GLY A 202 28.42 -105.81 102.74
N THR A 203 28.84 -107.04 103.01
CA THR A 203 30.18 -107.33 103.52
C THR A 203 30.77 -108.50 102.72
N SER A 204 31.66 -109.26 103.33
CA SER A 204 32.12 -110.51 102.74
C SER A 204 30.96 -111.48 102.70
N THR A 205 30.10 -111.33 103.69
CA THR A 205 29.21 -112.38 104.12
C THR A 205 27.77 -111.93 104.01
N LEU A 206 27.55 -110.64 104.26
CA LEU A 206 26.20 -110.10 104.30
C LEU A 206 25.86 -109.52 102.93
N ASN A 207 24.62 -109.70 102.50
CA ASN A 207 24.18 -109.20 101.20
C ASN A 207 22.68 -108.89 101.26
N GLN A 208 22.28 -107.86 102.02
CA GLN A 208 20.85 -107.60 102.14
C GLN A 208 20.32 -106.34 101.47
N ARG A 209 19.05 -106.44 101.07
CA ARG A 209 18.33 -105.32 100.49
C ARG A 209 17.06 -105.11 101.30
N LEU A 210 16.91 -103.91 101.84
CA LEU A 210 15.76 -103.59 102.67
C LEU A 210 14.94 -102.55 101.93
N VAL A 211 13.61 -102.73 101.91
CA VAL A 211 12.74 -101.66 101.44
C VAL A 211 11.73 -101.31 102.54
N PRO A 212 11.54 -100.02 102.78
CA PRO A 212 10.61 -99.62 103.86
C PRO A 212 9.19 -100.05 103.53
N LYS A 213 8.41 -100.33 104.57
CA LYS A 213 7.00 -100.68 104.44
C LYS A 213 6.11 -99.52 104.88
N ILE A 214 5.63 -98.74 103.93
CA ILE A 214 4.76 -97.62 104.22
C ILE A 214 3.32 -98.11 104.41
N ALA A 215 2.83 -98.10 105.65
CA ALA A 215 1.55 -98.72 105.97
C ALA A 215 0.94 -98.25 107.29
N THR A 216 -0.37 -98.44 107.43
CA THR A 216 -1.12 -98.00 108.59
C THR A 216 -1.02 -98.97 109.77
N ARG A 217 -0.60 -98.47 110.92
CA ARG A 217 -0.39 -99.32 112.11
C ARG A 217 -0.94 -98.63 113.33
N SER A 218 -1.10 -99.40 114.40
CA SER A 218 -1.63 -98.85 115.62
C SER A 218 -0.55 -98.10 116.40
N LYS A 219 -0.93 -96.97 116.98
CA LYS A 219 -0.01 -96.12 117.71
C LYS A 219 0.64 -96.83 118.89
N VAL A 220 1.97 -96.70 118.97
CA VAL A 220 2.71 -97.19 120.13
C VAL A 220 3.66 -96.08 120.52
N ASN A 221 3.68 -95.74 121.81
CA ASN A 221 4.39 -94.57 122.28
C ASN A 221 4.05 -93.33 121.47
N GLY A 222 2.83 -93.29 120.94
CA GLY A 222 2.33 -92.11 120.25
C GLY A 222 2.44 -92.17 118.74
N LEU A 223 3.21 -93.12 118.22
CA LEU A 223 3.51 -93.18 116.79
C LEU A 223 2.93 -94.38 116.07
N SER A 224 2.67 -94.24 114.78
CA SER A 224 2.27 -95.35 113.94
C SER A 224 3.45 -95.83 113.10
N SER A 225 4.49 -95.01 113.04
CA SER A 225 5.71 -95.35 112.31
C SER A 225 6.52 -96.38 113.08
N ARG A 226 7.49 -96.99 112.42
CA ARG A 226 8.33 -97.97 113.08
C ARG A 226 9.79 -97.77 112.70
N MET A 227 10.69 -98.13 113.61
CA MET A 227 12.12 -98.22 113.33
C MET A 227 12.53 -99.67 113.49
N GLU A 228 13.19 -100.23 112.48
CA GLU A 228 13.61 -101.63 112.54
C GLU A 228 15.13 -101.72 112.44
N PHE A 229 15.76 -102.39 113.40
CA PHE A 229 17.21 -102.38 113.50
C PHE A 229 17.88 -103.71 113.16
N PHE A 230 19.04 -103.59 112.53
CA PHE A 230 19.82 -104.74 112.12
C PHE A 230 21.23 -104.66 112.66
N TRP A 231 21.92 -105.79 112.66
CA TRP A 231 23.31 -105.83 113.09
C TRP A 231 24.11 -106.89 112.36
N THR A 232 25.42 -106.78 112.47
CA THR A 232 26.33 -107.79 111.96
C THR A 232 27.66 -107.68 112.69
N ILE A 233 28.41 -108.78 112.67
CA ILE A 233 29.80 -108.75 113.14
C ILE A 233 30.73 -108.50 111.96
N LEU A 234 31.43 -107.38 111.99
CA LEU A 234 32.41 -107.07 110.94
C LEU A 234 33.75 -107.63 111.37
N LYS A 235 34.28 -108.56 110.58
CA LYS A 235 35.57 -109.16 110.91
C LYS A 235 36.70 -108.23 110.47
N PRO A 236 37.81 -108.24 111.22
CA PRO A 236 39.00 -107.44 110.89
C PRO A 236 39.35 -107.50 109.41
N ASN A 237 39.54 -106.32 108.81
CA ASN A 237 39.87 -106.14 107.41
C ASN A 237 38.73 -106.33 106.40
N ASP A 238 37.58 -106.74 106.89
CA ASP A 238 36.39 -106.74 106.05
C ASP A 238 35.78 -105.33 106.09
N ALA A 239 34.99 -105.00 105.07
CA ALA A 239 34.32 -103.70 105.03
C ALA A 239 32.81 -103.85 104.87
N ILE A 240 32.07 -102.85 105.33
CA ILE A 240 30.62 -102.84 105.19
C ILE A 240 30.20 -101.70 104.25
N ASN A 241 29.29 -102.00 103.33
CA ASN A 241 28.88 -101.04 102.31
C ASN A 241 27.40 -100.74 102.35
N PHE A 242 27.08 -99.45 102.51
CA PHE A 242 25.72 -99.02 102.58
C PHE A 242 25.39 -98.23 101.34
N GLU A 243 24.26 -98.54 100.71
CA GLU A 243 23.72 -97.71 99.66
C GLU A 243 22.22 -97.53 99.92
N SER A 244 21.75 -96.28 99.84
CA SER A 244 20.36 -96.00 100.16
C SER A 244 19.91 -94.66 99.58
N ASN A 245 18.64 -94.58 99.21
CA ASN A 245 18.10 -93.31 98.76
C ASN A 245 16.96 -92.87 99.66
N GLY A 246 16.95 -93.36 100.90
CA GLY A 246 15.95 -92.96 101.88
C GLY A 246 15.74 -93.97 102.99
N ASN A 247 15.11 -93.53 104.07
CA ASN A 247 14.76 -94.37 105.22
C ASN A 247 15.92 -95.01 105.97
N PHE A 248 17.14 -94.62 105.60
CA PHE A 248 18.35 -95.19 106.18
C PHE A 248 18.63 -94.59 107.56
N ILE A 249 18.78 -95.45 108.55
CA ILE A 249 19.22 -95.01 109.87
C ILE A 249 20.68 -95.44 109.97
N ALA A 250 21.57 -94.52 109.64
CA ALA A 250 22.99 -94.83 109.50
C ALA A 250 23.70 -95.07 110.84
N PRO A 251 24.72 -95.94 110.84
CA PRO A 251 25.53 -96.12 112.05
C PRO A 251 26.34 -94.87 112.33
N GLU A 252 26.68 -94.63 113.59
CA GLU A 252 27.69 -93.63 113.93
C GLU A 252 28.73 -94.25 114.88
N TYR A 253 28.25 -94.85 115.96
CA TYR A 253 29.14 -95.55 116.87
C TYR A 253 28.92 -97.06 116.75
N ALA A 254 29.99 -97.83 116.90
CA ALA A 254 29.93 -99.29 116.86
C ALA A 254 30.77 -99.81 118.01
N TYR A 255 30.86 -101.13 118.16
CA TYR A 255 31.52 -101.69 119.34
C TYR A 255 32.62 -102.65 118.98
N LYS A 256 33.86 -102.30 119.32
CA LYS A 256 34.96 -103.24 119.17
C LYS A 256 34.82 -104.29 120.25
N ILE A 257 34.83 -105.56 119.86
CA ILE A 257 34.81 -106.65 120.82
C ILE A 257 36.24 -106.92 121.28
N VAL A 258 36.61 -106.33 122.42
CA VAL A 258 37.98 -106.39 122.88
C VAL A 258 38.23 -107.56 123.80
N LYS A 259 37.18 -108.12 124.39
CA LYS A 259 37.35 -109.23 125.30
C LYS A 259 36.25 -110.27 125.24
N LYS A 260 36.49 -111.33 124.46
CA LYS A 260 35.65 -112.52 124.48
C LYS A 260 35.95 -113.24 125.78
N GLY A 261 35.02 -114.07 126.25
CA GLY A 261 35.20 -114.77 127.50
C GLY A 261 33.91 -115.40 127.98
N ASP A 262 33.96 -116.06 129.13
CA ASP A 262 32.74 -116.62 129.70
C ASP A 262 31.96 -115.53 130.42
N SER A 263 30.67 -115.46 130.14
CA SER A 263 29.83 -114.44 130.75
C SER A 263 28.39 -114.93 130.84
N ALA A 264 27.46 -114.02 131.07
CA ALA A 264 26.06 -114.39 131.25
C ALA A 264 25.16 -113.16 131.19
N ILE A 265 23.89 -113.40 130.97
CA ILE A 265 22.91 -112.34 131.10
C ILE A 265 21.90 -112.77 132.16
N MET A 266 22.05 -112.22 133.35
CA MET A 266 21.17 -112.57 134.45
C MET A 266 19.88 -111.76 134.43
N LYS A 267 18.77 -112.44 134.66
CA LYS A 267 17.51 -111.75 134.82
C LYS A 267 17.27 -111.62 136.32
N SER A 268 17.32 -110.38 136.81
CA SER A 268 17.21 -110.10 138.23
C SER A 268 16.76 -108.68 138.48
N GLU A 269 15.84 -108.49 139.42
CA GLU A 269 15.39 -107.16 139.76
C GLU A 269 16.37 -106.51 140.71
N LEU A 270 17.26 -107.31 141.27
CA LEU A 270 18.24 -106.82 142.23
C LEU A 270 19.17 -105.82 141.57
N GLU A 271 19.88 -105.06 142.38
CA GLU A 271 20.83 -104.09 141.85
C GLU A 271 22.17 -104.29 142.54
N TYR A 272 23.11 -103.40 142.26
CA TYR A 272 24.48 -103.55 142.73
C TYR A 272 24.57 -103.50 144.25
N GLY A 273 24.94 -104.63 144.85
CA GLY A 273 25.41 -104.63 146.22
C GLY A 273 26.83 -104.11 146.17
N ASN A 274 27.52 -104.03 147.29
CA ASN A 274 28.90 -103.60 147.21
C ASN A 274 29.84 -104.67 147.76
N CYS A 275 30.02 -105.73 146.98
CA CYS A 275 30.68 -106.92 147.49
C CYS A 275 31.43 -107.69 146.41
N ASN A 276 32.09 -108.76 146.83
CA ASN A 276 32.84 -109.62 145.93
C ASN A 276 32.48 -111.07 146.22
N THR A 277 32.58 -111.93 145.20
CA THR A 277 32.19 -113.33 145.37
C THR A 277 32.84 -114.24 144.33
N LYS A 278 32.72 -115.54 144.56
CA LYS A 278 33.21 -116.56 143.62
C LYS A 278 32.03 -117.21 142.90
N CYS A 279 30.84 -117.02 143.46
CA CYS A 279 29.64 -117.64 142.92
C CYS A 279 28.43 -116.71 143.07
N GLN A 280 27.80 -116.40 141.94
CA GLN A 280 26.70 -115.45 141.91
C GLN A 280 25.45 -116.08 141.32
N THR A 281 24.32 -115.98 142.02
CA THR A 281 23.03 -116.40 141.48
C THR A 281 22.16 -115.16 141.29
N PRO A 282 21.04 -115.27 140.56
CA PRO A 282 20.24 -114.07 140.31
C PRO A 282 19.52 -113.53 141.54
N MET A 283 19.45 -114.33 142.60
CA MET A 283 18.80 -113.86 143.82
C MET A 283 19.79 -113.55 144.95
N GLY A 284 21.09 -113.73 144.68
CA GLY A 284 22.12 -113.44 145.66
C GLY A 284 23.38 -114.27 145.44
N ALA A 285 24.50 -113.81 146.00
CA ALA A 285 25.77 -114.49 145.83
C ALA A 285 25.94 -115.63 146.84
N ILE A 286 26.87 -116.54 146.54
CA ILE A 286 27.13 -117.69 147.42
C ILE A 286 28.58 -117.77 147.87
N ASN A 287 28.79 -118.05 149.15
CA ASN A 287 30.13 -118.26 149.72
C ASN A 287 30.12 -119.53 150.55
N SER A 288 30.56 -120.64 149.97
CA SER A 288 30.39 -121.93 150.62
C SER A 288 31.44 -122.98 150.25
N SER A 289 31.60 -123.95 151.15
CA SER A 289 32.47 -125.10 150.92
C SER A 289 31.62 -126.33 150.59
N MET A 290 30.31 -126.16 150.67
CA MET A 290 29.35 -127.21 150.34
C MET A 290 29.52 -127.64 148.88
N PRO A 291 29.31 -128.93 148.61
CA PRO A 291 29.38 -129.43 147.23
C PRO A 291 28.10 -129.19 146.44
N PHE A 292 26.99 -128.93 147.14
CA PHE A 292 25.69 -128.70 146.49
C PHE A 292 25.05 -127.40 146.94
N HIS A 293 23.98 -127.00 146.24
CA HIS A 293 23.12 -125.89 146.68
C HIS A 293 21.74 -125.97 146.04
N ASN A 294 20.81 -125.15 146.51
CA ASN A 294 19.43 -125.21 146.06
C ASN A 294 18.82 -123.84 145.82
N ILE A 295 19.69 -122.87 145.51
CA ILE A 295 19.28 -121.48 145.45
C ILE A 295 18.72 -121.06 144.09
N HIS A 296 19.45 -121.38 143.03
CA HIS A 296 19.01 -121.08 141.67
C HIS A 296 19.87 -121.85 140.66
N PRO A 297 19.23 -122.39 139.61
CA PRO A 297 19.97 -123.19 138.62
C PRO A 297 20.88 -122.35 137.74
N LEU A 298 20.41 -121.18 137.32
CA LEU A 298 21.22 -120.30 136.49
C LEU A 298 22.23 -119.56 137.35
N THR A 299 23.51 -119.90 137.18
CA THR A 299 24.56 -119.48 138.09
C THR A 299 25.82 -119.15 137.30
N ILE A 300 26.74 -118.40 137.89
CA ILE A 300 28.01 -118.14 137.23
C ILE A 300 29.16 -118.09 138.24
N GLY A 301 30.29 -118.68 137.86
CA GLY A 301 31.47 -118.73 138.72
C GLY A 301 31.71 -120.14 139.21
N GLU A 302 32.76 -120.32 140.00
CA GLU A 302 33.04 -121.60 140.63
C GLU A 302 32.00 -121.85 141.72
N CYS A 303 30.98 -122.61 141.38
CA CYS A 303 29.80 -122.78 142.23
C CYS A 303 29.58 -124.23 142.65
N PRO A 304 28.82 -124.44 143.73
CA PRO A 304 28.37 -125.80 144.06
C PRO A 304 27.47 -126.35 142.97
N LYS A 305 26.96 -127.56 143.16
CA LYS A 305 26.11 -128.19 142.16
C LYS A 305 24.65 -127.95 142.49
N TYR A 306 23.88 -127.44 141.53
CA TYR A 306 22.48 -127.17 141.81
C TYR A 306 21.65 -128.43 141.90
N VAL A 307 20.68 -128.42 142.82
CA VAL A 307 19.83 -129.56 143.12
C VAL A 307 18.52 -129.02 143.69
N LYS A 308 17.41 -129.63 143.30
CA LYS A 308 16.07 -129.16 143.69
C LYS A 308 15.67 -129.44 145.15
N SER A 309 16.52 -130.16 145.88
CA SER A 309 16.20 -130.60 147.23
C SER A 309 16.12 -129.45 148.21
N ASN A 310 15.53 -129.71 149.38
CA ASN A 310 15.57 -128.73 150.47
C ASN A 310 16.44 -129.22 151.62
N ARG A 311 16.75 -130.52 151.62
CA ARG A 311 17.69 -131.07 152.59
C ARG A 311 18.47 -132.26 152.02
N LEU A 312 19.77 -132.25 152.27
CA LEU A 312 20.65 -133.33 151.83
C LEU A 312 21.72 -133.57 152.89
N VAL A 313 21.49 -134.54 153.77
CA VAL A 313 22.44 -134.79 154.85
C VAL A 313 23.04 -136.19 154.82
N LEU A 314 24.37 -136.23 154.81
CA LEU A 314 25.12 -137.48 154.77
C LEU A 314 25.44 -137.95 156.18
N ALA A 315 25.33 -139.25 156.42
CA ALA A 315 25.63 -139.81 157.74
C ALA A 315 27.08 -140.24 157.81
N THR A 316 27.84 -139.61 158.70
CA THR A 316 29.24 -140.00 158.91
C THR A 316 29.38 -140.90 160.14
N GLY A 317 28.68 -140.56 161.22
CA GLY A 317 28.75 -141.32 162.45
C GLY A 317 27.82 -142.52 162.46
N LEU A 318 27.27 -142.84 163.63
CA LEU A 318 26.41 -144.03 163.76
C LEU A 318 25.15 -143.73 164.57
N ARG A 319 24.31 -144.77 164.72
CA ARG A 319 23.02 -144.64 165.40
C ARG A 319 23.14 -144.18 166.86
N ASN A 320 22.13 -143.45 167.33
CA ASN A 320 22.21 -142.84 168.66
C ASN A 320 20.89 -142.88 169.43
N SER A 321 20.81 -143.72 170.47
CA SER A 321 19.63 -143.78 171.32
C SER A 321 19.65 -142.68 172.38
N GLY B 1 19.22 -152.99 162.65
CA GLY B 1 20.56 -153.52 162.55
C GLY B 1 20.66 -154.72 161.61
N LEU B 2 21.48 -154.59 160.57
CA LEU B 2 21.63 -155.65 159.58
C LEU B 2 22.54 -156.77 160.09
N PHE B 3 23.52 -156.41 160.91
CA PHE B 3 24.39 -157.39 161.52
C PHE B 3 23.97 -157.68 162.96
N GLY B 4 23.09 -156.84 163.49
CA GLY B 4 22.46 -157.08 164.77
C GLY B 4 23.26 -156.68 166.00
N ALA B 5 24.45 -156.15 165.79
CA ALA B 5 25.28 -155.72 166.90
C ALA B 5 24.72 -154.48 167.58
N ILE B 6 24.74 -153.35 166.86
CA ILE B 6 24.22 -152.10 167.37
C ILE B 6 22.71 -152.18 167.57
N ALA B 7 22.26 -151.82 168.77
CA ALA B 7 20.84 -151.83 169.14
C ALA B 7 20.17 -153.20 168.99
N GLY B 8 21.00 -154.25 168.93
CA GLY B 8 20.50 -155.61 168.85
C GLY B 8 20.72 -156.33 170.17
N PHE B 9 21.80 -157.11 170.25
CA PHE B 9 22.15 -157.76 171.51
C PHE B 9 22.88 -156.79 172.45
N ILE B 10 23.33 -155.67 171.90
CA ILE B 10 23.85 -154.58 172.72
C ILE B 10 22.83 -153.45 172.76
N GLU B 11 22.20 -153.28 173.91
CA GLU B 11 21.01 -152.44 174.04
C GLU B 11 21.20 -150.97 173.68
N GLY B 12 22.40 -150.44 173.93
CA GLY B 12 22.64 -149.03 173.70
C GLY B 12 24.09 -148.62 173.59
N GLY B 13 24.34 -147.32 173.67
CA GLY B 13 25.67 -146.76 173.49
C GLY B 13 26.30 -146.26 174.77
N TRP B 14 27.64 -146.22 174.76
CA TRP B 14 28.41 -145.81 175.94
C TRP B 14 28.85 -144.36 175.87
N GLN B 15 28.05 -143.48 176.50
CA GLN B 15 28.32 -142.06 176.56
C GLN B 15 29.72 -141.74 177.04
N GLY B 16 30.21 -142.54 177.99
CA GLY B 16 31.49 -142.30 178.62
C GLY B 16 32.68 -142.47 177.69
N MET B 17 32.47 -143.12 176.55
CA MET B 17 33.56 -143.35 175.61
C MET B 17 33.66 -142.23 174.58
N VAL B 18 34.32 -141.14 174.97
CA VAL B 18 34.47 -139.99 174.08
C VAL B 18 35.77 -140.07 173.28
N ASP B 19 36.25 -141.28 173.05
CA ASP B 19 37.55 -141.48 172.41
C ASP B 19 37.49 -142.07 171.01
N GLY B 20 36.30 -142.48 170.58
CA GLY B 20 36.14 -143.04 169.24
C GLY B 20 34.81 -143.74 169.03
N TRP B 21 34.65 -144.35 167.86
CA TRP B 21 33.40 -145.00 167.49
C TRP B 21 33.26 -146.40 168.09
N TYR B 22 34.37 -147.14 168.15
CA TYR B 22 34.37 -148.48 168.73
C TYR B 22 35.43 -148.60 169.82
N GLY B 23 35.14 -149.39 170.85
CA GLY B 23 36.07 -149.54 171.95
C GLY B 23 35.68 -150.62 172.96
N TYR B 24 36.15 -150.45 174.19
CA TYR B 24 35.91 -151.43 175.25
C TYR B 24 35.51 -150.78 176.58
N HIS B 25 35.15 -151.63 177.53
CA HIS B 25 34.88 -151.23 178.91
C HIS B 25 35.16 -152.40 179.85
N HIS B 26 36.27 -152.33 180.57
CA HIS B 26 36.64 -153.42 181.49
C HIS B 26 36.35 -153.07 182.94
N SER B 27 36.46 -154.07 183.81
CA SER B 27 36.28 -153.89 185.25
C SER B 27 36.95 -155.03 185.99
N ASN B 28 38.26 -154.94 186.16
CA ASN B 28 39.02 -155.99 186.82
C ASN B 28 39.33 -155.67 188.28
N GLU B 29 40.52 -156.08 188.73
CA GLU B 29 40.96 -155.79 190.08
C GLU B 29 41.32 -154.31 190.23
N GLN B 30 42.02 -153.78 189.24
CA GLN B 30 42.59 -152.44 189.30
C GLN B 30 41.65 -151.33 188.84
N GLY B 31 40.35 -151.64 188.74
CA GLY B 31 39.35 -150.65 188.41
C GLY B 31 38.66 -150.84 187.08
N SER B 32 37.80 -149.90 186.71
CA SER B 32 37.09 -149.92 185.43
C SER B 32 37.83 -149.10 184.38
N GLY B 33 37.14 -148.71 183.31
CA GLY B 33 37.73 -147.83 182.32
C GLY B 33 37.23 -147.99 180.90
N TYR B 34 37.66 -147.07 180.04
CA TYR B 34 37.35 -147.10 178.61
C TYR B 34 38.63 -146.98 177.80
N ALA B 35 38.60 -147.56 176.60
CA ALA B 35 39.73 -147.45 175.68
C ALA B 35 39.25 -147.56 174.24
N ALA B 36 39.53 -146.54 173.45
CA ALA B 36 39.11 -146.53 172.05
C ALA B 36 39.97 -147.47 171.21
N ASP B 37 39.31 -148.41 170.53
CA ASP B 37 40.00 -149.29 169.62
C ASP B 37 40.46 -148.49 168.40
N LYS B 38 41.67 -147.94 168.49
CA LYS B 38 42.22 -147.11 167.43
C LYS B 38 42.37 -147.89 166.12
N GLU B 39 42.32 -149.21 166.22
CA GLU B 39 42.40 -150.09 165.06
C GLU B 39 41.19 -149.95 164.15
N SER B 40 40.03 -150.39 164.64
CA SER B 40 38.80 -150.38 163.85
C SER B 40 38.22 -148.97 163.71
N THR B 41 38.60 -148.07 164.60
CA THR B 41 38.20 -146.67 164.50
C THR B 41 38.86 -146.04 163.27
N GLN B 42 40.04 -146.53 162.91
CA GLN B 42 40.77 -146.01 161.74
C GLN B 42 40.25 -146.57 160.42
N LYS B 43 39.97 -147.87 160.37
CA LYS B 43 39.40 -148.47 159.16
C LYS B 43 37.95 -148.03 158.95
N ALA B 44 37.42 -147.27 159.90
CA ALA B 44 36.07 -146.71 159.79
C ALA B 44 36.12 -145.25 159.35
N ILE B 45 37.03 -144.49 159.94
CA ILE B 45 37.23 -143.09 159.54
C ILE B 45 37.75 -143.03 158.11
N ASP B 46 38.56 -144.01 157.73
CA ASP B 46 39.01 -144.15 156.35
C ASP B 46 37.83 -144.44 155.44
N GLY B 47 36.83 -145.14 155.98
CA GLY B 47 35.67 -145.53 155.19
C GLY B 47 34.80 -144.36 154.79
N VAL B 48 34.35 -143.59 155.77
CA VAL B 48 33.40 -142.51 155.51
C VAL B 48 34.06 -141.29 154.86
N THR B 49 35.34 -141.10 155.12
CA THR B 49 36.07 -139.98 154.50
C THR B 49 36.15 -140.21 153.01
N ASN B 50 36.54 -141.42 152.61
CA ASN B 50 36.58 -141.79 151.21
C ASN B 50 35.18 -141.80 150.60
N LYS B 51 34.19 -142.20 151.40
CA LYS B 51 32.80 -142.24 150.94
C LYS B 51 32.27 -140.85 150.63
N VAL B 52 32.45 -139.91 151.56
CA VAL B 52 32.03 -138.53 151.34
C VAL B 52 32.70 -137.95 150.10
N ASN B 53 34.02 -138.08 150.03
CA ASN B 53 34.79 -137.56 148.91
C ASN B 53 34.45 -138.22 147.57
N SER B 54 34.02 -139.48 147.60
CA SER B 54 33.66 -140.18 146.38
C SER B 54 32.30 -139.70 145.89
N ILE B 55 31.37 -139.49 146.82
CA ILE B 55 30.05 -138.96 146.50
C ILE B 55 30.18 -137.57 145.87
N ILE B 56 31.11 -136.78 146.39
CA ILE B 56 31.37 -135.45 145.86
C ILE B 56 32.11 -135.48 144.52
N ASP B 57 33.09 -136.36 144.40
CA ASP B 57 33.88 -136.45 143.17
C ASP B 57 33.10 -137.05 142.02
N LYS B 58 32.13 -137.91 142.33
CA LYS B 58 31.29 -138.51 141.30
C LYS B 58 30.38 -137.49 140.63
N MET B 59 30.27 -136.31 141.23
CA MET B 59 29.32 -135.31 140.76
C MET B 59 29.90 -133.91 140.65
N ASN B 60 31.16 -133.79 140.25
CA ASN B 60 31.73 -132.46 140.08
C ASN B 60 31.46 -131.89 138.68
N THR B 61 31.42 -132.76 137.68
CA THR B 61 30.87 -132.39 136.37
C THR B 61 29.46 -132.95 136.30
N GLN B 62 28.49 -132.06 136.55
CA GLN B 62 27.08 -132.45 136.68
C GLN B 62 26.30 -131.95 135.47
N PHE B 63 25.51 -130.90 135.67
CA PHE B 63 24.85 -130.21 134.57
C PHE B 63 24.67 -128.74 134.88
N GLU B 64 25.27 -127.90 134.05
CA GLU B 64 25.12 -126.45 134.18
C GLU B 64 24.01 -125.98 133.26
N ALA B 65 23.17 -125.09 133.75
CA ALA B 65 22.13 -124.50 132.92
C ALA B 65 22.59 -123.13 132.48
N VAL B 66 22.54 -122.85 131.18
CA VAL B 66 22.84 -121.51 130.70
C VAL B 66 21.57 -120.82 130.23
N GLY B 67 21.62 -119.49 130.25
CA GLY B 67 20.47 -118.69 129.89
C GLY B 67 20.36 -118.48 128.40
N ARG B 68 19.20 -118.85 127.84
CA ARG B 68 18.92 -118.63 126.45
C ARG B 68 17.52 -118.07 126.37
N GLU B 69 17.31 -117.16 125.43
CA GLU B 69 16.00 -116.54 125.30
C GLU B 69 15.42 -116.81 123.91
N PHE B 70 14.10 -116.70 123.81
CA PHE B 70 13.40 -117.01 122.57
C PHE B 70 12.23 -116.05 122.36
N ASN B 71 11.98 -115.66 121.12
CA ASN B 71 10.87 -114.76 120.82
C ASN B 71 9.49 -115.43 120.81
N ASN B 72 8.47 -114.65 120.45
CA ASN B 72 7.08 -115.10 120.51
C ASN B 72 6.76 -116.18 119.47
N LEU B 73 7.63 -116.33 118.46
CA LEU B 73 7.42 -117.34 117.43
C LEU B 73 8.48 -118.44 117.50
N GLU B 74 8.97 -118.67 118.72
CA GLU B 74 9.94 -119.73 118.97
C GLU B 74 9.51 -120.44 120.24
N ARG B 75 8.20 -120.65 120.37
CA ARG B 75 7.65 -121.28 121.55
C ARG B 75 7.97 -122.77 121.64
N ARG B 76 8.17 -123.41 120.49
CA ARG B 76 8.54 -124.82 120.47
C ARG B 76 9.93 -125.06 121.04
N ILE B 77 10.95 -124.42 120.49
CA ILE B 77 12.31 -124.65 120.97
C ILE B 77 12.48 -124.08 122.37
N GLU B 78 11.71 -123.05 122.69
CA GLU B 78 11.73 -122.51 124.05
C GLU B 78 11.27 -123.55 125.05
N ASN B 79 10.23 -124.29 124.69
CA ASN B 79 9.72 -125.34 125.53
C ASN B 79 10.70 -126.51 125.58
N LEU B 80 11.30 -126.80 124.43
CA LEU B 80 12.32 -127.83 124.34
C LEU B 80 13.48 -127.44 125.26
N ASN B 81 13.89 -126.19 125.18
CA ASN B 81 14.98 -125.72 126.01
C ASN B 81 14.61 -125.84 127.48
N LYS B 82 13.42 -125.37 127.83
CA LYS B 82 12.94 -125.42 129.21
C LYS B 82 12.96 -126.84 129.75
N LYS B 83 12.31 -127.76 129.05
CA LYS B 83 12.17 -129.11 129.56
C LYS B 83 13.46 -129.90 129.52
N MET B 84 14.37 -129.52 128.63
CA MET B 84 15.65 -130.22 128.55
C MET B 84 16.58 -129.84 129.70
N GLU B 85 16.48 -128.59 130.16
CA GLU B 85 17.29 -128.15 131.29
C GLU B 85 16.66 -128.56 132.62
N ASP B 86 15.33 -128.49 132.68
CA ASP B 86 14.60 -129.06 133.81
C ASP B 86 14.84 -130.56 133.88
N GLY B 87 15.01 -131.17 132.70
CA GLY B 87 15.22 -132.60 132.62
C GLY B 87 16.46 -133.03 133.36
N PHE B 88 17.61 -132.50 132.93
CA PHE B 88 18.87 -132.86 133.53
C PHE B 88 18.97 -132.48 135.00
N LEU B 89 18.39 -131.35 135.37
CA LEU B 89 18.46 -130.92 136.76
C LEU B 89 17.54 -131.77 137.65
N ASP B 90 16.62 -132.50 137.04
CA ASP B 90 15.78 -133.42 137.78
C ASP B 90 16.52 -134.73 138.03
N VAL B 91 17.16 -135.27 136.98
CA VAL B 91 17.85 -136.54 137.12
C VAL B 91 19.03 -136.44 138.10
N TRP B 92 19.68 -135.29 138.12
CA TRP B 92 20.84 -135.08 138.98
C TRP B 92 20.41 -134.87 140.42
N THR B 93 19.21 -134.32 140.59
CA THR B 93 18.60 -134.20 141.90
C THR B 93 18.23 -135.59 142.40
N TYR B 94 17.73 -136.42 141.48
CA TYR B 94 17.44 -137.82 141.79
C TYR B 94 18.72 -138.54 142.16
N ASN B 95 19.73 -138.40 141.31
CA ASN B 95 21.03 -139.05 141.54
C ASN B 95 21.65 -138.71 142.88
N ALA B 96 21.50 -137.46 143.32
CA ALA B 96 22.09 -137.02 144.58
C ALA B 96 21.34 -137.60 145.76
N GLU B 97 20.02 -137.40 145.78
CA GLU B 97 19.18 -137.89 146.87
C GLU B 97 19.23 -139.41 147.00
N LEU B 98 19.21 -140.10 145.87
CA LEU B 98 19.20 -141.56 145.85
C LEU B 98 20.53 -142.12 146.33
N LEU B 99 21.63 -141.48 145.96
CA LEU B 99 22.95 -141.92 146.39
C LEU B 99 23.14 -141.69 147.88
N VAL B 100 22.50 -140.66 148.41
CA VAL B 100 22.56 -140.38 149.84
C VAL B 100 21.74 -141.40 150.64
N LEU B 101 20.53 -141.68 150.18
CA LEU B 101 19.69 -142.68 150.83
C LEU B 101 20.37 -144.04 150.87
N MET B 102 20.99 -144.40 149.75
CA MET B 102 21.61 -145.72 149.63
C MET B 102 22.90 -145.85 150.42
N GLU B 103 23.65 -144.74 150.54
CA GLU B 103 24.94 -144.78 151.22
C GLU B 103 24.85 -144.42 152.69
N ASN B 104 23.75 -143.78 153.09
CA ASN B 104 23.49 -143.59 154.52
C ASN B 104 23.24 -144.94 155.16
N GLU B 105 22.55 -145.81 154.43
CA GLU B 105 22.24 -147.15 154.90
C GLU B 105 23.49 -148.01 154.99
N ARG B 106 24.24 -148.09 153.90
CA ARG B 106 25.48 -148.86 153.89
C ARG B 106 26.49 -148.28 154.87
N THR B 107 26.20 -147.09 155.39
CA THR B 107 27.03 -146.45 156.41
C THR B 107 26.66 -146.99 157.78
N LEU B 108 25.36 -147.05 158.07
CA LEU B 108 24.89 -147.54 159.37
C LEU B 108 25.20 -149.02 159.53
N ASP B 109 24.97 -149.79 158.48
CA ASP B 109 25.26 -151.21 158.51
C ASP B 109 26.77 -151.47 158.53
N PHE B 110 27.55 -150.43 158.27
CA PHE B 110 29.01 -150.54 158.30
C PHE B 110 29.52 -150.44 159.74
N HIS B 111 28.89 -149.59 160.54
CA HIS B 111 29.22 -149.48 161.95
C HIS B 111 28.71 -150.72 162.70
N ASP B 112 27.58 -151.25 162.24
CA ASP B 112 27.03 -152.47 162.80
C ASP B 112 27.99 -153.63 162.49
N SER B 113 28.56 -153.59 161.30
CA SER B 113 29.52 -154.61 160.87
C SER B 113 30.78 -154.59 161.73
N ASN B 114 31.30 -153.40 161.99
CA ASN B 114 32.53 -153.24 162.76
C ASN B 114 32.41 -153.71 164.21
N VAL B 115 31.28 -153.39 164.84
CA VAL B 115 31.00 -153.84 166.20
C VAL B 115 30.89 -155.36 166.23
N LYS B 116 30.13 -155.91 165.29
CA LYS B 116 29.99 -157.36 165.12
C LYS B 116 31.36 -158.01 164.88
N ASN B 117 32.28 -157.25 164.29
CA ASN B 117 33.61 -157.75 163.98
C ASN B 117 34.62 -157.52 165.10
N LEU B 118 34.22 -156.74 166.10
CA LEU B 118 35.09 -156.49 167.25
C LEU B 118 34.72 -157.44 168.39
N TYR B 119 33.41 -157.68 168.54
CA TYR B 119 32.91 -158.65 169.50
C TYR B 119 33.42 -160.04 169.10
N ASP B 120 33.60 -160.25 167.80
CA ASP B 120 34.13 -161.51 167.29
C ASP B 120 35.65 -161.54 167.33
N LYS B 121 36.28 -160.38 167.47
CA LYS B 121 37.73 -160.33 167.61
C LYS B 121 38.11 -160.83 168.99
N VAL B 122 37.33 -160.43 169.99
CA VAL B 122 37.54 -160.83 171.36
C VAL B 122 37.03 -162.25 171.60
N ARG B 123 35.86 -162.56 171.06
CA ARG B 123 35.25 -163.87 171.26
C ARG B 123 36.09 -164.99 170.67
N LEU B 124 36.78 -164.71 169.56
CA LEU B 124 37.62 -165.70 168.92
C LEU B 124 39.02 -165.76 169.54
N GLN B 125 39.16 -165.16 170.73
CA GLN B 125 40.42 -165.22 171.47
C GLN B 125 40.22 -165.82 172.86
N LEU B 126 39.18 -165.38 173.56
CA LEU B 126 38.89 -165.88 174.90
C LEU B 126 37.88 -167.02 174.84
N ARG B 127 38.26 -168.10 174.17
CA ARG B 127 37.36 -169.22 173.89
C ARG B 127 36.77 -169.85 175.14
N ASP B 128 37.59 -170.58 175.89
CA ASP B 128 37.15 -171.22 177.13
C ASP B 128 37.42 -170.34 178.35
N ASN B 129 38.33 -169.38 178.21
CA ASN B 129 38.79 -168.55 179.31
C ASN B 129 37.75 -167.53 179.78
N ALA B 130 36.57 -167.54 179.17
CA ALA B 130 35.51 -166.61 179.52
C ALA B 130 34.13 -167.14 179.13
N LYS B 131 33.09 -166.50 179.67
CA LYS B 131 31.72 -166.84 179.29
C LYS B 131 30.99 -165.67 178.64
N GLU B 132 30.45 -165.91 177.45
CA GLU B 132 29.75 -164.87 176.70
C GLU B 132 28.44 -164.53 177.40
N LEU B 133 28.38 -163.40 178.06
CA LEU B 133 27.16 -163.00 178.76
C LEU B 133 26.00 -162.80 177.79
N GLY B 134 26.31 -162.32 176.58
CA GLY B 134 25.32 -162.18 175.53
C GLY B 134 24.71 -160.79 175.43
N ASN B 135 25.02 -159.93 176.39
CA ASN B 135 24.57 -158.55 176.36
C ASN B 135 25.67 -157.64 175.82
N GLY B 136 26.75 -158.26 175.36
CA GLY B 136 27.89 -157.54 174.82
C GLY B 136 29.13 -157.74 175.66
N CYS B 137 28.97 -158.36 176.82
CA CYS B 137 30.06 -158.51 177.78
C CYS B 137 30.56 -159.95 177.91
N PHE B 138 31.76 -160.09 178.46
CA PHE B 138 32.31 -161.39 178.80
C PHE B 138 32.73 -161.43 180.27
N GLU B 139 32.74 -162.62 180.85
CA GLU B 139 33.17 -162.79 182.23
C GLU B 139 34.26 -163.87 182.32
N PHE B 140 35.39 -163.51 182.91
CA PHE B 140 36.58 -164.36 182.89
C PHE B 140 36.54 -165.54 183.86
N TYR B 141 37.23 -166.62 183.50
CA TYR B 141 37.40 -167.77 184.38
C TYR B 141 38.72 -167.68 185.14
N HIS B 142 39.35 -166.51 185.03
CA HIS B 142 40.53 -166.17 185.82
C HIS B 142 40.52 -164.67 186.07
N LYS B 143 41.51 -164.16 186.80
CA LYS B 143 41.62 -162.73 187.00
C LYS B 143 42.39 -162.12 185.82
N CYS B 144 42.02 -160.91 185.43
CA CYS B 144 42.62 -160.27 184.27
C CYS B 144 43.19 -158.89 184.61
N ASP B 145 44.47 -158.85 184.94
CA ASP B 145 45.14 -157.60 185.31
C ASP B 145 45.17 -156.58 184.16
N ASN B 146 45.61 -155.36 184.48
CA ASN B 146 45.65 -154.28 183.50
C ASN B 146 46.67 -154.49 182.38
N GLU B 147 47.41 -155.59 182.44
CA GLU B 147 48.31 -155.96 181.37
C GLU B 147 47.69 -157.10 180.56
N CYS B 148 46.69 -157.75 181.15
CA CYS B 148 45.94 -158.79 180.46
C CYS B 148 44.95 -158.18 179.49
N MET B 149 44.41 -157.02 179.86
CA MET B 149 43.46 -156.30 179.02
C MET B 149 44.13 -155.80 177.75
N GLU B 150 45.38 -155.37 177.88
CA GLU B 150 46.14 -154.79 176.77
C GLU B 150 46.48 -155.81 175.69
N SER B 151 46.75 -157.05 176.08
CA SER B 151 47.10 -158.10 175.12
C SER B 151 45.92 -158.42 174.21
N ILE B 152 44.72 -158.38 174.78
CA ILE B 152 43.49 -158.54 174.01
C ILE B 152 43.26 -157.29 173.16
N ARG B 153 43.59 -156.13 173.72
CA ARG B 153 43.37 -154.86 173.05
C ARG B 153 44.30 -154.61 171.86
N ASN B 154 45.28 -155.49 171.66
CA ASN B 154 46.15 -155.33 170.49
C ASN B 154 46.40 -156.60 169.65
N GLY B 155 45.64 -157.66 169.91
CA GLY B 155 45.56 -158.75 168.96
C GLY B 155 46.12 -160.12 169.32
N THR B 156 47.01 -160.20 170.31
CA THR B 156 47.60 -161.48 170.68
C THR B 156 47.44 -161.83 172.16
N TYR B 157 46.43 -162.65 172.44
CA TYR B 157 46.15 -163.11 173.79
C TYR B 157 46.64 -164.55 173.98
N ASN B 158 47.29 -164.82 175.11
CA ASN B 158 47.85 -166.14 175.38
C ASN B 158 46.83 -167.10 175.97
N TYR B 159 46.61 -168.22 175.29
CA TYR B 159 45.65 -169.23 175.74
C TYR B 159 46.03 -169.97 177.04
N PRO B 160 47.31 -170.36 177.22
CA PRO B 160 47.69 -171.00 178.48
C PRO B 160 47.31 -170.19 179.73
N GLN B 161 46.09 -170.36 180.21
CA GLN B 161 45.62 -169.67 181.41
C GLN B 161 44.52 -170.40 182.20
N TYR B 162 44.65 -171.73 182.30
CA TYR B 162 43.75 -172.60 183.08
C TYR B 162 42.24 -172.41 182.89
N SER B 163 41.45 -173.12 183.70
CA SER B 163 39.99 -173.06 183.57
C SER B 163 39.25 -173.23 184.90
N GLU B 164 37.95 -172.93 184.88
CA GLU B 164 37.10 -172.76 186.08
C GLU B 164 37.82 -172.33 187.34
N GLN C 1 1.51 -8.37 -3.85
CA GLN C 1 1.34 -9.63 -4.57
C GLN C 1 1.46 -9.42 -6.08
N ASP C 2 0.68 -10.16 -6.86
CA ASP C 2 0.73 -10.01 -8.31
C ASP C 2 -0.53 -9.30 -8.84
N GLN C 3 -0.36 -8.49 -9.89
CA GLN C 3 -1.46 -7.72 -10.45
C GLN C 3 -1.43 -7.59 -11.97
N ILE C 4 -2.60 -7.32 -12.55
CA ILE C 4 -2.72 -6.97 -13.96
C ILE C 4 -3.80 -5.91 -14.14
N CYS C 5 -3.49 -4.86 -14.91
CA CYS C 5 -4.40 -3.73 -15.05
C CYS C 5 -4.58 -3.29 -16.51
N ILE C 6 -5.83 -3.03 -16.90
CA ILE C 6 -6.14 -2.52 -18.22
C ILE C 6 -6.44 -1.03 -18.15
N GLY C 7 -5.76 -0.24 -18.99
CA GLY C 7 -5.97 1.19 -19.01
C GLY C 7 -5.89 1.76 -20.41
N TYR C 8 -5.78 3.09 -20.50
CA TYR C 8 -5.74 3.75 -21.81
C TYR C 8 -4.74 4.91 -21.85
N HIS C 9 -4.46 5.38 -23.07
CA HIS C 9 -3.51 6.45 -23.31
C HIS C 9 -3.96 7.77 -22.69
N ALA C 10 -3.00 8.64 -22.41
CA ALA C 10 -3.27 10.02 -22.01
C ALA C 10 -2.04 10.86 -22.30
N ASN C 11 -2.22 12.17 -22.43
CA ASN C 11 -1.09 13.07 -22.65
C ASN C 11 -1.34 14.52 -22.22
N ASN C 12 -0.67 15.45 -22.88
CA ASN C 12 -0.63 16.84 -22.44
C ASN C 12 -1.32 17.83 -23.38
N SER C 13 -1.91 17.32 -24.46
CA SER C 13 -2.56 18.20 -25.44
C SER C 13 -3.84 18.82 -24.90
N THR C 14 -4.01 20.12 -25.12
CA THR C 14 -5.17 20.85 -24.62
C THR C 14 -6.26 21.00 -25.69
N GLU C 15 -5.98 20.49 -26.89
CA GLU C 15 -6.91 20.62 -28.01
C GLU C 15 -8.29 20.05 -27.72
N GLN C 16 -9.32 20.77 -28.14
CA GLN C 16 -10.69 20.39 -27.84
C GLN C 16 -11.48 20.14 -29.12
N VAL C 17 -12.52 19.31 -29.01
CA VAL C 17 -13.46 19.10 -30.11
C VAL C 17 -14.88 19.21 -29.57
N ASP C 18 -15.85 19.19 -30.48
CA ASP C 18 -17.25 19.23 -30.07
C ASP C 18 -17.96 17.94 -30.44
N THR C 19 -18.98 17.60 -29.66
CA THR C 19 -19.90 16.53 -30.02
C THR C 19 -21.32 17.10 -29.92
N ILE C 20 -22.32 16.29 -30.21
CA ILE C 20 -23.70 16.76 -30.12
C ILE C 20 -24.09 17.06 -28.69
N MET C 21 -23.70 16.17 -27.76
CA MET C 21 -24.11 16.29 -26.36
C MET C 21 -23.15 17.11 -25.50
N GLU C 22 -22.02 17.52 -26.06
CA GLU C 22 -21.00 18.18 -25.24
C GLU C 22 -20.01 18.99 -26.08
N LYS C 23 -19.74 20.23 -25.67
CA LYS C 23 -18.78 21.09 -26.34
C LYS C 23 -17.45 21.09 -25.60
N ASN C 24 -16.45 21.68 -26.23
CA ASN C 24 -15.15 21.96 -25.59
C ASN C 24 -14.54 20.78 -24.84
N VAL C 25 -14.50 19.63 -25.51
CA VAL C 25 -13.96 18.41 -24.90
C VAL C 25 -12.52 18.14 -25.29
N THR C 26 -11.63 18.12 -24.30
CA THR C 26 -10.21 17.92 -24.53
C THR C 26 -9.91 16.46 -24.93
N VAL C 27 -8.96 16.27 -25.83
CA VAL C 27 -8.61 14.93 -26.30
C VAL C 27 -7.11 14.72 -26.44
N THR C 28 -6.72 13.46 -26.61
CA THR C 28 -5.32 13.09 -26.76
C THR C 28 -4.79 13.53 -28.12
N HIS C 29 -5.53 13.19 -29.17
CA HIS C 29 -5.13 13.54 -30.53
C HIS C 29 -6.32 14.01 -31.36
N ALA C 30 -6.07 14.97 -32.24
CA ALA C 30 -7.12 15.52 -33.09
C ALA C 30 -6.58 15.86 -34.48
N GLN C 31 -7.48 16.28 -35.36
CA GLN C 31 -7.10 16.69 -36.71
C GLN C 31 -7.97 17.85 -37.17
N ASP C 32 -7.35 19.00 -37.41
CA ASP C 32 -8.07 20.16 -37.93
C ASP C 32 -8.18 20.04 -39.44
N ILE C 33 -9.41 20.07 -39.93
CA ILE C 33 -9.66 19.89 -41.36
C ILE C 33 -10.08 21.17 -42.05
N LEU C 34 -9.81 22.31 -41.41
CA LEU C 34 -10.25 23.60 -41.94
C LEU C 34 -9.11 24.59 -42.14
N GLU C 35 -8.72 24.80 -43.38
CA GLU C 35 -7.71 25.80 -43.72
C GLU C 35 -8.27 27.21 -43.56
N LYS C 36 -7.62 28.04 -42.75
CA LYS C 36 -8.15 29.35 -42.43
C LYS C 36 -7.17 30.47 -42.75
N THR C 37 -6.22 30.19 -43.64
CA THR C 37 -5.18 31.16 -43.97
C THR C 37 -4.86 31.20 -45.46
N HIS C 38 -4.71 32.41 -45.97
CA HIS C 38 -4.29 32.63 -47.36
C HIS C 38 -3.06 33.55 -47.35
N ASN C 39 -2.47 33.77 -48.52
CA ASN C 39 -1.28 34.62 -48.58
C ASN C 39 -1.58 36.10 -48.87
N GLY C 40 -2.85 36.43 -49.03
CA GLY C 40 -3.25 37.80 -49.29
C GLY C 40 -2.73 38.35 -50.61
N LYS C 41 -2.43 37.46 -51.55
CA LYS C 41 -1.92 37.85 -52.86
C LYS C 41 -2.71 37.26 -54.04
N LEU C 42 -2.55 37.88 -55.21
CA LEU C 42 -3.10 37.34 -56.45
C LEU C 42 -1.98 36.70 -57.25
N CYS C 43 -1.95 35.36 -57.29
CA CYS C 43 -0.84 34.64 -57.88
C CYS C 43 -1.12 34.09 -59.28
N ASP C 44 -0.06 33.63 -59.94
CA ASP C 44 -0.19 32.81 -61.15
C ASP C 44 -0.90 31.53 -60.75
N LEU C 45 -1.57 30.90 -61.70
CA LEU C 45 -2.24 29.63 -61.40
C LEU C 45 -1.52 28.53 -62.16
N ASP C 46 -0.76 27.71 -61.44
CA ASP C 46 0.06 26.66 -62.02
C ASP C 46 0.96 27.22 -63.12
N GLY C 47 1.58 28.37 -62.86
CA GLY C 47 2.54 28.94 -63.79
C GLY C 47 1.99 29.79 -64.91
N VAL C 48 0.67 29.84 -65.07
CA VAL C 48 0.07 30.78 -66.03
C VAL C 48 -0.51 32.00 -65.32
N LYS C 49 -0.04 33.17 -65.71
CA LYS C 49 -0.32 34.43 -64.99
C LYS C 49 -1.70 35.03 -65.29
N PRO C 50 -2.42 35.48 -64.25
CA PRO C 50 -3.72 36.12 -64.42
C PRO C 50 -3.63 37.42 -65.21
N LEU C 51 -4.77 37.87 -65.73
CA LEU C 51 -4.87 39.16 -66.41
C LEU C 51 -5.54 40.12 -65.45
N ILE C 52 -4.76 41.05 -64.94
CA ILE C 52 -5.26 41.97 -63.95
C ILE C 52 -5.62 43.29 -64.59
N LEU C 53 -6.90 43.45 -64.91
CA LEU C 53 -7.42 44.72 -65.34
C LEU C 53 -7.22 45.58 -64.11
N ARG C 54 -6.72 46.79 -64.28
CA ARG C 54 -6.39 47.59 -63.11
C ARG C 54 -7.52 48.55 -62.81
N ASP C 55 -7.51 49.71 -63.45
CA ASP C 55 -8.62 50.63 -63.34
C ASP C 55 -9.46 50.61 -64.62
N CYS C 56 -9.29 49.54 -65.38
CA CYS C 56 -10.07 49.32 -66.59
C CYS C 56 -11.11 48.22 -66.38
N SER C 57 -12.26 48.40 -66.99
CA SER C 57 -13.31 47.38 -67.00
C SER C 57 -13.14 46.45 -68.20
N VAL C 58 -13.95 45.40 -68.27
CA VAL C 58 -13.90 44.49 -69.40
C VAL C 58 -14.22 45.27 -70.66
N ALA C 59 -15.22 46.15 -70.56
CA ALA C 59 -15.63 46.96 -71.70
C ALA C 59 -14.54 47.93 -72.13
N GLY C 60 -13.81 48.49 -71.16
CA GLY C 60 -12.73 49.42 -71.47
C GLY C 60 -11.61 48.70 -72.18
N TRP C 61 -11.34 47.48 -71.73
CA TRP C 61 -10.33 46.64 -72.37
C TRP C 61 -10.76 46.26 -73.77
N LEU C 62 -11.94 45.68 -73.90
CA LEU C 62 -12.34 45.09 -75.18
C LEU C 62 -12.60 46.16 -76.24
N LEU C 63 -13.08 47.32 -75.81
CA LEU C 63 -13.34 48.39 -76.75
C LEU C 63 -12.10 49.21 -77.01
N GLY C 64 -11.16 49.16 -76.07
CA GLY C 64 -9.90 49.87 -76.20
C GLY C 64 -9.96 51.32 -75.76
N ASN C 65 -10.49 51.54 -74.55
CA ASN C 65 -10.38 52.81 -73.87
C ASN C 65 -8.93 53.28 -73.90
N PRO C 66 -8.69 54.53 -74.33
CA PRO C 66 -7.31 55.01 -74.47
C PRO C 66 -6.56 54.95 -73.14
N MET C 67 -7.29 54.95 -72.03
CA MET C 67 -6.66 54.89 -70.72
C MET C 67 -6.37 53.47 -70.36
N CYS C 68 -6.59 52.57 -71.32
CA CYS C 68 -6.43 51.15 -71.08
C CYS C 68 -5.39 50.52 -72.01
N ASP C 69 -4.48 51.34 -72.55
CA ASP C 69 -3.48 50.87 -73.51
C ASP C 69 -2.62 49.72 -72.99
N GLU C 70 -2.51 49.60 -71.66
CA GLU C 70 -1.76 48.51 -71.05
C GLU C 70 -2.24 47.16 -71.55
N PHE C 71 -3.49 47.12 -72.01
CA PHE C 71 -4.10 45.85 -72.40
C PHE C 71 -4.35 45.72 -73.91
N ILE C 72 -3.68 46.58 -74.70
CA ILE C 72 -3.79 46.53 -76.16
C ILE C 72 -3.49 45.13 -76.71
N ASN C 73 -2.46 44.50 -76.20
CA ASN C 73 -2.21 43.10 -76.49
C ASN C 73 -1.99 42.37 -75.20
N VAL C 74 -2.60 41.20 -75.09
CA VAL C 74 -2.70 40.55 -73.82
C VAL C 74 -2.45 39.09 -74.03
N PRO C 75 -1.48 38.54 -73.30
CA PRO C 75 -1.12 37.13 -73.47
C PRO C 75 -2.19 36.23 -72.87
N GLU C 76 -2.09 34.94 -73.13
CA GLU C 76 -2.93 33.95 -72.48
C GLU C 76 -2.97 34.22 -70.98
N TRP C 77 -4.17 34.16 -70.39
CA TRP C 77 -4.33 34.33 -68.95
C TRP C 77 -4.91 33.05 -68.34
N SER C 78 -4.92 33.00 -67.01
CA SER C 78 -5.50 31.88 -66.29
C SER C 78 -6.87 32.28 -65.74
N TYR C 79 -6.94 33.48 -65.17
CA TYR C 79 -8.19 34.07 -64.73
C TYR C 79 -8.12 35.58 -64.88
N ILE C 80 -9.25 36.26 -64.80
CA ILE C 80 -9.30 37.71 -64.97
C ILE C 80 -9.69 38.40 -63.67
N VAL C 81 -8.96 39.45 -63.32
CA VAL C 81 -9.28 40.22 -62.11
C VAL C 81 -9.80 41.61 -62.47
N GLU C 82 -10.98 41.93 -61.97
CA GLU C 82 -11.56 43.24 -62.21
C GLU C 82 -11.92 43.90 -60.90
N LYS C 83 -11.73 45.20 -60.81
CA LYS C 83 -12.08 45.92 -59.60
C LYS C 83 -13.60 46.08 -59.50
N ALA C 84 -14.09 46.34 -58.30
CA ALA C 84 -15.52 46.47 -58.07
C ALA C 84 -16.09 47.65 -58.85
N ASN C 85 -15.30 48.71 -58.93
CA ASN C 85 -15.69 49.92 -59.65
C ASN C 85 -14.55 50.52 -60.48
N PRO C 86 -14.20 49.86 -61.60
CA PRO C 86 -13.14 50.31 -62.49
C PRO C 86 -13.45 51.72 -62.97
N THR C 87 -12.46 52.61 -62.96
CA THR C 87 -12.70 53.99 -63.34
C THR C 87 -12.64 54.20 -64.84
N ASN C 88 -12.05 53.24 -65.55
CA ASN C 88 -11.94 53.36 -67.00
C ASN C 88 -12.79 52.35 -67.73
N ASP C 89 -13.90 52.85 -68.26
CA ASP C 89 -14.98 52.01 -68.76
C ASP C 89 -15.42 52.61 -70.08
N LEU C 90 -16.63 53.16 -70.12
CA LEU C 90 -17.11 53.82 -71.32
C LEU C 90 -16.82 55.30 -71.23
N CYS C 91 -15.63 55.72 -71.68
CA CYS C 91 -15.23 57.11 -71.62
C CYS C 91 -16.26 57.97 -72.33
N TYR C 92 -16.64 57.56 -73.53
CA TYR C 92 -17.79 58.18 -74.16
C TYR C 92 -19.03 57.52 -73.58
N PRO C 93 -19.93 58.33 -72.99
CA PRO C 93 -21.11 57.79 -72.31
C PRO C 93 -22.05 57.01 -73.24
N GLY C 94 -22.66 55.97 -72.71
CA GLY C 94 -23.53 55.14 -73.51
C GLY C 94 -23.72 53.78 -72.87
N SER C 95 -23.92 52.76 -73.70
CA SER C 95 -24.19 51.45 -73.16
C SER C 95 -23.57 50.36 -74.02
N PHE C 96 -23.60 49.14 -73.47
CA PHE C 96 -22.95 47.98 -74.05
C PHE C 96 -23.94 46.81 -74.00
N ASN C 97 -24.51 46.47 -75.14
CA ASN C 97 -25.47 45.38 -75.23
C ASN C 97 -24.97 44.02 -74.77
N ASP C 98 -25.79 43.33 -73.99
CA ASP C 98 -25.52 41.97 -73.54
C ASP C 98 -24.14 41.85 -72.92
N TYR C 99 -23.81 42.83 -72.09
CA TYR C 99 -22.51 42.93 -71.43
C TYR C 99 -22.25 41.78 -70.48
N GLU C 100 -23.21 41.46 -69.61
CA GLU C 100 -23.03 40.38 -68.65
C GLU C 100 -22.95 39.02 -69.34
N GLU C 101 -23.63 38.90 -70.46
CA GLU C 101 -23.54 37.69 -71.25
C GLU C 101 -22.17 37.55 -71.90
N LEU C 102 -21.54 38.69 -72.21
CA LEU C 102 -20.19 38.66 -72.76
C LEU C 102 -19.21 38.34 -71.65
N LYS C 103 -19.39 38.99 -70.51
CA LYS C 103 -18.55 38.71 -69.36
C LYS C 103 -18.56 37.22 -69.03
N TYR C 104 -19.73 36.59 -69.15
CA TYR C 104 -19.82 35.16 -68.89
C TYR C 104 -19.00 34.35 -69.89
N LEU C 105 -19.09 34.70 -71.18
CA LEU C 105 -18.29 34.07 -72.23
C LEU C 105 -16.80 34.15 -71.90
N LEU C 106 -16.39 35.29 -71.37
CA LEU C 106 -14.99 35.53 -71.02
C LEU C 106 -14.47 34.53 -70.00
N SER C 107 -15.33 34.16 -69.05
CA SER C 107 -14.95 33.17 -68.04
C SER C 107 -14.79 31.78 -68.66
N ARG C 108 -15.06 31.69 -69.95
CA ARG C 108 -14.93 30.44 -70.67
C ARG C 108 -13.77 30.53 -71.64
N ILE C 109 -13.02 31.62 -71.58
CA ILE C 109 -11.91 31.87 -72.51
C ILE C 109 -10.59 32.14 -71.78
N ASN C 110 -9.47 31.77 -72.41
CA ASN C 110 -8.15 31.97 -71.80
C ASN C 110 -7.19 32.86 -72.61
N HIS C 111 -7.54 33.14 -73.87
CA HIS C 111 -6.68 33.94 -74.73
C HIS C 111 -7.39 34.50 -75.97
N PHE C 112 -7.24 35.80 -76.17
CA PHE C 112 -7.70 36.48 -77.38
C PHE C 112 -6.48 36.83 -78.20
N GLU C 113 -6.63 36.92 -79.52
CA GLU C 113 -5.57 37.45 -80.35
C GLU C 113 -6.10 38.57 -81.24
N LYS C 114 -5.78 39.80 -80.85
CA LYS C 114 -6.28 40.98 -81.55
C LYS C 114 -5.81 40.96 -82.98
N ILE C 115 -6.74 41.15 -83.92
CA ILE C 115 -6.38 41.27 -85.33
C ILE C 115 -7.16 42.37 -86.03
N GLN C 116 -6.51 43.01 -87.00
CA GLN C 116 -7.12 44.08 -87.76
C GLN C 116 -8.00 43.54 -88.88
N ILE C 117 -9.32 43.63 -88.71
CA ILE C 117 -10.23 43.10 -89.73
C ILE C 117 -10.73 44.13 -90.73
N ILE C 118 -10.64 45.40 -90.37
CA ILE C 118 -10.92 46.49 -91.31
C ILE C 118 -10.00 47.65 -90.98
N PRO C 119 -8.93 47.83 -91.78
CA PRO C 119 -7.95 48.87 -91.45
C PRO C 119 -8.56 50.25 -91.60
N LYS C 120 -8.19 51.16 -90.69
CA LYS C 120 -8.68 52.54 -90.70
C LYS C 120 -8.37 53.25 -92.02
N SER C 121 -7.36 52.77 -92.73
CA SER C 121 -6.94 53.39 -93.98
C SER C 121 -7.85 53.04 -95.15
N SER C 122 -8.71 52.04 -94.98
CA SER C 122 -9.51 51.53 -96.08
C SER C 122 -10.73 52.39 -96.39
N TRP C 123 -10.99 53.37 -95.52
CA TRP C 123 -12.16 54.21 -95.69
C TRP C 123 -11.83 55.39 -96.61
N SER C 124 -12.18 55.24 -97.89
CA SER C 124 -11.81 56.21 -98.90
C SER C 124 -12.78 57.38 -99.01
N ASP C 125 -14.04 57.14 -98.67
CA ASP C 125 -15.07 58.14 -98.90
C ASP C 125 -15.72 58.65 -97.62
N HIS C 126 -15.06 58.39 -96.50
CA HIS C 126 -15.49 58.90 -95.20
C HIS C 126 -14.25 59.33 -94.41
N GLU C 127 -14.43 60.26 -93.47
CA GLU C 127 -13.34 60.61 -92.56
C GLU C 127 -13.21 59.59 -91.44
N ALA C 128 -11.98 59.19 -91.15
CA ALA C 128 -11.72 58.16 -90.15
C ALA C 128 -10.74 58.57 -89.05
N SER C 129 -10.11 59.73 -89.20
CA SER C 129 -9.15 60.17 -88.19
C SER C 129 -9.59 61.41 -87.41
N SER C 130 -10.87 61.75 -87.54
CA SER C 130 -11.45 62.87 -86.81
C SER C 130 -12.48 62.42 -85.78
N GLY C 131 -12.60 61.11 -85.58
CA GLY C 131 -13.60 60.59 -84.67
C GLY C 131 -13.07 60.53 -83.25
N VAL C 132 -12.92 61.70 -82.65
CA VAL C 132 -12.33 61.80 -81.32
C VAL C 132 -13.22 62.64 -80.43
N SER C 133 -13.00 62.57 -79.12
CA SER C 133 -13.78 63.35 -78.16
C SER C 133 -12.99 63.68 -76.89
N SER C 134 -13.31 64.82 -76.29
CA SER C 134 -12.74 65.19 -75.00
C SER C 134 -13.12 64.21 -73.89
N ALA C 135 -14.16 63.42 -74.13
CA ALA C 135 -14.60 62.46 -73.13
C ALA C 135 -13.58 61.33 -73.00
N CYS C 136 -12.86 61.09 -74.09
CA CYS C 136 -11.89 60.01 -74.16
C CYS C 136 -10.52 60.60 -74.46
N PRO C 137 -9.88 61.17 -73.44
CA PRO C 137 -8.60 61.84 -73.70
C PRO C 137 -7.42 60.87 -73.61
N TYR C 138 -6.43 61.08 -74.46
CA TYR C 138 -5.17 60.37 -74.38
C TYR C 138 -4.06 61.41 -74.24
N LEU C 139 -3.26 61.29 -73.20
CA LEU C 139 -2.25 62.30 -72.85
C LEU C 139 -2.73 63.76 -73.06
N GLY C 140 -3.94 64.06 -72.62
CA GLY C 140 -4.48 65.41 -72.72
C GLY C 140 -5.19 65.81 -74.01
N SER C 141 -5.07 64.99 -75.04
CA SER C 141 -5.70 65.31 -76.33
C SER C 141 -6.93 64.46 -76.53
N PRO C 142 -7.94 64.99 -77.24
CA PRO C 142 -9.15 64.24 -77.60
C PRO C 142 -8.82 62.95 -78.34
N SER C 143 -9.36 61.83 -77.88
CA SER C 143 -9.10 60.54 -78.52
C SER C 143 -10.42 59.75 -78.62
N PHE C 144 -10.32 58.42 -78.69
CA PHE C 144 -11.49 57.55 -78.76
C PHE C 144 -11.08 56.11 -78.46
N PHE C 145 -12.06 55.22 -78.41
CA PHE C 145 -11.81 53.78 -78.24
C PHE C 145 -10.95 53.28 -79.40
N ARG C 146 -9.92 52.50 -79.12
CA ARG C 146 -8.95 52.14 -80.16
C ARG C 146 -9.45 51.09 -81.18
N ASN C 147 -10.25 50.13 -80.72
CA ASN C 147 -10.63 49.01 -81.58
C ASN C 147 -11.75 49.30 -82.58
N VAL C 148 -12.44 50.41 -82.39
CA VAL C 148 -13.51 50.82 -83.29
C VAL C 148 -13.22 52.23 -83.76
N VAL C 149 -13.70 52.58 -84.94
CA VAL C 149 -13.45 53.89 -85.51
C VAL C 149 -14.77 54.63 -85.75
N TRP C 150 -14.83 55.87 -85.27
CA TRP C 150 -16.02 56.69 -85.37
C TRP C 150 -15.99 57.50 -86.66
N LEU C 151 -16.62 56.98 -87.72
CA LEU C 151 -16.54 57.61 -89.04
C LEU C 151 -17.45 58.81 -89.11
N ILE C 152 -17.00 59.87 -89.76
CA ILE C 152 -17.87 61.01 -90.05
C ILE C 152 -17.82 61.33 -91.55
N LYS C 153 -18.61 62.31 -91.97
CA LYS C 153 -18.70 62.66 -93.38
C LYS C 153 -17.39 63.16 -93.99
N LYS C 154 -17.37 63.32 -95.30
CA LYS C 154 -16.19 63.77 -96.03
C LYS C 154 -16.62 64.57 -97.24
N ASN C 155 -16.18 65.82 -97.30
CA ASN C 155 -16.61 66.75 -98.33
C ASN C 155 -18.12 66.88 -98.37
N SER C 156 -18.71 67.14 -97.21
CA SER C 156 -20.16 67.31 -97.06
C SER C 156 -20.97 66.16 -97.64
N ALA C 157 -20.48 64.93 -97.44
CA ALA C 157 -21.14 63.77 -98.01
C ALA C 157 -20.85 62.49 -97.23
N TYR C 158 -21.89 61.68 -97.03
CA TYR C 158 -21.73 60.37 -96.38
C TYR C 158 -22.42 59.32 -97.24
N PRO C 159 -21.70 58.81 -98.25
CA PRO C 159 -22.22 57.73 -99.11
C PRO C 159 -22.57 56.56 -98.22
N THR C 160 -23.60 55.80 -98.59
CA THR C 160 -23.96 54.66 -97.76
C THR C 160 -22.87 53.61 -97.82
N ILE C 161 -22.52 53.05 -96.68
CA ILE C 161 -21.42 52.12 -96.57
C ILE C 161 -21.89 50.69 -96.83
N LYS C 162 -21.11 49.95 -97.61
CA LYS C 162 -21.32 48.52 -97.72
C LYS C 162 -20.01 47.81 -97.47
N LYS C 163 -19.82 47.37 -96.25
CA LYS C 163 -18.56 46.75 -95.86
C LYS C 163 -18.84 45.33 -95.41
N SER C 164 -17.94 44.43 -95.75
CA SER C 164 -18.13 43.02 -95.45
C SER C 164 -16.80 42.38 -95.04
N TYR C 165 -16.83 41.52 -94.03
CA TYR C 165 -15.62 40.82 -93.61
C TYR C 165 -15.92 39.36 -93.41
N ASN C 166 -15.10 38.50 -94.00
CA ASN C 166 -15.27 37.05 -93.92
C ASN C 166 -14.27 36.47 -92.93
N ASN C 167 -14.75 35.76 -91.92
CA ASN C 167 -13.85 35.11 -90.96
C ASN C 167 -13.14 33.91 -91.58
N THR C 168 -11.94 34.14 -92.09
CA THR C 168 -11.18 33.11 -92.77
C THR C 168 -10.21 32.41 -91.82
N ASN C 169 -10.43 32.60 -90.52
CA ASN C 169 -9.62 31.93 -89.51
C ASN C 169 -10.31 30.66 -89.05
N GLN C 170 -9.61 29.83 -88.28
CA GLN C 170 -10.23 28.61 -87.79
C GLN C 170 -10.79 28.81 -86.39
N GLU C 171 -10.68 30.03 -85.90
CA GLU C 171 -11.15 30.36 -84.57
C GLU C 171 -12.35 31.29 -84.68
N ASP C 172 -13.23 31.20 -83.69
CA ASP C 172 -14.33 32.16 -83.54
C ASP C 172 -13.80 33.59 -83.42
N LEU C 173 -14.52 34.54 -84.00
CA LEU C 173 -14.18 35.96 -83.89
C LEU C 173 -15.17 36.75 -83.02
N LEU C 174 -14.65 37.43 -82.00
CA LEU C 174 -15.44 38.40 -81.26
C LEU C 174 -15.36 39.73 -81.98
N VAL C 175 -16.50 40.21 -82.50
CA VAL C 175 -16.53 41.43 -83.28
C VAL C 175 -17.40 42.50 -82.64
N LEU C 176 -16.81 43.66 -82.37
CA LEU C 176 -17.52 44.75 -81.71
C LEU C 176 -17.73 45.93 -82.66
N TRP C 177 -18.87 46.59 -82.54
CA TRP C 177 -19.15 47.81 -83.30
C TRP C 177 -20.14 48.62 -82.49
N GLY C 178 -20.45 49.82 -82.96
CA GLY C 178 -21.36 50.68 -82.21
C GLY C 178 -22.21 51.59 -83.07
N ILE C 179 -23.16 52.25 -82.43
CA ILE C 179 -23.91 53.33 -83.07
C ILE C 179 -23.79 54.57 -82.20
N HIS C 180 -23.82 55.74 -82.83
CA HIS C 180 -23.74 57.00 -82.11
C HIS C 180 -25.11 57.68 -82.07
N HIS C 181 -25.57 57.99 -80.85
CA HIS C 181 -26.81 58.73 -80.68
C HIS C 181 -26.51 60.20 -80.40
N PRO C 182 -26.76 61.07 -81.38
CA PRO C 182 -26.56 62.52 -81.23
C PRO C 182 -27.54 63.16 -80.26
N ASN C 183 -27.39 64.48 -80.07
CA ASN C 183 -28.25 65.21 -79.14
C ASN C 183 -29.32 66.06 -79.85
N ASP C 184 -29.08 66.42 -81.10
CA ASP C 184 -30.04 67.19 -81.88
C ASP C 184 -29.84 66.99 -83.37
N ALA C 185 -30.81 67.45 -84.17
CA ALA C 185 -30.77 67.26 -85.61
C ALA C 185 -29.61 67.99 -86.27
N ALA C 186 -29.14 69.06 -85.63
CA ALA C 186 -28.02 69.82 -86.18
C ALA C 186 -26.75 68.98 -86.12
N GLU C 187 -26.53 68.35 -84.98
CA GLU C 187 -25.36 67.50 -84.77
C GLU C 187 -25.36 66.31 -85.73
N GLN C 188 -26.55 65.80 -86.03
CA GLN C 188 -26.72 64.69 -86.95
C GLN C 188 -26.18 65.03 -88.33
N THR C 189 -26.63 66.16 -88.88
CA THR C 189 -26.18 66.61 -90.19
C THR C 189 -24.75 67.09 -90.15
N ARG C 190 -24.34 67.69 -89.03
CA ARG C 190 -22.98 68.19 -88.90
C ARG C 190 -21.97 67.06 -89.01
N LEU C 191 -22.34 65.90 -88.47
CA LEU C 191 -21.48 64.72 -88.51
C LEU C 191 -21.68 63.86 -89.74
N TYR C 192 -22.92 63.78 -90.24
CA TYR C 192 -23.27 62.76 -91.22
C TYR C 192 -24.07 63.21 -92.44
N GLN C 193 -24.30 64.52 -92.57
CA GLN C 193 -25.17 65.06 -93.64
C GLN C 193 -26.58 64.51 -93.66
N ASN C 194 -26.71 63.20 -93.82
CA ASN C 194 -27.99 62.54 -93.88
C ASN C 194 -28.77 62.67 -92.56
N PRO C 195 -30.01 63.17 -92.65
CA PRO C 195 -30.87 63.36 -91.48
C PRO C 195 -31.47 62.07 -90.93
N THR C 196 -31.76 61.12 -91.81
CA THR C 196 -32.42 59.88 -91.42
C THR C 196 -31.57 58.66 -91.80
N THR C 197 -30.99 58.03 -90.79
CA THR C 197 -29.95 57.03 -91.04
C THR C 197 -30.24 55.71 -90.35
N TYR C 198 -29.40 54.72 -90.64
CA TYR C 198 -29.56 53.38 -90.10
C TYR C 198 -28.25 52.60 -90.17
N ILE C 199 -28.18 51.49 -89.43
CA ILE C 199 -27.08 50.56 -89.56
C ILE C 199 -27.61 49.15 -89.55
N SER C 200 -27.49 48.46 -90.68
CA SER C 200 -27.88 47.07 -90.73
C SER C 200 -26.65 46.17 -90.60
N ILE C 201 -26.83 45.04 -89.93
CA ILE C 201 -25.74 44.09 -89.70
C ILE C 201 -26.27 42.68 -89.88
N GLY C 202 -25.59 41.89 -90.69
CA GLY C 202 -26.03 40.52 -90.92
C GLY C 202 -24.92 39.49 -90.91
N THR C 203 -25.24 38.31 -90.39
CA THR C 203 -24.40 37.12 -90.53
C THR C 203 -25.27 35.94 -90.96
N SER C 204 -24.86 34.73 -90.61
CA SER C 204 -25.72 33.56 -90.77
C SER C 204 -26.90 33.70 -89.84
N THR C 205 -26.62 34.34 -88.71
CA THR C 205 -27.42 34.20 -87.52
C THR C 205 -27.98 35.55 -87.11
N LEU C 206 -27.20 36.60 -87.32
CA LEU C 206 -27.57 37.94 -86.86
C LEU C 206 -28.25 38.68 -87.99
N ASN C 207 -29.27 39.47 -87.65
CA ASN C 207 -30.04 40.21 -88.66
C ASN C 207 -30.60 41.48 -88.03
N GLN C 208 -29.73 42.42 -87.67
CA GLN C 208 -30.25 43.60 -86.98
C GLN C 208 -30.21 44.91 -87.74
N ARG C 209 -31.19 45.76 -87.42
CA ARG C 209 -31.29 47.11 -87.96
C ARG C 209 -31.33 48.10 -86.81
N LEU C 210 -30.37 49.02 -86.81
CA LEU C 210 -30.26 50.00 -85.75
C LEU C 210 -30.55 51.36 -86.35
N VAL C 211 -31.34 52.17 -85.64
CA VAL C 211 -31.48 53.57 -86.02
C VAL C 211 -31.11 54.45 -84.85
N PRO C 212 -30.31 55.49 -85.09
CA PRO C 212 -29.88 56.34 -83.97
C PRO C 212 -31.08 57.06 -83.36
N LYS C 213 -31.00 57.35 -82.07
CA LYS C 213 -32.01 58.10 -81.35
C LYS C 213 -31.51 59.51 -81.06
N ILE C 214 -31.92 60.47 -81.87
CA ILE C 214 -31.55 61.86 -81.69
C ILE C 214 -32.46 62.50 -80.64
N ALA C 215 -31.91 62.78 -79.45
CA ALA C 215 -32.75 63.22 -78.33
C ALA C 215 -31.95 63.90 -77.21
N THR C 216 -32.66 64.69 -76.40
CA THR C 216 -32.05 65.46 -75.30
C THR C 216 -31.84 64.62 -74.04
N ARG C 217 -30.59 64.59 -73.56
CA ARG C 217 -30.24 63.77 -72.40
C ARG C 217 -29.35 64.56 -71.47
N SER C 218 -29.20 64.06 -70.25
CA SER C 218 -28.39 64.73 -69.26
C SER C 218 -26.92 64.47 -69.51
N LYS C 219 -26.09 65.49 -69.31
CA LYS C 219 -24.66 65.39 -69.55
C LYS C 219 -23.98 64.35 -68.66
N VAL C 220 -23.18 63.50 -69.29
CA VAL C 220 -22.34 62.55 -68.56
C VAL C 220 -20.95 62.65 -69.18
N ASN C 221 -19.94 62.80 -68.33
CA ASN C 221 -18.59 63.08 -68.79
C ASN C 221 -18.57 64.26 -69.77
N GLY C 222 -19.51 65.18 -69.61
CA GLY C 222 -19.53 66.41 -70.38
C GLY C 222 -20.48 66.39 -71.57
N LEU C 223 -20.94 65.21 -71.94
CA LEU C 223 -21.71 65.06 -73.19
C LEU C 223 -23.16 64.65 -72.97
N SER C 224 -24.03 65.04 -73.90
CA SER C 224 -25.41 64.57 -73.89
C SER C 224 -25.59 63.46 -74.92
N SER C 225 -24.62 63.31 -75.81
CA SER C 225 -24.64 62.27 -76.82
C SER C 225 -24.34 60.91 -76.18
N ARG C 226 -24.59 59.83 -76.93
CA ARG C 226 -24.32 58.49 -76.42
C ARG C 226 -23.69 57.63 -77.51
N MET C 227 -22.87 56.67 -77.09
CA MET C 227 -22.33 55.64 -77.97
C MET C 227 -22.85 54.32 -77.43
N GLU C 228 -23.45 53.52 -78.29
CA GLU C 228 -24.00 52.24 -77.87
C GLU C 228 -23.31 51.13 -78.65
N PHE C 229 -22.77 50.15 -77.94
CA PHE C 229 -21.96 49.12 -78.57
C PHE C 229 -22.59 47.73 -78.60
N PHE C 230 -22.31 47.02 -79.69
CA PHE C 230 -22.84 45.69 -79.91
C PHE C 230 -21.73 44.71 -80.20
N TRP C 231 -22.04 43.43 -80.10
CA TRP C 231 -21.07 42.40 -80.42
C TRP C 231 -21.72 41.13 -80.95
N THR C 232 -20.89 40.28 -81.52
CA THR C 232 -21.33 38.95 -81.94
C THR C 232 -20.12 38.05 -82.07
N ILE C 233 -20.36 36.76 -81.98
CA ILE C 233 -19.34 35.77 -82.31
C ILE C 233 -19.46 35.37 -83.78
N LEU C 234 -18.44 35.66 -84.57
CA LEU C 234 -18.40 35.26 -85.97
C LEU C 234 -17.77 33.88 -86.06
N LYS C 235 -18.52 32.90 -86.53
CA LYS C 235 -17.98 31.55 -86.67
C LYS C 235 -17.13 31.45 -87.93
N PRO C 236 -16.09 30.60 -87.89
CA PRO C 236 -15.22 30.35 -89.04
C PRO C 236 -16.01 30.17 -90.33
N ASN C 237 -15.60 30.90 -91.36
CA ASN C 237 -16.21 30.89 -92.69
C ASN C 237 -17.54 31.61 -92.84
N ASP C 238 -18.08 32.11 -91.73
CA ASP C 238 -19.22 33.00 -91.82
C ASP C 238 -18.71 34.42 -92.08
N ALA C 239 -19.55 35.28 -92.63
CA ALA C 239 -19.19 36.67 -92.86
C ALA C 239 -20.16 37.64 -92.18
N ILE C 240 -19.68 38.83 -91.87
CA ILE C 240 -20.51 39.88 -91.29
C ILE C 240 -20.66 41.04 -92.29
N ASN C 241 -21.89 41.53 -92.43
CA ASN C 241 -22.18 42.57 -93.42
C ASN C 241 -22.75 43.83 -92.79
N PHE C 242 -22.07 44.94 -93.03
CA PHE C 242 -22.49 46.22 -92.50
C PHE C 242 -22.99 47.09 -93.64
N GLU C 243 -24.15 47.69 -93.45
CA GLU C 243 -24.60 48.74 -94.34
C GLU C 243 -25.11 49.90 -93.49
N SER C 244 -24.70 51.11 -93.83
CA SER C 244 -25.06 52.28 -93.03
C SER C 244 -24.89 53.57 -93.82
N ASN C 245 -25.74 54.55 -93.51
CA ASN C 245 -25.56 55.86 -94.12
C ASN C 245 -25.33 56.93 -93.06
N GLY C 246 -24.84 56.50 -91.90
CA GLY C 246 -24.51 57.42 -90.82
C GLY C 246 -24.50 56.78 -89.45
N ASN C 247 -23.88 57.46 -88.48
CA ASN C 247 -23.85 57.04 -87.08
C ASN C 247 -23.14 55.71 -86.80
N PHE C 248 -22.52 55.15 -87.83
CA PHE C 248 -21.84 53.86 -87.72
C PHE C 248 -20.48 54.01 -87.04
N ILE C 249 -20.28 53.22 -85.99
CA ILE C 249 -18.97 53.13 -85.38
C ILE C 249 -18.39 51.79 -85.82
N ALA C 250 -17.60 51.83 -86.89
CA ALA C 250 -17.13 50.62 -87.56
C ALA C 250 -16.06 49.89 -86.75
N PRO C 251 -16.02 48.54 -86.89
CA PRO C 251 -14.94 47.77 -86.27
C PRO C 251 -13.63 48.05 -86.97
N GLU C 252 -12.52 47.92 -86.25
CA GLU C 252 -11.20 47.88 -86.88
C GLU C 252 -10.42 46.66 -86.41
N TYR C 253 -10.33 46.49 -85.09
CA TYR C 253 -9.71 45.30 -84.53
C TYR C 253 -10.78 44.40 -83.91
N ALA C 254 -10.58 43.09 -83.99
CA ALA C 254 -11.47 42.11 -83.39
C ALA C 254 -10.61 41.07 -82.69
N TYR C 255 -11.22 40.08 -82.06
CA TYR C 255 -10.47 39.14 -81.24
C TYR C 255 -10.68 37.69 -81.65
N LYS C 256 -9.61 37.05 -82.14
CA LYS C 256 -9.67 35.62 -82.40
C LYS C 256 -9.67 34.91 -81.07
N ILE C 257 -10.65 34.02 -80.88
CA ILE C 257 -10.69 33.21 -79.66
C ILE C 257 -9.80 31.98 -79.89
N VAL C 258 -8.56 32.06 -79.41
CA VAL C 258 -7.59 31.02 -79.71
C VAL C 258 -7.54 29.96 -78.62
N LYS C 259 -8.06 30.27 -77.43
CA LYS C 259 -8.03 29.30 -76.35
C LYS C 259 -9.25 29.34 -75.45
N LYS C 260 -10.23 28.48 -75.74
CA LYS C 260 -11.33 28.24 -74.83
C LYS C 260 -10.77 27.42 -73.67
N GLY C 261 -11.44 27.46 -72.53
CA GLY C 261 -10.97 26.75 -71.35
C GLY C 261 -11.70 27.19 -70.09
N ASP C 262 -11.33 26.63 -68.95
CA ASP C 262 -11.92 27.04 -67.69
C ASP C 262 -11.24 28.31 -67.22
N SER C 263 -12.04 29.29 -66.83
CA SER C 263 -11.50 30.56 -66.37
C SER C 263 -12.48 31.21 -65.41
N ALA C 264 -12.30 32.51 -65.15
CA ALA C 264 -13.13 33.22 -64.21
C ALA C 264 -12.92 34.72 -64.32
N ILE C 265 -13.85 35.47 -63.76
CA ILE C 265 -13.66 36.90 -63.62
C ILE C 265 -13.78 37.23 -62.14
N MET C 266 -12.63 37.46 -61.51
CA MET C 266 -12.61 37.76 -60.09
C MET C 266 -12.80 39.24 -59.82
N LYS C 267 -13.64 39.53 -58.84
CA LYS C 267 -13.79 40.88 -58.38
C LYS C 267 -12.90 41.04 -57.16
N SER C 268 -11.85 41.84 -57.31
CA SER C 268 -10.86 42.03 -56.25
C SER C 268 -10.13 43.34 -56.45
N GLU C 269 -9.88 44.05 -55.34
CA GLU C 269 -9.14 45.30 -55.41
C GLU C 269 -7.65 45.00 -55.42
N LEU C 270 -7.30 43.76 -55.08
CA LEU C 270 -5.90 43.36 -55.02
C LEU C 270 -5.26 43.45 -56.40
N GLU C 271 -3.93 43.44 -56.42
CA GLU C 271 -3.22 43.48 -57.68
C GLU C 271 -2.20 42.35 -57.72
N TYR C 272 -1.38 42.33 -58.76
CA TYR C 272 -0.45 41.23 -58.98
C TYR C 272 0.57 41.11 -57.87
N GLY C 273 0.49 40.00 -57.12
CA GLY C 273 1.60 39.58 -56.29
C GLY C 273 2.60 38.97 -57.24
N ASN C 274 3.70 38.45 -56.73
CA ASN C 274 4.63 37.78 -57.64
C ASN C 274 4.84 36.34 -57.22
N CYS C 275 3.83 35.52 -57.47
CA CYS C 275 3.81 34.17 -56.92
C CYS C 275 3.07 33.16 -57.80
N ASN C 276 3.06 31.91 -57.36
CA ASN C 276 2.39 30.83 -58.06
C ASN C 276 1.56 30.05 -57.07
N THR C 277 0.47 29.45 -57.54
CA THR C 277 -0.44 28.73 -56.65
C THR C 277 -1.27 27.69 -57.40
N LYS C 278 -1.96 26.84 -56.63
CA LYS C 278 -2.87 25.84 -57.17
C LYS C 278 -4.30 26.25 -56.90
N CYS C 279 -4.47 27.20 -55.98
CA CYS C 279 -5.80 27.64 -55.57
C CYS C 279 -5.78 29.13 -55.25
N GLN C 280 -6.64 29.88 -55.92
CA GLN C 280 -6.68 31.32 -55.81
C GLN C 280 -8.07 31.79 -55.40
N THR C 281 -8.16 32.61 -54.36
CA THR C 281 -9.42 33.26 -53.99
C THR C 281 -9.26 34.77 -54.22
N PRO C 282 -10.38 35.53 -54.19
CA PRO C 282 -10.25 36.95 -54.50
C PRO C 282 -9.54 37.75 -53.42
N MET C 283 -9.38 37.18 -52.23
CA MET C 283 -8.67 37.88 -51.17
C MET C 283 -7.26 37.33 -50.90
N GLY C 284 -6.86 36.32 -51.66
CA GLY C 284 -5.53 35.73 -51.52
C GLY C 284 -5.50 34.28 -51.95
N ALA C 285 -4.31 33.77 -52.25
CA ALA C 285 -4.14 32.39 -52.72
C ALA C 285 -4.07 31.41 -51.56
N ILE C 286 -4.31 30.12 -51.85
CA ILE C 286 -4.28 29.08 -50.83
C ILE C 286 -3.30 27.96 -51.16
N ASN C 287 -2.54 27.53 -50.16
CA ASN C 287 -1.61 26.40 -50.28
C ASN C 287 -1.83 25.46 -49.10
N SER C 288 -2.60 24.40 -49.32
CA SER C 288 -3.03 23.57 -48.20
C SER C 288 -3.31 22.11 -48.55
N SER C 289 -3.24 21.26 -47.54
CA SER C 289 -3.58 19.84 -47.67
C SER C 289 -4.94 19.59 -47.02
N MET C 290 -5.48 20.63 -46.39
CA MET C 290 -6.79 20.58 -45.76
C MET C 290 -7.88 20.26 -46.78
N PRO C 291 -8.90 19.51 -46.36
CA PRO C 291 -10.01 19.19 -47.26
C PRO C 291 -11.04 20.33 -47.34
N PHE C 292 -11.03 21.25 -46.38
CA PHE C 292 -11.97 22.37 -46.34
C PHE C 292 -11.27 23.72 -46.22
N HIS C 293 -12.04 24.79 -46.39
CA HIS C 293 -11.57 26.15 -46.11
C HIS C 293 -12.75 27.11 -45.90
N ASN C 294 -12.46 28.30 -45.42
CA ASN C 294 -13.50 29.27 -45.09
C ASN C 294 -13.16 30.68 -45.56
N ILE C 295 -12.35 30.77 -46.60
CA ILE C 295 -11.79 32.05 -47.02
C ILE C 295 -12.70 32.83 -47.98
N HIS C 296 -13.19 32.16 -49.02
CA HIS C 296 -14.09 32.78 -49.98
C HIS C 296 -14.73 31.70 -50.85
N PRO C 297 -16.03 31.82 -51.14
CA PRO C 297 -16.73 30.81 -51.93
C PRO C 297 -16.31 30.82 -53.40
N LEU C 298 -16.14 32.01 -53.97
CA LEU C 298 -15.75 32.11 -55.37
C LEU C 298 -14.26 31.86 -55.50
N THR C 299 -13.90 30.73 -56.10
CA THR C 299 -12.54 30.23 -56.08
C THR C 299 -12.19 29.63 -57.44
N ILE C 300 -10.92 29.47 -57.73
CA ILE C 300 -10.52 28.79 -58.96
C ILE C 300 -9.25 27.96 -58.76
N GLY C 301 -9.24 26.78 -59.36
CA GLY C 301 -8.12 25.86 -59.24
C GLY C 301 -8.50 24.65 -58.40
N GLU C 302 -7.54 23.74 -58.22
CA GLU C 302 -7.75 22.59 -57.34
C GLU C 302 -7.74 23.08 -55.90
N CYS C 303 -8.93 23.28 -55.35
CA CYS C 303 -9.10 23.93 -54.07
C CYS C 303 -9.80 23.05 -53.04
N PRO C 304 -9.63 23.36 -51.74
CA PRO C 304 -10.44 22.69 -50.71
C PRO C 304 -11.92 23.02 -50.90
N LYS C 305 -12.76 22.51 -50.01
CA LYS C 305 -14.19 22.72 -50.12
C LYS C 305 -14.61 23.89 -49.24
N TYR C 306 -15.31 24.86 -49.83
CA TYR C 306 -15.70 26.03 -49.05
C TYR C 306 -16.81 25.71 -48.06
N VAL C 307 -16.71 26.34 -46.89
CA VAL C 307 -17.63 26.11 -45.79
C VAL C 307 -17.66 27.39 -44.94
N LYS C 308 -18.83 27.75 -44.43
CA LYS C 308 -19.00 29.00 -43.68
C LYS C 308 -18.46 28.99 -42.24
N SER C 309 -17.99 27.84 -41.79
CA SER C 309 -17.54 27.67 -40.41
C SER C 309 -16.29 28.48 -40.09
N ASN C 310 -16.01 28.63 -38.79
CA ASN C 310 -14.75 29.22 -38.37
C ASN C 310 -13.85 28.19 -37.70
N ARG C 311 -14.44 27.05 -37.33
CA ARG C 311 -13.66 25.93 -36.79
C ARG C 311 -14.30 24.59 -37.13
N LEU C 312 -13.47 23.64 -37.56
CA LEU C 312 -13.92 22.30 -37.88
C LEU C 312 -12.83 21.31 -37.49
N VAL C 313 -12.95 20.72 -36.30
CA VAL C 313 -11.91 19.81 -35.82
C VAL C 313 -12.43 18.40 -35.55
N LEU C 314 -11.78 17.43 -36.19
CA LEU C 314 -12.14 16.03 -36.07
C LEU C 314 -11.34 15.38 -34.94
N ALA C 315 -11.99 14.52 -34.18
CA ALA C 315 -11.34 13.83 -33.07
C ALA C 315 -10.78 12.50 -33.54
N THR C 316 -9.47 12.34 -33.47
CA THR C 316 -8.83 11.07 -33.82
C THR C 316 -8.50 10.25 -32.57
N GLY C 317 -7.99 10.92 -31.54
CA GLY C 317 -7.61 10.25 -30.30
C GLY C 317 -8.78 10.05 -29.36
N LEU C 318 -8.52 10.13 -28.06
CA LEU C 318 -9.57 9.90 -27.06
C LEU C 318 -9.54 10.94 -25.93
N ARG C 319 -10.47 10.79 -24.99
CA ARG C 319 -10.65 11.75 -23.89
C ARG C 319 -9.40 11.90 -23.01
N ASN C 320 -9.20 13.09 -22.46
CA ASN C 320 -7.98 13.38 -21.72
C ASN C 320 -8.20 14.23 -20.47
N SER C 321 -8.06 13.62 -19.29
CA SER C 321 -8.18 14.34 -18.03
C SER C 321 -6.87 15.04 -17.68
N GLY D 1 -19.12 8.70 -20.75
CA GLY D 1 -18.81 7.38 -21.26
C GLY D 1 -20.04 6.53 -21.54
N LEU D 2 -20.21 6.11 -22.79
CA LEU D 2 -21.37 5.33 -23.19
C LEU D 2 -21.22 3.87 -22.77
N PHE D 3 -19.98 3.38 -22.77
CA PHE D 3 -19.70 2.02 -22.32
C PHE D 3 -19.18 2.03 -20.88
N GLY D 4 -18.82 3.21 -20.40
CA GLY D 4 -18.49 3.40 -19.00
C GLY D 4 -17.07 3.04 -18.59
N ALA D 5 -16.27 2.58 -19.55
CA ALA D 5 -14.89 2.23 -19.27
C ALA D 5 -14.05 3.47 -18.98
N ILE D 6 -13.85 4.29 -20.01
CA ILE D 6 -13.06 5.52 -19.87
C ILE D 6 -13.77 6.51 -18.96
N ALA D 7 -13.04 7.00 -17.96
CA ALA D 7 -13.54 7.97 -16.98
C ALA D 7 -14.78 7.48 -16.21
N GLY D 8 -14.99 6.16 -16.23
CA GLY D 8 -16.08 5.55 -15.49
C GLY D 8 -15.56 4.80 -14.29
N PHE D 9 -15.39 3.49 -14.43
CA PHE D 9 -14.78 2.70 -13.36
C PHE D 9 -13.25 2.81 -13.37
N ILE D 10 -12.72 3.33 -14.47
CA ILE D 10 -11.30 3.68 -14.55
C ILE D 10 -11.17 5.18 -14.48
N GLU D 11 -10.67 5.68 -13.35
CA GLU D 11 -10.73 7.11 -13.02
C GLU D 11 -10.01 8.03 -13.99
N GLY D 12 -8.92 7.55 -14.60
CA GLY D 12 -8.12 8.39 -15.47
C GLY D 12 -7.20 7.66 -16.43
N GLY D 13 -6.27 8.42 -17.01
CA GLY D 13 -5.37 7.87 -18.02
C GLY D 13 -3.94 7.69 -17.55
N TRP D 14 -3.23 6.79 -18.21
CA TRP D 14 -1.85 6.47 -17.85
C TRP D 14 -0.83 7.20 -18.71
N GLN D 15 -0.35 8.32 -18.19
CA GLN D 15 0.66 9.15 -18.85
C GLN D 15 1.88 8.34 -19.29
N GLY D 16 2.27 7.38 -18.45
CA GLY D 16 3.46 6.60 -18.70
C GLY D 16 3.41 5.71 -19.91
N MET D 17 2.21 5.47 -20.43
CA MET D 17 2.05 4.60 -21.59
C MET D 17 2.10 5.39 -22.88
N VAL D 18 3.30 5.68 -23.35
CA VAL D 18 3.50 6.44 -24.58
C VAL D 18 3.62 5.52 -25.80
N ASP D 19 3.02 4.34 -25.72
CA ASP D 19 3.19 3.34 -26.76
C ASP D 19 1.93 3.04 -27.57
N GLY D 20 0.80 3.62 -27.16
CA GLY D 20 -0.44 3.41 -27.88
C GLY D 20 -1.67 3.86 -27.12
N TRP D 21 -2.85 3.63 -27.71
CA TRP D 21 -4.11 4.06 -27.12
C TRP D 21 -4.60 3.14 -26.01
N TYR D 22 -4.41 1.83 -26.21
CA TYR D 22 -4.82 0.85 -25.21
C TYR D 22 -3.66 -0.05 -24.83
N GLY D 23 -3.60 -0.47 -23.56
CA GLY D 23 -2.52 -1.31 -23.09
C GLY D 23 -2.70 -1.86 -21.68
N TYR D 24 -1.58 -2.16 -21.02
CA TYR D 24 -1.61 -2.74 -19.69
C TYR D 24 -0.61 -2.08 -18.73
N HIS D 25 -0.68 -2.50 -17.47
CA HIS D 25 0.28 -2.11 -16.44
C HIS D 25 0.34 -3.20 -15.38
N HIS D 26 1.41 -3.98 -15.38
CA HIS D 26 1.54 -5.06 -14.40
C HIS D 26 2.52 -4.70 -13.28
N SER D 27 2.54 -5.54 -12.24
CA SER D 27 3.47 -5.39 -11.13
C SER D 27 3.62 -6.71 -10.40
N ASN D 28 4.46 -7.59 -10.94
CA ASN D 28 4.67 -8.91 -10.36
C ASN D 28 5.94 -8.99 -9.51
N GLU D 29 6.60 -10.14 -9.57
CA GLU D 29 7.85 -10.34 -8.86
C GLU D 29 8.99 -9.55 -9.52
N GLN D 30 9.03 -9.61 -10.85
CA GLN D 30 10.14 -9.06 -11.62
C GLN D 30 10.00 -7.58 -11.98
N GLY D 31 9.08 -6.88 -11.30
CA GLY D 31 8.92 -5.45 -11.48
C GLY D 31 7.61 -5.03 -12.11
N SER D 32 7.48 -3.72 -12.35
CA SER D 32 6.29 -3.16 -12.99
C SER D 32 6.49 -3.03 -14.51
N GLY D 33 5.68 -2.19 -15.15
CA GLY D 33 5.86 -1.93 -16.57
C GLY D 33 4.61 -1.60 -17.36
N TYR D 34 4.83 -1.19 -18.61
CA TYR D 34 3.75 -0.90 -19.55
C TYR D 34 3.97 -1.67 -20.85
N ALA D 35 2.88 -1.99 -21.53
CA ALA D 35 2.95 -2.65 -22.83
C ALA D 35 1.72 -2.30 -23.67
N ALA D 36 1.95 -1.71 -24.84
CA ALA D 36 0.86 -1.32 -25.72
C ALA D 36 0.24 -2.53 -26.39
N ASP D 37 -1.07 -2.69 -26.22
CA ASP D 37 -1.79 -3.75 -26.91
C ASP D 37 -1.85 -3.42 -28.39
N LYS D 38 -0.85 -3.89 -29.13
CA LYS D 38 -0.76 -3.61 -30.56
C LYS D 38 -1.94 -4.19 -31.33
N GLU D 39 -2.67 -5.10 -30.68
CA GLU D 39 -3.87 -5.71 -31.26
C GLU D 39 -5.00 -4.70 -31.44
N SER D 40 -5.56 -4.23 -30.31
CA SER D 40 -6.68 -3.31 -30.34
C SER D 40 -6.26 -1.89 -30.75
N THR D 41 -4.98 -1.58 -30.61
CA THR D 41 -4.44 -0.30 -31.07
C THR D 41 -4.50 -0.24 -32.60
N GLN D 42 -4.40 -1.40 -33.25
CA GLN D 42 -4.46 -1.46 -34.70
C GLN D 42 -5.89 -1.40 -35.25
N LYS D 43 -6.81 -2.13 -34.63
CA LYS D 43 -8.22 -2.08 -35.04
C LYS D 43 -8.86 -0.73 -34.70
N ALA D 44 -8.09 0.13 -34.01
CA ALA D 44 -8.55 1.48 -33.67
C ALA D 44 -7.96 2.50 -34.63
N ILE D 45 -6.68 2.37 -34.93
CA ILE D 45 -6.02 3.25 -35.90
C ILE D 45 -6.61 3.01 -37.30
N ASP D 46 -6.99 1.77 -37.57
CA ASP D 46 -7.71 1.44 -38.79
C ASP D 46 -9.07 2.12 -38.81
N GLY D 47 -9.65 2.29 -37.64
CA GLY D 47 -10.96 2.89 -37.52
C GLY D 47 -11.00 4.36 -37.89
N VAL D 48 -10.17 5.15 -37.24
CA VAL D 48 -10.22 6.60 -37.41
C VAL D 48 -9.58 7.04 -38.74
N THR D 49 -8.64 6.26 -39.24
CA THR D 49 -8.00 6.58 -40.51
C THR D 49 -9.04 6.46 -41.62
N ASN D 50 -9.77 5.35 -41.62
CA ASN D 50 -10.86 5.15 -42.57
C ASN D 50 -11.97 6.17 -42.36
N LYS D 51 -12.22 6.53 -41.10
CA LYS D 51 -13.25 7.51 -40.77
C LYS D 51 -12.92 8.89 -41.33
N VAL D 52 -11.70 9.37 -41.08
CA VAL D 52 -11.26 10.65 -41.61
C VAL D 52 -11.37 10.67 -43.14
N ASN D 53 -10.80 9.65 -43.77
CA ASN D 53 -10.80 9.56 -45.23
C ASN D 53 -12.19 9.42 -45.83
N SER D 54 -13.12 8.81 -45.08
CA SER D 54 -14.48 8.66 -45.56
C SER D 54 -15.23 9.99 -45.48
N ILE D 55 -15.00 10.73 -44.40
CA ILE D 55 -15.59 12.05 -44.23
C ILE D 55 -15.13 12.98 -45.35
N ILE D 56 -13.86 12.86 -45.72
CA ILE D 56 -13.29 13.65 -46.79
C ILE D 56 -13.76 13.20 -48.18
N ASP D 57 -13.82 11.88 -48.39
CA ASP D 57 -14.24 11.35 -49.68
C ASP D 57 -15.73 11.54 -49.96
N LYS D 58 -16.53 11.61 -48.90
CA LYS D 58 -17.97 11.83 -49.04
C LYS D 58 -18.27 13.24 -49.53
N MET D 59 -17.26 14.11 -49.49
CA MET D 59 -17.48 15.52 -49.80
C MET D 59 -16.44 16.11 -50.74
N ASN D 60 -15.97 15.33 -51.72
CA ASN D 60 -15.01 15.88 -52.68
C ASN D 60 -15.70 16.57 -53.86
N THR D 61 -16.86 16.04 -54.26
CA THR D 61 -17.76 16.77 -55.15
C THR D 61 -18.87 17.38 -54.30
N GLN D 62 -18.71 18.66 -54.00
CA GLN D 62 -19.57 19.37 -53.07
C GLN D 62 -20.45 20.36 -53.83
N PHE D 63 -20.13 21.64 -53.72
CA PHE D 63 -20.78 22.67 -54.53
C PHE D 63 -19.84 23.81 -54.82
N GLU D 64 -19.57 24.05 -56.09
CA GLU D 64 -18.73 25.15 -56.51
C GLU D 64 -19.61 26.33 -56.88
N ALA D 65 -19.21 27.53 -56.46
CA ALA D 65 -19.95 28.73 -56.84
C ALA D 65 -19.19 29.41 -57.96
N VAL D 66 -19.88 29.71 -59.07
CA VAL D 66 -19.25 30.48 -60.13
C VAL D 66 -19.81 31.90 -60.17
N GLY D 67 -19.01 32.82 -60.69
CA GLY D 67 -19.40 34.21 -60.74
C GLY D 67 -20.26 34.52 -61.94
N ARG D 68 -21.43 35.08 -61.67
CA ARG D 68 -22.33 35.54 -62.71
C ARG D 68 -22.77 36.94 -62.33
N GLU D 69 -22.96 37.80 -63.32
CA GLU D 69 -23.36 39.16 -63.04
C GLU D 69 -24.68 39.47 -63.72
N PHE D 70 -25.38 40.50 -63.22
CA PHE D 70 -26.70 40.85 -63.71
C PHE D 70 -26.88 42.35 -63.69
N ASN D 71 -27.56 42.89 -64.70
CA ASN D 71 -27.82 44.33 -64.76
C ASN D 71 -28.93 44.83 -63.83
N ASN D 72 -29.24 46.12 -63.94
CA ASN D 72 -30.20 46.77 -63.05
C ASN D 72 -31.64 46.29 -63.25
N LEU D 73 -31.90 45.65 -64.40
CA LEU D 73 -33.25 45.14 -64.67
C LEU D 73 -33.28 43.62 -64.67
N GLU D 74 -32.38 43.03 -63.89
CA GLU D 74 -32.33 41.60 -63.71
C GLU D 74 -32.18 41.31 -62.23
N ARG D 75 -32.92 42.06 -61.42
CA ARG D 75 -32.81 41.93 -59.98
C ARG D 75 -33.43 40.64 -59.44
N ARG D 76 -34.41 40.11 -60.17
CA ARG D 76 -35.06 38.87 -59.78
C ARG D 76 -34.11 37.68 -59.90
N ILE D 77 -33.54 37.46 -61.10
CA ILE D 77 -32.67 36.31 -61.30
C ILE D 77 -31.37 36.49 -60.51
N GLU D 78 -30.98 37.74 -60.31
CA GLU D 78 -29.79 38.03 -59.50
C GLU D 78 -30.00 37.56 -58.07
N ASN D 79 -31.20 37.79 -57.55
CA ASN D 79 -31.54 37.35 -56.20
C ASN D 79 -31.68 35.84 -56.18
N LEU D 80 -32.26 35.28 -57.24
CA LEU D 80 -32.38 33.84 -57.39
C LEU D 80 -30.98 33.25 -57.38
N ASN D 81 -30.09 33.84 -58.17
CA ASN D 81 -28.73 33.36 -58.23
C ASN D 81 -28.06 33.43 -56.86
N LYS D 82 -28.19 34.58 -56.22
CA LYS D 82 -27.60 34.80 -54.91
C LYS D 82 -28.06 33.75 -53.90
N LYS D 83 -29.37 33.59 -53.75
CA LYS D 83 -29.90 32.69 -52.74
C LYS D 83 -29.72 31.22 -53.08
N MET D 84 -29.60 30.91 -54.36
CA MET D 84 -29.39 29.53 -54.75
C MET D 84 -27.95 29.07 -54.45
N GLU D 85 -27.00 29.98 -54.56
CA GLU D 85 -25.60 29.66 -54.27
C GLU D 85 -25.33 29.72 -52.78
N ASP D 86 -25.94 30.70 -52.11
CA ASP D 86 -25.93 30.75 -50.65
C ASP D 86 -26.63 29.51 -50.12
N GLY D 87 -27.64 29.05 -50.84
CA GLY D 87 -28.41 27.89 -50.41
C GLY D 87 -27.55 26.65 -50.27
N PHE D 88 -26.92 26.25 -51.37
CA PHE D 88 -26.08 25.06 -51.37
C PHE D 88 -24.88 25.18 -50.43
N LEU D 89 -24.30 26.37 -50.33
CA LEU D 89 -23.14 26.52 -49.47
C LEU D 89 -23.55 26.52 -47.98
N ASP D 90 -24.84 26.69 -47.72
CA ASP D 90 -25.34 26.57 -46.36
C ASP D 90 -25.55 25.11 -46.00
N VAL D 91 -26.19 24.34 -46.88
CA VAL D 91 -26.48 22.95 -46.59
C VAL D 91 -25.19 22.13 -46.44
N TRP D 92 -24.17 22.48 -47.23
CA TRP D 92 -22.90 21.76 -47.19
C TRP D 92 -22.08 22.12 -45.97
N THR D 93 -22.29 23.34 -45.47
CA THR D 93 -21.71 23.77 -44.21
C THR D 93 -22.40 23.01 -43.08
N TYR D 94 -23.71 22.82 -43.22
CA TYR D 94 -24.47 22.04 -42.26
C TYR D 94 -24.00 20.60 -42.29
N ASN D 95 -23.91 20.05 -43.49
CA ASN D 95 -23.49 18.66 -43.68
C ASN D 95 -22.11 18.36 -43.09
N ALA D 96 -21.20 19.33 -43.18
CA ALA D 96 -19.84 19.15 -42.67
C ALA D 96 -19.83 19.19 -41.16
N GLU D 97 -20.38 20.26 -40.58
CA GLU D 97 -20.42 20.44 -39.14
C GLU D 97 -21.18 19.32 -38.44
N LEU D 98 -22.29 18.91 -39.02
CA LEU D 98 -23.15 17.89 -38.44
C LEU D 98 -22.49 16.51 -38.47
N LEU D 99 -21.79 16.23 -39.56
CA LEU D 99 -21.08 14.95 -39.68
C LEU D 99 -19.91 14.89 -38.70
N VAL D 100 -19.31 16.04 -38.41
CA VAL D 100 -18.22 16.10 -37.45
C VAL D 100 -18.73 15.90 -36.02
N LEU D 101 -19.81 16.58 -35.67
CA LEU D 101 -20.41 16.43 -34.35
C LEU D 101 -20.81 14.99 -34.09
N MET D 102 -21.40 14.37 -35.10
CA MET D 102 -21.92 13.01 -34.96
C MET D 102 -20.81 11.96 -34.93
N GLU D 103 -19.72 12.21 -35.64
CA GLU D 103 -18.64 11.22 -35.72
C GLU D 103 -17.53 11.45 -34.68
N ASN D 104 -17.49 12.65 -34.10
CA ASN D 104 -16.63 12.88 -32.96
C ASN D 104 -17.13 12.06 -31.79
N GLU D 105 -18.45 11.96 -31.68
CA GLU D 105 -19.09 11.21 -30.59
C GLU D 105 -18.88 9.71 -30.78
N ARG D 106 -19.21 9.20 -31.96
CA ARG D 106 -19.02 7.78 -32.24
C ARG D 106 -17.53 7.41 -32.22
N THR D 107 -16.68 8.44 -32.15
CA THR D 107 -15.24 8.24 -32.02
C THR D 107 -14.88 8.03 -30.56
N LEU D 108 -15.39 8.90 -29.69
CA LEU D 108 -15.12 8.79 -28.26
C LEU D 108 -15.70 7.50 -27.67
N ASP D 109 -16.94 7.20 -28.06
CA ASP D 109 -17.59 5.97 -27.60
C ASP D 109 -16.94 4.73 -28.21
N PHE D 110 -16.09 4.93 -29.21
CA PHE D 110 -15.38 3.83 -29.84
C PHE D 110 -14.14 3.45 -29.02
N HIS D 111 -13.48 4.45 -28.43
CA HIS D 111 -12.36 4.20 -27.55
C HIS D 111 -12.85 3.64 -26.23
N ASP D 112 -14.04 4.08 -25.82
CA ASP D 112 -14.68 3.57 -24.62
C ASP D 112 -15.04 2.10 -24.84
N SER D 113 -15.47 1.79 -26.06
CA SER D 113 -15.84 0.43 -26.43
C SER D 113 -14.62 -0.50 -26.38
N ASN D 114 -13.50 -0.03 -26.93
CA ASN D 114 -12.29 -0.84 -26.99
C ASN D 114 -11.71 -1.18 -25.62
N VAL D 115 -11.71 -0.20 -24.72
CA VAL D 115 -11.26 -0.41 -23.34
C VAL D 115 -12.17 -1.41 -22.64
N LYS D 116 -13.48 -1.21 -22.78
CA LYS D 116 -14.48 -2.12 -22.25
C LYS D 116 -14.30 -3.52 -22.83
N ASN D 117 -13.76 -3.60 -24.05
CA ASN D 117 -13.56 -4.88 -24.72
C ASN D 117 -12.18 -5.49 -24.44
N LEU D 118 -11.31 -4.72 -23.79
CA LEU D 118 -10.00 -5.23 -23.41
C LEU D 118 -10.02 -5.71 -21.97
N TYR D 119 -10.74 -4.97 -21.12
CA TYR D 119 -10.96 -5.38 -19.74
C TYR D 119 -11.74 -6.68 -19.72
N ASP D 120 -12.58 -6.88 -20.73
CA ASP D 120 -13.35 -8.11 -20.86
C ASP D 120 -12.55 -9.21 -21.56
N LYS D 121 -11.47 -8.84 -22.23
CA LYS D 121 -10.60 -9.83 -22.84
C LYS D 121 -9.82 -10.55 -21.74
N VAL D 122 -9.37 -9.78 -20.77
CA VAL D 122 -8.63 -10.29 -19.63
C VAL D 122 -9.56 -10.95 -18.62
N ARG D 123 -10.69 -10.31 -18.35
CA ARG D 123 -11.64 -10.82 -17.37
C ARG D 123 -12.21 -12.17 -17.78
N LEU D 124 -12.38 -12.38 -19.07
CA LEU D 124 -12.92 -13.64 -19.58
C LEU D 124 -11.83 -14.70 -19.73
N GLN D 125 -10.68 -14.45 -19.13
CA GLN D 125 -9.58 -15.42 -19.14
C GLN D 125 -9.15 -15.82 -17.72
N LEU D 126 -9.01 -14.81 -16.86
CA LEU D 126 -8.60 -15.04 -15.48
C LEU D 126 -9.81 -15.13 -14.57
N ARG D 127 -10.67 -16.12 -14.84
CA ARG D 127 -11.95 -16.25 -14.16
C ARG D 127 -11.84 -16.37 -12.64
N ASP D 128 -11.36 -17.51 -12.16
CA ASP D 128 -11.17 -17.74 -10.73
C ASP D 128 -9.77 -17.38 -10.27
N ASN D 129 -8.84 -17.34 -11.22
CA ASN D 129 -7.42 -17.14 -10.92
C ASN D 129 -7.08 -15.73 -10.47
N ALA D 130 -8.09 -14.87 -10.38
CA ALA D 130 -7.88 -13.48 -9.98
C ALA D 130 -9.14 -12.86 -9.40
N LYS D 131 -8.99 -11.71 -8.74
CA LYS D 131 -10.12 -10.96 -8.22
C LYS D 131 -10.23 -9.58 -8.86
N GLU D 132 -11.40 -9.29 -9.43
CA GLU D 132 -11.65 -8.01 -10.10
C GLU D 132 -11.70 -6.90 -9.06
N LEU D 133 -10.65 -6.09 -8.98
CA LEU D 133 -10.62 -5.00 -8.01
C LEU D 133 -11.72 -3.98 -8.29
N GLY D 134 -12.05 -3.78 -9.57
CA GLY D 134 -13.14 -2.91 -9.95
C GLY D 134 -12.74 -1.50 -10.31
N ASN D 135 -11.46 -1.17 -10.07
CA ASN D 135 -10.92 0.13 -10.44
C ASN D 135 -10.18 0.04 -11.77
N GLY D 136 -10.25 -1.14 -12.38
CA GLY D 136 -9.59 -1.40 -13.65
C GLY D 136 -8.52 -2.46 -13.52
N CYS D 137 -8.25 -2.87 -12.29
CA CYS D 137 -7.16 -3.80 -12.02
C CYS D 137 -7.64 -5.17 -11.56
N PHE D 138 -6.74 -6.15 -11.65
CA PHE D 138 -6.99 -7.49 -11.13
C PHE D 138 -5.87 -7.91 -10.18
N GLU D 139 -6.18 -8.79 -9.24
CA GLU D 139 -5.19 -9.31 -8.31
C GLU D 139 -5.18 -10.84 -8.33
N PHE D 140 -4.01 -11.42 -8.56
CA PHE D 140 -3.89 -12.86 -8.81
C PHE D 140 -3.99 -13.72 -7.54
N TYR D 141 -4.47 -14.95 -7.72
CA TYR D 141 -4.49 -15.94 -6.65
C TYR D 141 -3.28 -16.86 -6.74
N HIS D 142 -2.34 -16.46 -7.61
CA HIS D 142 -1.04 -17.10 -7.70
C HIS D 142 -0.01 -16.05 -8.13
N LYS D 143 1.25 -16.44 -8.24
CA LYS D 143 2.26 -15.51 -8.73
C LYS D 143 2.28 -15.54 -10.25
N CYS D 144 2.53 -14.40 -10.87
CA CYS D 144 2.47 -14.30 -12.32
C CYS D 144 3.78 -13.74 -12.90
N ASP D 145 4.68 -14.64 -13.29
CA ASP D 145 5.98 -14.25 -13.83
C ASP D 145 5.87 -13.47 -15.15
N ASN D 146 7.00 -12.95 -15.62
CA ASN D 146 7.02 -12.14 -16.84
C ASN D 146 6.73 -12.94 -18.11
N GLU D 147 6.53 -14.24 -17.97
CA GLU D 147 6.10 -15.07 -19.10
C GLU D 147 4.61 -15.38 -18.94
N CYS D 148 4.08 -15.19 -17.74
CA CYS D 148 2.66 -15.35 -17.49
C CYS D 148 1.88 -14.15 -18.01
N MET D 149 2.50 -12.98 -17.93
CA MET D 149 1.88 -11.74 -18.41
C MET D 149 1.74 -11.78 -19.93
N GLU D 150 2.72 -12.36 -20.61
CA GLU D 150 2.75 -12.42 -22.07
C GLU D 150 1.65 -13.31 -22.66
N SER D 151 1.33 -14.41 -21.97
CA SER D 151 0.30 -15.33 -22.46
C SER D 151 -1.07 -14.66 -22.46
N ILE D 152 -1.31 -13.82 -21.45
CA ILE D 152 -2.53 -13.03 -21.40
C ILE D 152 -2.47 -11.94 -22.46
N ARG D 153 -1.27 -11.38 -22.64
CA ARG D 153 -1.08 -10.28 -23.59
C ARG D 153 -1.22 -10.68 -25.05
N ASN D 154 -1.33 -11.98 -25.33
CA ASN D 154 -1.52 -12.41 -26.72
C ASN D 154 -2.65 -13.43 -26.97
N GLY D 155 -3.49 -13.66 -25.97
CA GLY D 155 -4.76 -14.32 -26.22
C GLY D 155 -5.03 -15.70 -25.65
N THR D 156 -3.99 -16.44 -25.28
CA THR D 156 -4.18 -17.79 -24.76
C THR D 156 -3.54 -18.02 -23.40
N TYR D 157 -4.36 -17.91 -22.35
CA TYR D 157 -3.92 -18.12 -20.98
C TYR D 157 -4.37 -19.50 -20.49
N ASN D 158 -3.48 -20.20 -19.81
CA ASN D 158 -3.77 -21.56 -19.33
C ASN D 158 -4.48 -21.56 -17.99
N TYR D 159 -5.67 -22.16 -17.95
CA TYR D 159 -6.47 -22.23 -16.72
C TYR D 159 -5.88 -23.09 -15.58
N PRO D 160 -5.34 -24.29 -15.91
CA PRO D 160 -4.70 -25.09 -14.85
C PRO D 160 -3.65 -24.34 -14.04
N GLN D 161 -4.08 -23.62 -13.01
CA GLN D 161 -3.16 -22.88 -12.14
C GLN D 161 -3.67 -22.68 -10.70
N TYR D 162 -4.30 -23.71 -10.14
CA TYR D 162 -4.78 -23.75 -8.74
C TYR D 162 -5.57 -22.53 -8.23
N SER D 163 -5.89 -22.53 -6.94
CA SER D 163 -6.70 -21.46 -6.36
C SER D 163 -6.37 -21.17 -4.89
N GLU D 164 -6.98 -20.09 -4.37
CA GLU D 164 -6.69 -19.49 -3.06
C GLU D 164 -5.30 -19.78 -2.48
N GLN E 1 -16.66 82.52 -84.19
CA GLN E 1 -17.35 83.81 -84.28
C GLN E 1 -17.68 84.15 -85.73
N ASP E 2 -18.67 85.01 -85.92
CA ASP E 2 -19.34 85.20 -87.21
C ASP E 2 -19.93 86.61 -87.31
N GLN E 3 -20.03 87.14 -88.53
CA GLN E 3 -20.52 88.51 -88.75
C GLN E 3 -21.39 88.68 -89.99
N ILE E 4 -22.20 89.74 -89.99
CA ILE E 4 -22.95 90.18 -91.17
C ILE E 4 -23.01 91.70 -91.20
N CYS E 5 -22.73 92.29 -92.36
CA CYS E 5 -22.64 93.74 -92.49
C CYS E 5 -23.39 94.28 -93.71
N ILE E 6 -24.13 95.37 -93.50
CA ILE E 6 -24.83 96.04 -94.60
C ILE E 6 -24.08 97.31 -94.99
N GLY E 7 -23.81 97.46 -96.28
CA GLY E 7 -23.10 98.62 -96.78
C GLY E 7 -23.61 99.06 -98.14
N TYR E 8 -22.85 99.93 -98.80
CA TYR E 8 -23.26 100.46 -100.09
C TYR E 8 -22.10 100.57 -101.09
N HIS E 9 -22.45 100.80 -102.36
CA HIS E 9 -21.48 100.91 -103.44
C HIS E 9 -20.56 102.12 -103.28
N ALA E 10 -19.38 102.04 -103.87
CA ALA E 10 -18.48 103.19 -103.98
C ALA E 10 -17.53 102.93 -105.15
N ASN E 11 -16.95 104.01 -105.69
CA ASN E 11 -15.96 103.86 -106.76
C ASN E 11 -14.98 105.04 -106.89
N ASN E 12 -14.50 105.26 -108.11
CA ASN E 12 -13.40 106.19 -108.35
C ASN E 12 -13.78 107.45 -109.14
N SER E 13 -15.06 107.58 -109.50
CA SER E 13 -15.50 108.73 -110.29
C SER E 13 -15.48 110.03 -109.49
N THR E 14 -14.94 111.08 -110.10
CA THR E 14 -14.83 112.39 -109.45
C THR E 14 -15.97 113.33 -109.82
N GLU E 15 -16.87 112.86 -110.67
CA GLU E 15 -17.98 113.68 -111.15
C GLU E 15 -18.85 114.22 -110.01
N GLN E 16 -19.23 115.49 -110.13
CA GLN E 16 -19.98 116.16 -109.08
C GLN E 16 -21.35 116.64 -109.58
N VAL E 17 -22.30 116.76 -108.66
CA VAL E 17 -23.60 117.34 -108.97
C VAL E 17 -23.94 118.39 -107.91
N ASP E 18 -25.01 119.13 -108.13
CA ASP E 18 -25.47 120.11 -107.14
C ASP E 18 -26.82 119.70 -106.56
N THR E 19 -27.06 120.12 -105.33
CA THR E 19 -28.39 120.05 -104.72
C THR E 19 -28.72 121.44 -104.19
N ILE E 20 -29.90 121.59 -103.60
CA ILE E 20 -30.30 122.87 -103.06
C ILE E 20 -29.42 123.26 -101.87
N MET E 21 -29.15 122.29 -101.00
CA MET E 21 -28.42 122.55 -99.76
C MET E 21 -26.90 122.42 -99.88
N GLU E 22 -26.42 121.94 -101.03
CA GLU E 22 -25.00 121.64 -101.16
C GLU E 22 -24.54 121.58 -102.62
N LYS E 23 -23.42 122.24 -102.91
CA LYS E 23 -22.85 122.23 -104.26
C LYS E 23 -21.69 121.24 -104.33
N ASN E 24 -21.22 121.01 -105.55
CA ASN E 24 -19.98 120.25 -105.80
C ASN E 24 -19.89 118.92 -105.03
N VAL E 25 -20.94 118.11 -105.11
CA VAL E 25 -20.98 116.83 -104.40
C VAL E 25 -20.62 115.66 -105.31
N THR E 26 -19.56 114.95 -104.96
CA THR E 26 -19.08 113.82 -105.75
C THR E 26 -20.02 112.63 -105.61
N VAL E 27 -20.20 111.88 -106.69
CA VAL E 27 -21.09 110.72 -106.69
C VAL E 27 -20.52 109.52 -107.44
N THR E 28 -21.16 108.38 -107.26
CA THR E 28 -20.73 107.14 -107.92
C THR E 28 -21.05 107.17 -109.40
N HIS E 29 -22.29 107.53 -109.72
CA HIS E 29 -22.75 107.58 -111.10
C HIS E 29 -23.60 108.81 -111.36
N ALA E 30 -23.47 109.38 -112.55
CA ALA E 30 -24.25 110.56 -112.92
C ALA E 30 -24.63 110.54 -114.39
N GLN E 31 -25.42 111.52 -114.81
CA GLN E 31 -25.82 111.64 -116.21
C GLN E 31 -25.89 113.11 -116.60
N ASP E 32 -25.05 113.51 -117.55
CA ASP E 32 -25.09 114.87 -118.07
C ASP E 32 -26.17 114.97 -119.14
N ILE E 33 -27.10 115.90 -118.94
CA ILE E 33 -28.22 116.05 -119.85
C ILE E 33 -28.13 117.31 -120.70
N LEU E 34 -26.93 117.87 -120.80
CA LEU E 34 -26.74 119.14 -121.50
C LEU E 34 -25.70 119.05 -122.61
N GLU E 35 -26.15 119.03 -123.86
CA GLU E 35 -25.26 119.04 -125.01
C GLU E 35 -24.64 120.41 -125.18
N LYS E 36 -23.32 120.48 -125.21
CA LYS E 36 -22.62 121.77 -125.23
C LYS E 36 -21.67 121.90 -126.42
N THR E 37 -21.89 121.09 -127.45
CA THR E 37 -21.00 121.08 -128.60
C THR E 37 -21.75 120.98 -129.92
N HIS E 38 -21.29 121.76 -130.89
CA HIS E 38 -21.81 121.74 -132.25
C HIS E 38 -20.64 121.54 -133.21
N ASN E 39 -20.93 121.35 -134.49
CA ASN E 39 -19.87 121.13 -135.46
C ASN E 39 -19.34 122.40 -136.14
N GLY E 40 -19.92 123.54 -135.78
CA GLY E 40 -19.50 124.81 -136.34
C GLY E 40 -19.73 124.93 -137.83
N LYS E 41 -20.70 124.17 -138.34
CA LYS E 41 -21.01 124.18 -139.78
C LYS E 41 -22.49 124.39 -140.06
N LEU E 42 -22.80 124.79 -141.29
CA LEU E 42 -24.16 124.89 -141.76
C LEU E 42 -24.47 123.71 -142.69
N CYS E 43 -25.26 122.76 -142.19
CA CYS E 43 -25.47 121.50 -142.90
C CYS E 43 -26.79 121.40 -143.64
N ASP E 44 -26.92 120.37 -144.46
CA ASP E 44 -28.22 119.98 -145.01
C ASP E 44 -29.08 119.54 -143.83
N LEU E 45 -30.40 119.63 -143.98
CA LEU E 45 -31.29 119.19 -142.93
C LEU E 45 -32.02 117.94 -143.42
N ASP E 46 -31.64 116.79 -142.89
CA ASP E 46 -32.20 115.51 -143.34
C ASP E 46 -32.10 115.34 -144.85
N GLY E 47 -30.96 115.72 -145.40
CA GLY E 47 -30.70 115.51 -146.82
C GLY E 47 -31.19 116.58 -147.77
N VAL E 48 -31.94 117.55 -147.27
CA VAL E 48 -32.33 118.69 -148.10
C VAL E 48 -31.48 119.92 -147.76
N LYS E 49 -30.81 120.46 -148.76
CA LYS E 49 -29.77 121.49 -148.58
C LYS E 49 -30.32 122.90 -148.38
N PRO E 50 -29.76 123.65 -147.42
CA PRO E 50 -30.19 125.03 -147.18
C PRO E 50 -29.89 125.95 -148.36
N LEU E 51 -30.55 127.10 -148.37
CA LEU E 51 -30.29 128.14 -149.36
C LEU E 51 -29.47 129.21 -148.68
N ILE E 52 -28.22 129.30 -149.07
CA ILE E 52 -27.33 130.24 -148.42
C ILE E 52 -27.16 131.47 -149.29
N LEU E 53 -27.93 132.50 -148.97
CA LEU E 53 -27.72 133.81 -149.55
C LEU E 53 -26.34 134.18 -149.03
N ARG E 54 -25.49 134.71 -149.89
CA ARG E 54 -24.12 134.98 -149.47
C ARG E 54 -23.96 136.42 -149.06
N ASP E 55 -23.70 137.28 -150.03
CA ASP E 55 -23.68 138.70 -149.77
C ASP E 55 -24.92 139.34 -150.38
N CYS E 56 -25.93 138.52 -150.63
CA CYS E 56 -27.23 138.98 -151.08
C CYS E 56 -28.27 138.93 -149.95
N SER E 57 -29.17 139.91 -149.95
CA SER E 57 -30.31 139.92 -149.03
C SER E 57 -31.50 139.23 -149.67
N VAL E 58 -32.57 139.04 -148.90
CA VAL E 58 -33.78 138.46 -149.45
C VAL E 58 -34.28 139.33 -150.59
N ALA E 59 -34.21 140.64 -150.39
CA ALA E 59 -34.68 141.59 -151.38
C ALA E 59 -33.83 141.56 -152.64
N GLY E 60 -32.53 141.36 -152.47
CA GLY E 60 -31.63 141.29 -153.61
C GLY E 60 -31.92 140.04 -154.41
N TRP E 61 -32.20 138.96 -153.70
CA TRP E 61 -32.57 137.70 -154.34
C TRP E 61 -33.90 137.82 -155.08
N LEU E 62 -34.94 138.24 -154.37
CA LEU E 62 -36.27 138.20 -154.93
C LEU E 62 -36.45 139.22 -156.05
N LEU E 63 -35.76 140.34 -155.95
CA LEU E 63 -35.87 141.36 -156.98
C LEU E 63 -34.90 141.08 -158.12
N GLY E 64 -33.84 140.32 -157.83
CA GLY E 64 -32.86 139.96 -158.83
C GLY E 64 -31.76 140.98 -159.05
N ASN E 65 -31.16 141.41 -157.94
CA ASN E 65 -29.95 142.22 -157.97
C ASN E 65 -28.93 141.54 -158.89
N PRO E 66 -28.36 142.28 -159.84
CA PRO E 66 -27.46 141.66 -160.81
C PRO E 66 -26.26 141.01 -160.13
N MET E 67 -25.94 141.44 -158.91
CA MET E 67 -24.83 140.87 -158.18
C MET E 67 -25.29 139.62 -157.47
N CYS E 68 -26.53 139.22 -157.74
CA CYS E 68 -27.12 138.07 -157.06
C CYS E 68 -27.52 136.96 -158.03
N ASP E 69 -26.90 136.94 -159.22
CA ASP E 69 -27.25 135.98 -160.27
C ASP E 69 -27.14 134.52 -159.81
N GLU E 70 -26.30 134.27 -158.80
CA GLU E 70 -26.16 132.92 -158.25
C GLU E 70 -27.52 132.33 -157.84
N PHE E 71 -28.50 133.19 -157.62
CA PHE E 71 -29.78 132.74 -157.10
C PHE E 71 -30.92 132.94 -158.10
N ILE E 72 -30.57 133.14 -159.36
CA ILE E 72 -31.57 133.31 -160.42
C ILE E 72 -32.59 132.16 -160.42
N ASN E 73 -32.08 130.94 -160.29
CA ASN E 73 -32.95 129.79 -160.07
C ASN E 73 -32.45 129.03 -158.88
N VAL E 74 -33.37 128.60 -158.04
CA VAL E 74 -33.01 128.13 -156.73
C VAL E 74 -33.87 126.92 -156.43
N PRO E 75 -33.22 125.80 -156.12
CA PRO E 75 -33.95 124.57 -155.87
C PRO E 75 -34.66 124.64 -154.52
N GLU E 76 -35.52 123.67 -154.24
CA GLU E 76 -36.11 123.51 -152.92
C GLU E 76 -35.03 123.63 -151.85
N TRP E 77 -35.34 124.37 -150.78
CA TRP E 77 -34.41 124.51 -149.66
C TRP E 77 -35.06 123.98 -148.38
N SER E 78 -34.26 123.86 -147.33
CA SER E 78 -34.76 123.42 -146.03
C SER E 78 -34.89 124.62 -145.11
N TYR E 79 -33.88 125.48 -145.13
CA TYR E 79 -33.90 126.73 -144.40
C TYR E 79 -33.08 127.77 -145.16
N ILE E 80 -33.25 129.05 -144.82
CA ILE E 80 -32.54 130.12 -145.51
C ILE E 80 -31.52 130.78 -144.58
N VAL E 81 -30.31 131.01 -145.08
CA VAL E 81 -29.28 131.68 -144.30
C VAL E 81 -28.98 133.04 -144.90
N GLU E 82 -29.08 134.07 -144.07
CA GLU E 82 -28.77 135.42 -144.51
C GLU E 82 -27.76 136.05 -143.58
N LYS E 83 -26.85 136.82 -144.13
CA LYS E 83 -25.87 137.51 -143.30
C LYS E 83 -26.53 138.66 -142.55
N ALA E 84 -25.88 139.10 -141.48
CA ALA E 84 -26.38 140.20 -140.66
C ALA E 84 -26.47 141.49 -141.48
N ASN E 85 -25.50 141.69 -142.36
CA ASN E 85 -25.47 142.87 -143.22
C ASN E 85 -25.05 142.56 -144.65
N PRO E 86 -25.96 141.94 -145.42
CA PRO E 86 -25.70 141.57 -146.81
C PRO E 86 -25.34 142.81 -147.61
N THR E 87 -24.29 142.76 -148.41
CA THR E 87 -23.86 143.93 -149.15
C THR E 87 -24.67 144.13 -150.43
N ASN E 88 -25.34 143.09 -150.88
CA ASN E 88 -26.13 143.20 -152.10
C ASN E 88 -27.63 143.14 -151.84
N ASP E 89 -28.24 144.32 -151.90
CA ASP E 89 -29.61 144.51 -151.45
C ASP E 89 -30.31 145.34 -152.50
N LEU E 90 -30.62 146.59 -152.17
CA LEU E 90 -31.25 147.47 -153.13
C LEU E 90 -30.21 148.31 -153.81
N CYS E 91 -29.61 147.79 -154.87
CA CYS E 91 -28.56 148.51 -155.59
C CYS E 91 -29.04 149.89 -156.01
N TYR E 92 -30.25 149.96 -156.56
CA TYR E 92 -30.87 151.25 -156.77
C TYR E 92 -31.54 151.60 -155.45
N PRO E 93 -31.20 152.76 -154.88
CA PRO E 93 -31.70 153.14 -153.56
C PRO E 93 -33.23 153.31 -153.53
N GLY E 94 -33.81 152.95 -152.40
CA GLY E 94 -35.24 153.06 -152.26
C GLY E 94 -35.71 152.19 -151.12
N SER E 95 -36.91 151.64 -151.26
CA SER E 95 -37.49 150.86 -150.17
C SER E 95 -38.33 149.73 -150.68
N PHE E 96 -38.72 148.86 -149.76
CA PHE E 96 -39.41 147.62 -150.06
C PHE E 96 -40.56 147.47 -149.06
N ASN E 97 -41.78 147.72 -149.53
CA ASN E 97 -42.98 147.63 -148.70
C ASN E 97 -43.22 146.28 -148.03
N ASP E 98 -43.55 146.32 -146.75
CA ASP E 98 -43.90 145.13 -145.98
C ASP E 98 -42.87 144.02 -146.13
N TYR E 99 -41.60 144.42 -146.06
CA TYR E 99 -40.45 143.54 -146.21
C TYR E 99 -40.40 142.47 -145.12
N GLU E 100 -40.53 142.87 -143.86
CA GLU E 100 -40.44 141.90 -142.78
C GLU E 100 -41.62 140.93 -142.81
N GLU E 101 -42.75 141.40 -143.31
CA GLU E 101 -43.91 140.53 -143.46
C GLU E 101 -43.67 139.53 -144.57
N LEU E 102 -42.91 139.92 -145.58
CA LEU E 102 -42.55 139.00 -146.65
C LEU E 102 -41.53 138.00 -146.14
N LYS E 103 -40.51 138.48 -145.45
CA LYS E 103 -39.51 137.62 -144.83
C LYS E 103 -40.18 136.56 -143.95
N TYR E 104 -41.23 136.92 -143.24
CA TYR E 104 -41.93 135.96 -142.42
C TYR E 104 -42.61 134.89 -143.28
N LEU E 105 -43.26 135.30 -144.37
CA LEU E 105 -43.87 134.36 -145.31
C LEU E 105 -42.85 133.34 -145.79
N LEU E 106 -41.64 133.83 -146.04
CA LEU E 106 -40.56 133.00 -146.55
C LEU E 106 -40.22 131.86 -145.61
N SER E 107 -40.28 132.11 -144.30
CA SER E 107 -40.01 131.08 -143.31
C SER E 107 -41.12 130.01 -143.32
N ARG E 108 -42.14 130.23 -144.14
CA ARG E 108 -43.25 129.31 -144.26
C ARG E 108 -43.22 128.63 -145.62
N ILE E 109 -42.17 128.88 -146.39
CA ILE E 109 -42.03 128.34 -147.75
C ILE E 109 -40.72 127.56 -147.92
N ASN E 110 -40.74 126.55 -148.79
CA ASN E 110 -39.55 125.74 -149.05
C ASN E 110 -39.04 125.76 -150.50
N HIS E 111 -39.85 126.27 -151.43
CA HIS E 111 -39.48 126.28 -152.84
C HIS E 111 -40.30 127.29 -153.66
N PHE E 112 -39.60 128.12 -154.43
CA PHE E 112 -40.21 129.01 -155.41
C PHE E 112 -39.88 128.45 -156.78
N GLU E 113 -40.74 128.73 -157.75
CA GLU E 113 -40.41 128.43 -159.14
C GLU E 113 -40.58 129.66 -160.00
N LYS E 114 -39.45 130.27 -160.37
CA LYS E 114 -39.46 131.49 -161.16
C LYS E 114 -40.15 131.24 -162.50
N ILE E 115 -41.12 132.08 -162.84
CA ILE E 115 -41.74 132.03 -164.16
C ILE E 115 -41.96 133.41 -164.77
N GLN E 116 -41.84 133.49 -166.08
CA GLN E 116 -42.02 134.74 -166.81
C GLN E 116 -43.50 135.03 -167.02
N ILE E 117 -44.02 136.03 -166.30
CA ILE E 117 -45.44 136.36 -166.42
C ILE E 117 -45.72 137.52 -167.37
N ILE E 118 -44.72 138.35 -167.63
CA ILE E 118 -44.83 139.37 -168.68
C ILE E 118 -43.47 139.51 -169.35
N PRO E 119 -43.31 138.94 -170.56
CA PRO E 119 -41.99 138.97 -171.20
C PRO E 119 -41.59 140.39 -171.57
N LYS E 120 -40.32 140.72 -171.42
CA LYS E 120 -39.77 142.03 -171.76
C LYS E 120 -40.03 142.41 -173.22
N SER E 121 -40.21 141.40 -174.06
CA SER E 121 -40.43 141.65 -175.48
C SER E 121 -41.86 142.11 -175.81
N SER E 122 -42.77 141.99 -174.84
CA SER E 122 -44.17 142.28 -175.11
C SER E 122 -44.49 143.77 -175.08
N TRP E 123 -43.53 144.58 -174.68
CA TRP E 123 -43.74 146.01 -174.59
C TRP E 123 -43.48 146.67 -175.95
N SER E 124 -44.54 146.90 -176.71
CA SER E 124 -44.43 147.40 -178.07
C SER E 124 -44.32 148.93 -178.14
N ASP E 125 -44.92 149.62 -177.17
CA ASP E 125 -45.02 151.06 -177.25
C ASP E 125 -44.24 151.79 -176.17
N HIS E 126 -43.36 151.06 -175.49
CA HIS E 126 -42.47 151.64 -174.49
C HIS E 126 -41.08 151.01 -174.63
N GLU E 127 -40.05 151.73 -174.19
CA GLU E 127 -38.70 151.16 -174.17
C GLU E 127 -38.53 150.26 -172.96
N ALA E 128 -37.90 149.10 -173.17
CA ALA E 128 -37.76 148.11 -172.10
C ALA E 128 -36.33 147.65 -171.87
N SER E 129 -35.41 148.03 -172.76
CA SER E 129 -34.04 147.59 -172.63
C SER E 129 -33.07 148.72 -172.33
N SER E 130 -33.62 149.87 -171.95
CA SER E 130 -32.82 151.03 -171.55
C SER E 130 -32.98 151.34 -170.07
N GLY E 131 -33.68 150.48 -169.33
CA GLY E 131 -33.91 150.73 -167.92
C GLY E 131 -32.77 150.25 -167.05
N VAL E 132 -31.64 150.94 -167.13
CA VAL E 132 -30.45 150.50 -166.43
C VAL E 132 -29.86 151.66 -165.64
N SER E 133 -28.96 151.33 -164.70
CA SER E 133 -28.32 152.36 -163.90
C SER E 133 -26.91 151.95 -163.44
N SER E 134 -26.03 152.93 -163.31
CA SER E 134 -24.71 152.71 -162.71
C SER E 134 -24.79 152.19 -161.28
N ALA E 135 -25.93 152.39 -160.63
CA ALA E 135 -26.08 151.96 -159.25
C ALA E 135 -26.13 150.45 -159.20
N CYS E 136 -26.59 149.84 -160.29
CA CYS E 136 -26.75 148.39 -160.37
C CYS E 136 -25.89 147.88 -161.52
N PRO E 137 -24.58 147.75 -161.28
CA PRO E 137 -23.69 147.34 -162.35
C PRO E 137 -23.58 145.82 -162.47
N TYR E 138 -23.47 145.33 -163.71
CA TYR E 138 -23.17 143.93 -163.96
C TYR E 138 -21.92 143.88 -164.82
N LEU E 139 -20.91 143.15 -164.35
CA LEU E 139 -19.59 143.14 -164.99
C LEU E 139 -19.16 144.53 -165.52
N GLY E 140 -19.31 145.57 -164.68
CA GLY E 140 -18.87 146.91 -165.04
C GLY E 140 -19.82 147.79 -165.85
N SER E 141 -20.89 147.20 -166.38
CA SER E 141 -21.83 147.95 -167.19
C SER E 141 -23.10 148.23 -166.41
N PRO E 142 -23.76 149.37 -166.69
CA PRO E 142 -25.03 149.72 -166.06
C PRO E 142 -26.07 148.62 -166.29
N SER E 143 -26.72 148.17 -165.21
CA SER E 143 -27.72 147.12 -165.31
C SER E 143 -28.93 147.49 -164.45
N PHE E 144 -29.68 146.49 -164.00
CA PHE E 144 -30.84 146.69 -163.14
C PHE E 144 -31.28 145.36 -162.54
N PHE E 145 -32.28 145.41 -161.65
CA PHE E 145 -32.87 144.22 -161.07
C PHE E 145 -33.43 143.34 -162.20
N ARG E 146 -33.22 142.03 -162.13
CA ARG E 146 -33.55 141.18 -163.27
C ARG E 146 -35.04 140.86 -163.41
N ASN E 147 -35.72 140.73 -162.28
CA ASN E 147 -37.10 140.25 -162.29
C ASN E 147 -38.15 141.30 -162.64
N VAL E 148 -37.74 142.57 -162.62
CA VAL E 148 -38.64 143.67 -162.96
C VAL E 148 -37.97 144.50 -164.06
N VAL E 149 -38.79 145.17 -164.86
CA VAL E 149 -38.25 145.96 -165.95
C VAL E 149 -38.64 147.44 -165.78
N TRP E 150 -37.66 148.31 -165.87
CA TRP E 150 -37.87 149.75 -165.71
C TRP E 150 -38.19 150.37 -167.07
N LEU E 151 -39.48 150.49 -167.38
CA LEU E 151 -39.89 151.01 -168.68
C LEU E 151 -39.71 152.50 -168.77
N ILE E 152 -39.26 153.00 -169.93
CA ILE E 152 -39.24 154.43 -170.18
C ILE E 152 -39.97 154.74 -171.49
N LYS E 153 -40.06 156.02 -171.85
CA LYS E 153 -40.82 156.43 -173.03
C LYS E 153 -40.22 155.90 -174.33
N LYS E 154 -40.96 156.09 -175.43
CA LYS E 154 -40.53 155.64 -176.74
C LYS E 154 -41.05 156.60 -177.79
N ASN E 155 -40.13 157.18 -178.56
CA ASN E 155 -40.47 158.21 -179.53
C ASN E 155 -41.21 159.37 -178.88
N SER E 156 -40.64 159.89 -177.80
CA SER E 156 -41.20 161.01 -177.06
C SER E 156 -42.65 160.80 -176.64
N ALA E 157 -42.99 159.57 -176.24
CA ALA E 157 -44.36 159.25 -175.89
C ALA E 157 -44.45 158.08 -174.90
N TYR E 158 -45.34 158.21 -173.91
CA TYR E 158 -45.61 157.14 -172.96
C TYR E 158 -47.11 156.94 -172.87
N PRO E 159 -47.67 156.14 -173.79
CA PRO E 159 -49.10 155.81 -173.76
C PRO E 159 -49.41 155.16 -172.43
N THR E 160 -50.62 155.37 -171.91
CA THR E 160 -50.94 154.76 -170.64
C THR E 160 -51.04 153.26 -170.81
N ILE E 161 -50.46 152.53 -169.86
CA ILE E 161 -50.35 151.08 -169.94
C ILE E 161 -51.57 150.41 -169.33
N LYS E 162 -52.09 149.40 -170.02
CA LYS E 162 -53.10 148.53 -169.42
C LYS E 162 -52.66 147.10 -169.59
N LYS E 163 -52.04 146.56 -168.55
CA LYS E 163 -51.51 145.22 -168.61
C LYS E 163 -52.16 144.37 -167.55
N SER E 164 -52.44 143.13 -167.89
CA SER E 164 -53.17 142.24 -167.01
C SER E 164 -52.56 140.84 -167.07
N TYR E 165 -52.46 140.18 -165.92
CA TYR E 165 -51.98 138.81 -165.91
C TYR E 165 -52.87 137.95 -165.01
N ASN E 166 -53.30 136.81 -165.53
CA ASN E 166 -54.18 135.90 -164.80
C ASN E 166 -53.38 134.71 -164.29
N ASN E 167 -53.41 134.48 -162.98
CA ASN E 167 -52.72 133.33 -162.41
C ASN E 167 -53.43 132.01 -162.74
N THR E 168 -52.99 131.37 -163.82
CA THR E 168 -53.62 130.15 -164.31
C THR E 168 -52.94 128.91 -163.76
N ASN E 169 -52.12 129.10 -162.73
CA ASN E 169 -51.45 127.99 -162.06
C ASN E 169 -52.26 127.54 -160.85
N GLN E 170 -51.89 126.41 -160.25
CA GLN E 170 -52.61 125.94 -159.08
C GLN E 170 -51.90 126.36 -157.82
N GLU E 171 -50.82 127.12 -157.99
CA GLU E 171 -50.05 127.61 -156.87
C GLU E 171 -50.20 129.12 -156.73
N ASP E 172 -50.09 129.60 -155.49
CA ASP E 172 -50.01 131.04 -155.23
C ASP E 172 -48.82 131.66 -155.97
N LEU E 173 -49.02 132.89 -156.45
CA LEU E 173 -47.96 133.64 -157.11
C LEU E 173 -47.47 134.81 -156.27
N LEU E 174 -46.16 134.87 -156.00
CA LEU E 174 -45.56 136.07 -155.44
C LEU E 174 -45.19 137.01 -156.58
N VAL E 175 -45.83 138.18 -156.63
CA VAL E 175 -45.61 139.12 -157.72
C VAL E 175 -45.05 140.44 -157.20
N LEU E 176 -43.92 140.86 -157.74
CA LEU E 176 -43.24 142.08 -157.33
C LEU E 176 -43.27 143.12 -158.44
N TRP E 177 -43.38 144.38 -158.06
CA TRP E 177 -43.31 145.48 -159.02
C TRP E 177 -42.85 146.70 -158.23
N GLY E 178 -42.67 147.83 -158.90
CA GLY E 178 -42.21 149.00 -158.22
C GLY E 178 -42.61 150.32 -158.86
N ILE E 179 -42.31 151.41 -158.16
CA ILE E 179 -42.48 152.74 -158.73
C ILE E 179 -41.14 153.46 -158.62
N HIS E 180 -40.89 154.36 -159.57
CA HIS E 180 -39.66 155.14 -159.56
C HIS E 180 -39.94 156.59 -159.13
N HIS E 181 -39.23 157.04 -158.10
CA HIS E 181 -39.35 158.43 -157.67
C HIS E 181 -38.17 159.25 -158.18
N PRO E 182 -38.41 160.12 -159.15
CA PRO E 182 -37.38 160.98 -159.74
C PRO E 182 -36.91 162.06 -158.77
N ASN E 183 -35.95 162.87 -159.22
CA ASN E 183 -35.40 163.93 -158.38
C ASN E 183 -35.89 165.33 -158.75
N ASP E 184 -36.36 165.50 -159.98
CA ASP E 184 -36.90 166.78 -160.42
C ASP E 184 -37.85 166.60 -161.61
N ALA E 185 -38.59 167.66 -161.94
CA ALA E 185 -39.59 167.60 -162.99
C ALA E 185 -38.97 167.35 -164.37
N ALA E 186 -37.70 167.72 -164.53
CA ALA E 186 -37.03 167.53 -165.81
C ALA E 186 -36.80 166.04 -166.05
N GLU E 187 -36.34 165.35 -165.00
CA GLU E 187 -36.09 163.91 -165.06
C GLU E 187 -37.38 163.15 -165.34
N GLN E 188 -38.48 163.63 -164.76
CA GLN E 188 -39.80 163.03 -164.96
C GLN E 188 -40.19 163.00 -166.43
N THR E 189 -40.09 164.16 -167.09
CA THR E 189 -40.44 164.25 -168.50
C THR E 189 -39.40 163.57 -169.36
N ARG E 190 -38.14 163.62 -168.94
CA ARG E 190 -37.06 163.01 -169.72
C ARG E 190 -37.26 161.51 -169.82
N LEU E 191 -37.79 160.93 -168.75
CA LEU E 191 -38.04 159.48 -168.72
C LEU E 191 -39.42 159.10 -169.24
N TYR E 192 -40.41 159.95 -168.98
CA TYR E 192 -41.81 159.54 -169.16
C TYR E 192 -42.73 160.52 -169.90
N GLN E 193 -42.18 161.63 -170.39
CA GLN E 193 -42.97 162.69 -171.05
C GLN E 193 -44.05 163.30 -170.15
N ASN E 194 -44.96 162.45 -169.69
CA ASN E 194 -46.06 162.89 -168.84
C ASN E 194 -45.57 163.43 -167.51
N PRO E 195 -45.99 164.65 -167.17
CA PRO E 195 -45.56 165.33 -165.93
C PRO E 195 -46.28 164.79 -164.69
N THR E 196 -47.54 164.39 -164.85
CA THR E 196 -48.34 163.94 -163.72
C THR E 196 -48.85 162.52 -163.94
N THR E 197 -48.26 161.57 -163.21
CA THR E 197 -48.47 160.16 -163.48
C THR E 197 -48.96 159.37 -162.27
N TYR E 198 -49.27 158.10 -162.51
CA TYR E 198 -49.79 157.23 -161.46
C TYR E 198 -49.60 155.76 -161.85
N ILE E 199 -49.74 154.86 -160.87
CA ILE E 199 -49.79 153.44 -161.12
C ILE E 199 -50.88 152.82 -160.28
N SER E 200 -51.93 152.34 -160.93
CA SER E 200 -52.97 151.62 -160.22
C SER E 200 -52.77 150.12 -160.36
N ILE E 201 -53.09 149.38 -159.30
CA ILE E 201 -52.94 147.94 -159.27
C ILE E 201 -54.14 147.31 -158.59
N GLY E 202 -54.76 146.33 -159.23
CA GLY E 202 -55.92 145.68 -158.66
C GLY E 202 -55.91 144.17 -158.77
N THR E 203 -56.44 143.52 -157.73
CA THR E 203 -56.77 142.10 -157.77
C THR E 203 -58.19 141.91 -157.21
N SER E 204 -58.45 140.73 -156.63
CA SER E 204 -59.67 140.52 -155.87
C SER E 204 -59.63 141.36 -154.62
N THR E 205 -58.42 141.55 -154.15
CA THR E 205 -58.16 141.93 -152.77
C THR E 205 -57.42 143.25 -152.72
N LEU E 206 -56.53 143.47 -153.69
CA LEU E 206 -55.67 144.64 -153.70
C LEU E 206 -56.30 145.73 -154.53
N ASN E 207 -56.16 146.97 -154.09
CA ASN E 207 -56.76 148.11 -154.79
C ASN E 207 -55.92 149.35 -154.52
N GLN E 208 -54.71 149.40 -155.08
CA GLN E 208 -53.85 150.55 -154.79
C GLN E 208 -53.57 151.52 -155.92
N ARG E 209 -53.37 152.77 -155.54
CA ARG E 209 -52.99 153.84 -156.45
C ARG E 209 -51.71 154.48 -155.93
N LEU E 210 -50.68 154.47 -156.76
CA LEU E 210 -49.39 155.01 -156.39
C LEU E 210 -49.12 156.22 -157.26
N VAL E 211 -48.63 157.30 -156.66
CA VAL E 211 -48.13 158.41 -157.45
C VAL E 211 -46.68 158.69 -157.07
N PRO E 212 -45.82 158.90 -158.06
CA PRO E 212 -44.41 159.12 -157.75
C PRO E 212 -44.23 160.42 -156.99
N LYS E 213 -43.20 160.48 -156.15
CA LYS E 213 -42.85 161.68 -155.41
C LYS E 213 -41.58 162.32 -155.97
N ILE E 214 -41.77 163.35 -156.79
CA ILE E 214 -40.65 164.05 -157.40
C ILE E 214 -40.10 165.06 -156.41
N ALA E 215 -38.92 164.80 -155.86
CA ALA E 215 -38.40 165.60 -154.76
C ALA E 215 -36.88 165.46 -154.54
N THR E 216 -36.28 166.45 -153.87
CA THR E 216 -34.84 166.50 -153.63
C THR E 216 -34.40 165.66 -152.43
N ARG E 217 -33.49 164.71 -152.66
CA ARG E 217 -33.04 163.81 -151.60
C ARG E 217 -31.53 163.67 -151.64
N SER E 218 -30.98 163.13 -150.56
CA SER E 218 -29.54 162.98 -150.46
C SER E 218 -29.08 161.76 -151.25
N LYS E 219 -27.94 161.90 -151.91
CA LYS E 219 -27.41 160.84 -152.76
C LYS E 219 -27.09 159.57 -151.99
N VAL E 220 -27.55 158.44 -152.52
CA VAL E 220 -27.20 157.14 -151.98
C VAL E 220 -26.82 156.28 -153.17
N ASN E 221 -25.68 155.60 -153.06
CA ASN E 221 -25.08 154.89 -154.19
C ASN E 221 -25.01 155.78 -155.44
N GLY E 222 -24.87 157.08 -155.22
CA GLY E 222 -24.66 158.02 -156.31
C GLY E 222 -25.91 158.74 -156.79
N LEU E 223 -27.08 158.27 -156.36
CA LEU E 223 -28.33 158.80 -156.89
C LEU E 223 -29.19 159.50 -155.85
N SER E 224 -30.01 160.45 -156.29
CA SER E 224 -30.98 161.10 -155.44
C SER E 224 -32.38 160.54 -155.70
N SER E 225 -32.50 159.78 -156.78
CA SER E 225 -33.75 159.13 -157.13
C SER E 225 -33.97 157.92 -156.24
N ARG E 226 -35.19 157.39 -156.27
CA ARG E 226 -35.50 156.22 -155.47
C ARG E 226 -36.36 155.25 -156.25
N MET E 227 -36.19 153.96 -155.96
CA MET E 227 -37.07 152.90 -156.47
C MET E 227 -37.80 152.29 -155.27
N GLU E 228 -39.13 152.25 -155.34
CA GLU E 228 -39.88 151.68 -154.22
C GLU E 228 -40.66 150.45 -154.69
N PHE E 229 -40.50 149.33 -154.00
CA PHE E 229 -41.07 148.07 -154.47
C PHE E 229 -42.22 147.54 -153.64
N PHE E 230 -43.17 146.92 -154.32
CA PHE E 230 -44.36 146.35 -153.71
C PHE E 230 -44.53 144.89 -154.10
N TRP E 231 -45.35 144.17 -153.35
CA TRP E 231 -45.64 142.79 -153.66
C TRP E 231 -47.04 142.39 -153.24
N THR E 232 -47.49 141.26 -153.77
CA THR E 232 -48.74 140.65 -153.34
C THR E 232 -48.70 139.16 -153.65
N ILE E 233 -49.53 138.40 -152.95
CA ILE E 233 -49.77 137.01 -153.30
C ILE E 233 -50.99 136.93 -154.22
N LEU E 234 -50.78 136.45 -155.45
CA LEU E 234 -51.87 136.23 -156.39
C LEU E 234 -52.39 134.83 -156.20
N LYS E 235 -53.65 134.70 -155.80
CA LYS E 235 -54.25 133.37 -155.63
C LYS E 235 -54.66 132.80 -156.98
N PRO E 236 -54.56 131.46 -157.12
CA PRO E 236 -54.97 130.76 -158.33
C PRO E 236 -56.32 131.28 -158.88
N ASN E 237 -56.32 131.60 -160.16
CA ASN E 237 -57.48 132.09 -160.90
C ASN E 237 -57.85 133.55 -160.67
N ASP E 238 -57.14 134.21 -159.75
CA ASP E 238 -57.26 135.65 -159.62
C ASP E 238 -56.34 136.31 -160.62
N ALA E 239 -56.63 137.54 -161.00
CA ALA E 239 -55.77 138.29 -161.91
C ALA E 239 -55.31 139.63 -161.31
N ILE E 240 -54.18 140.12 -161.79
CA ILE E 240 -53.64 141.40 -161.34
C ILE E 240 -53.66 142.40 -162.49
N ASN E 241 -54.10 143.63 -162.22
CA ASN E 241 -54.28 144.62 -163.26
C ASN E 241 -53.47 145.87 -163.03
N PHE E 242 -52.61 146.19 -163.99
CA PHE E 242 -51.76 147.36 -163.88
C PHE E 242 -52.23 148.41 -164.87
N GLU E 243 -52.37 149.64 -164.40
CA GLU E 243 -52.56 150.76 -165.30
C GLU E 243 -51.62 151.88 -164.86
N SER E 244 -50.91 152.47 -165.81
CA SER E 244 -49.93 153.50 -165.49
C SER E 244 -49.60 154.36 -166.70
N ASN E 245 -49.26 155.62 -166.45
CA ASN E 245 -48.80 156.47 -167.54
C ASN E 245 -47.39 156.99 -167.23
N GLY E 246 -46.65 156.25 -166.41
CA GLY E 246 -45.28 156.60 -166.10
C GLY E 246 -44.79 156.02 -164.78
N ASN E 247 -43.46 156.01 -164.61
CA ASN E 247 -42.82 155.59 -163.38
C ASN E 247 -43.04 154.14 -162.97
N PHE E 248 -43.68 153.38 -163.85
CA PHE E 248 -44.00 151.99 -163.58
C PHE E 248 -42.77 151.09 -163.77
N ILE E 249 -42.46 150.32 -162.74
CA ILE E 249 -41.45 149.28 -162.85
C ILE E 249 -42.21 147.97 -162.93
N ALA E 250 -42.46 147.52 -164.16
CA ALA E 250 -43.33 146.37 -164.41
C ALA E 250 -42.70 145.04 -164.00
N PRO E 251 -43.54 144.08 -163.59
CA PRO E 251 -43.02 142.73 -163.32
C PRO E 251 -42.60 142.05 -164.62
N GLU E 252 -41.66 141.11 -164.54
CA GLU E 252 -41.40 140.21 -165.66
C GLU E 252 -41.39 138.77 -165.19
N TYR E 253 -40.62 138.50 -164.14
CA TYR E 253 -40.63 137.17 -163.54
C TYR E 253 -41.30 137.24 -162.17
N ALA E 254 -41.99 136.17 -161.80
CA ALA E 254 -42.66 136.07 -160.50
C ALA E 254 -42.38 134.68 -159.96
N TYR E 255 -42.89 134.37 -158.77
CA TYR E 255 -42.53 133.10 -158.12
C TYR E 255 -43.74 132.25 -157.76
N LYS E 256 -43.86 131.09 -158.39
CA LYS E 256 -44.88 130.13 -158.00
C LYS E 256 -44.45 129.52 -156.68
N ILE E 257 -45.33 129.57 -155.69
CA ILE E 257 -45.06 128.94 -154.41
C ILE E 257 -45.45 127.47 -154.51
N VAL E 258 -44.47 126.63 -154.78
CA VAL E 258 -44.74 125.23 -155.07
C VAL E 258 -44.68 124.36 -153.81
N LYS E 259 -44.02 124.85 -152.77
CA LYS E 259 -43.89 124.06 -151.56
C LYS E 259 -43.93 124.88 -150.28
N LYS E 260 -45.12 124.99 -149.69
CA LYS E 260 -45.27 125.52 -148.34
C LYS E 260 -44.74 124.46 -147.38
N GLY E 261 -44.36 124.87 -146.17
CA GLY E 261 -43.77 123.96 -145.21
C GLY E 261 -43.08 124.71 -144.08
N ASP E 262 -42.49 123.96 -143.16
CA ASP E 262 -41.77 124.57 -142.06
C ASP E 262 -40.38 124.96 -142.52
N SER E 263 -39.99 126.19 -142.22
CA SER E 263 -38.69 126.70 -142.65
C SER E 263 -38.24 127.79 -141.70
N ALA E 264 -37.23 128.55 -142.12
CA ALA E 264 -36.65 129.56 -141.26
C ALA E 264 -35.73 130.49 -142.04
N ILE E 265 -35.45 131.64 -141.46
CA ILE E 265 -34.44 132.52 -142.03
C ILE E 265 -33.37 132.72 -140.96
N MET E 266 -32.25 132.03 -141.12
CA MET E 266 -31.17 132.11 -140.15
C MET E 266 -30.25 133.28 -140.44
N LYS E 267 -29.89 133.98 -139.38
CA LYS E 267 -28.90 135.04 -139.50
C LYS E 267 -27.58 134.45 -139.04
N SER E 268 -26.65 134.32 -139.98
CA SER E 268 -25.37 133.67 -139.73
C SER E 268 -24.35 134.10 -140.75
N GLU E 269 -23.13 134.34 -140.31
CA GLU E 269 -22.07 134.70 -141.22
C GLU E 269 -21.48 133.44 -141.84
N LEU E 270 -21.79 132.30 -141.25
CA LEU E 270 -21.27 131.02 -141.73
C LEU E 270 -21.74 130.72 -143.14
N GLU E 271 -21.06 129.80 -143.80
CA GLU E 271 -21.45 129.41 -145.14
C GLU E 271 -21.59 127.90 -145.22
N TYR E 272 -21.83 127.39 -146.42
CA TYR E 272 -22.12 125.98 -146.59
C TYR E 272 -20.97 125.09 -146.18
N GLY E 273 -21.17 124.33 -145.11
CA GLY E 273 -20.33 123.19 -144.82
C GLY E 273 -20.75 122.11 -145.80
N ASN E 274 -20.15 120.93 -145.76
CA ASN E 274 -20.64 119.87 -146.63
C ASN E 274 -21.10 118.67 -145.82
N CYS E 275 -22.26 118.81 -145.20
CA CYS E 275 -22.70 117.83 -144.21
C CYS E 275 -24.21 117.70 -144.14
N ASN E 276 -24.66 116.79 -143.28
CA ASN E 276 -26.09 116.55 -143.07
C ASN E 276 -26.35 116.52 -141.58
N THR E 277 -27.57 116.90 -141.18
CA THR E 277 -27.91 116.95 -139.76
C THR E 277 -29.41 116.84 -139.50
N LYS E 278 -29.77 116.67 -138.24
CA LYS E 278 -31.16 116.63 -137.82
C LYS E 278 -31.51 117.92 -137.08
N CYS E 279 -30.47 118.63 -136.65
CA CYS E 279 -30.64 119.85 -135.86
C CYS E 279 -29.57 120.87 -136.22
N GLN E 280 -30.01 122.05 -136.63
CA GLN E 280 -29.11 123.10 -137.11
C GLN E 280 -29.31 124.38 -136.31
N THR E 281 -28.23 124.94 -135.79
CA THR E 281 -28.28 126.26 -135.14
C THR E 281 -27.48 127.23 -136.01
N PRO E 282 -27.59 128.55 -135.75
CA PRO E 282 -26.90 129.50 -136.63
C PRO E 282 -25.39 129.51 -136.46
N MET E 283 -24.89 128.89 -135.39
CA MET E 283 -23.44 128.82 -135.19
C MET E 283 -22.86 127.42 -135.45
N GLY E 284 -23.72 126.47 -135.82
CA GLY E 284 -23.29 125.12 -136.12
C GLY E 284 -24.39 124.09 -135.89
N ALA E 285 -24.25 122.92 -136.52
CA ALA E 285 -25.24 121.85 -136.39
C ALA E 285 -25.06 121.03 -135.12
N ILE E 286 -26.10 120.31 -134.71
CA ILE E 286 -26.05 119.47 -133.51
C ILE E 286 -26.38 118.01 -133.81
N ASN E 287 -25.60 117.10 -133.21
CA ASN E 287 -25.85 115.66 -133.31
C ASN E 287 -25.77 115.07 -131.92
N SER E 288 -26.92 114.86 -131.28
CA SER E 288 -26.93 114.50 -129.87
C SER E 288 -28.15 113.68 -129.42
N SER E 289 -27.97 112.95 -128.32
CA SER E 289 -29.05 112.20 -127.69
C SER E 289 -29.49 112.92 -126.40
N MET E 290 -28.77 114.00 -126.09
CA MET E 290 -29.08 114.84 -124.94
C MET E 290 -30.47 115.45 -125.08
N PRO E 291 -31.18 115.61 -123.95
CA PRO E 291 -32.51 116.24 -123.98
C PRO E 291 -32.44 117.76 -124.01
N PHE E 292 -31.30 118.34 -123.64
CA PHE E 292 -31.13 119.79 -123.61
C PHE E 292 -29.91 120.24 -124.39
N HIS E 293 -29.80 121.55 -124.58
CA HIS E 293 -28.58 122.17 -125.13
C HIS E 293 -28.52 123.66 -124.78
N ASN E 294 -27.36 124.28 -125.04
CA ASN E 294 -27.14 125.67 -124.66
C ASN E 294 -26.43 126.46 -125.76
N ILE E 295 -26.61 126.03 -126.99
CA ILE E 295 -25.85 126.57 -128.10
C ILE E 295 -26.46 127.84 -128.70
N HIS E 296 -27.76 127.78 -129.00
CA HIS E 296 -28.48 128.92 -129.58
C HIS E 296 -29.97 128.66 -129.51
N PRO E 297 -30.77 129.67 -129.14
CA PRO E 297 -32.22 129.50 -129.02
C PRO E 297 -32.92 129.33 -130.35
N LEU E 298 -32.50 130.09 -131.37
CA LEU E 298 -33.12 129.98 -132.68
C LEU E 298 -32.56 128.76 -133.40
N THR E 299 -33.41 127.76 -133.58
CA THR E 299 -32.97 126.45 -134.03
C THR E 299 -34.00 125.87 -135.01
N ILE E 300 -33.60 124.89 -135.80
CA ILE E 300 -34.55 124.21 -136.68
C ILE E 300 -34.25 122.72 -136.80
N GLY E 301 -35.31 121.92 -136.80
CA GLY E 301 -35.20 120.46 -136.88
C GLY E 301 -35.56 119.82 -135.56
N GLU E 302 -35.48 118.49 -135.51
CA GLU E 302 -35.71 117.77 -134.26
C GLU E 302 -34.51 118.01 -133.34
N CYS E 303 -34.67 118.95 -132.41
CA CYS E 303 -33.56 119.43 -131.59
C CYS E 303 -33.80 119.21 -130.11
N PRO E 304 -32.72 119.23 -129.31
CA PRO E 304 -32.87 119.24 -127.86
C PRO E 304 -33.58 120.52 -127.41
N LYS E 305 -33.76 120.68 -126.10
CA LYS E 305 -34.44 121.85 -125.57
C LYS E 305 -33.42 122.92 -125.16
N TYR E 306 -33.59 124.13 -125.67
CA TYR E 306 -32.65 125.19 -125.36
C TYR E 306 -32.78 125.68 -123.92
N VAL E 307 -31.63 125.98 -123.31
CA VAL E 307 -31.54 126.37 -121.93
C VAL E 307 -30.28 127.22 -121.75
N LYS E 308 -30.37 128.28 -120.94
CA LYS E 308 -29.27 129.23 -120.78
C LYS E 308 -28.10 128.74 -119.91
N SER E 309 -28.24 127.55 -119.34
CA SER E 309 -27.22 127.03 -118.42
C SER E 309 -25.91 126.70 -119.11
N ASN E 310 -24.86 126.52 -118.30
CA ASN E 310 -23.59 126.01 -118.83
C ASN E 310 -23.31 124.61 -118.32
N ARG E 311 -24.03 124.19 -117.29
CA ARG E 311 -23.95 122.82 -116.80
C ARG E 311 -25.27 122.34 -116.21
N LEU E 312 -25.65 121.11 -116.57
CA LEU E 312 -26.86 120.50 -116.06
C LEU E 312 -26.63 119.01 -115.88
N VAL E 313 -26.28 118.59 -114.66
CA VAL E 313 -25.97 117.19 -114.42
C VAL E 313 -26.89 116.52 -113.40
N LEU E 314 -27.50 115.43 -113.82
CA LEU E 314 -28.42 114.67 -112.99
C LEU E 314 -27.67 113.57 -112.24
N ALA E 315 -28.03 113.36 -110.98
CA ALA E 315 -27.39 112.34 -110.17
C ALA E 315 -28.17 111.03 -110.26
N THR E 316 -27.53 109.99 -110.79
CA THR E 316 -28.15 108.67 -110.86
C THR E 316 -27.68 107.76 -109.72
N GLY E 317 -26.38 107.81 -109.43
CA GLY E 317 -25.79 106.99 -108.39
C GLY E 317 -25.92 107.60 -107.01
N LEU E 318 -24.92 107.37 -106.16
CA LEU E 318 -24.97 107.87 -104.78
C LEU E 318 -23.66 108.51 -104.35
N ARG E 319 -23.62 109.00 -103.10
CA ARG E 319 -22.49 109.72 -102.55
C ARG E 319 -21.20 108.89 -102.54
N ASN E 320 -20.06 109.55 -102.68
CA ASN E 320 -18.79 108.85 -102.82
C ASN E 320 -17.62 109.52 -102.09
N SER E 321 -17.17 108.92 -100.99
CA SER E 321 -16.01 109.42 -100.24
C SER E 321 -14.71 108.96 -100.89
N GLY F 1 -26.57 113.30 -94.88
CA GLY F 1 -27.52 112.20 -94.87
C GLY F 1 -28.79 112.51 -94.12
N LEU F 2 -29.92 112.44 -94.82
CA LEU F 2 -31.21 112.77 -94.22
C LEU F 2 -31.73 111.61 -93.37
N PHE F 3 -31.41 110.38 -93.78
CA PHE F 3 -31.78 109.21 -93.00
C PHE F 3 -30.60 108.72 -92.15
N GLY F 4 -29.41 109.24 -92.46
CA GLY F 4 -28.25 109.02 -91.64
C GLY F 4 -27.50 107.72 -91.88
N ALA F 5 -27.99 106.90 -92.81
CA ALA F 5 -27.34 105.64 -93.13
C ALA F 5 -26.01 105.87 -93.85
N ILE F 6 -26.08 106.38 -95.07
CA ILE F 6 -24.89 106.65 -95.86
C ILE F 6 -24.06 107.77 -95.25
N ALA F 7 -22.77 107.50 -95.03
CA ALA F 7 -21.83 108.45 -94.45
C ALA F 7 -22.22 108.93 -93.05
N GLY F 8 -23.11 108.18 -92.40
CA GLY F 8 -23.53 108.48 -91.04
C GLY F 8 -22.95 107.48 -90.07
N PHE F 9 -23.72 106.46 -89.72
CA PHE F 9 -23.21 105.40 -88.86
C PHE F 9 -22.40 104.38 -89.67
N ILE F 10 -22.54 104.44 -90.99
CA ILE F 10 -21.69 103.67 -91.89
C ILE F 10 -20.69 104.62 -92.55
N GLU F 11 -19.43 104.51 -92.13
CA GLU F 11 -18.40 105.51 -92.45
C GLU F 11 -18.13 105.71 -93.94
N GLY F 12 -18.24 104.65 -94.74
CA GLY F 12 -17.92 104.74 -96.15
C GLY F 12 -18.52 103.65 -97.03
N GLY F 13 -17.99 103.55 -98.25
CA GLY F 13 -18.51 102.61 -99.23
C GLY F 13 -17.61 101.43 -99.49
N TRP F 14 -18.22 100.35 -99.98
CA TRP F 14 -17.50 99.10 -100.24
C TRP F 14 -17.13 98.94 -101.70
N GLN F 15 -15.90 99.34 -102.02
CA GLN F 15 -15.35 99.24 -103.37
C GLN F 15 -15.49 97.84 -103.97
N GLY F 16 -15.32 96.83 -103.12
CA GLY F 16 -15.35 95.45 -103.57
C GLY F 16 -16.70 94.97 -104.10
N MET F 17 -17.76 95.72 -103.79
CA MET F 17 -19.09 95.32 -104.23
C MET F 17 -19.43 95.95 -105.58
N VAL F 18 -18.97 95.32 -106.66
CA VAL F 18 -19.21 95.81 -108.00
C VAL F 18 -20.46 95.19 -108.61
N ASP F 19 -21.41 94.79 -107.76
CA ASP F 19 -22.57 94.06 -108.21
C ASP F 19 -23.89 94.84 -108.08
N GLY F 20 -23.85 96.01 -107.46
CA GLY F 20 -25.05 96.81 -107.30
C GLY F 20 -24.90 97.95 -106.31
N TRP F 21 -25.99 98.67 -106.08
CA TRP F 21 -25.98 99.83 -105.19
C TRP F 21 -26.06 99.44 -103.72
N TYR F 22 -26.86 98.43 -103.41
CA TYR F 22 -27.00 97.95 -102.04
C TYR F 22 -26.70 96.46 -101.95
N GLY F 23 -26.12 96.03 -100.83
CA GLY F 23 -25.77 94.62 -100.65
C GLY F 23 -25.28 94.26 -99.26
N TYR F 24 -24.48 93.21 -99.19
CA TYR F 24 -23.99 92.71 -97.91
C TYR F 24 -22.49 92.37 -97.94
N HIS F 25 -21.96 92.02 -96.77
CA HIS F 25 -20.60 91.52 -96.63
C HIS F 25 -20.52 90.64 -95.39
N HIS F 26 -20.47 89.33 -95.58
CA HIS F 26 -20.40 88.40 -94.46
C HIS F 26 -18.98 87.86 -94.22
N SER F 27 -18.81 87.18 -93.10
CA SER F 27 -17.55 86.53 -92.77
C SER F 27 -17.79 85.44 -91.73
N ASN F 28 -18.22 84.27 -92.20
CA ASN F 28 -18.54 83.16 -91.30
C ASN F 28 -17.42 82.13 -91.25
N GLU F 29 -17.80 80.86 -91.14
CA GLU F 29 -16.84 79.76 -91.13
C GLU F 29 -16.25 79.55 -92.53
N GLN F 30 -17.11 79.60 -93.54
CA GLN F 30 -16.74 79.24 -94.90
C GLN F 30 -16.17 80.40 -95.72
N GLY F 31 -15.78 81.48 -95.05
CA GLY F 31 -15.12 82.60 -95.71
C GLY F 31 -15.92 83.89 -95.72
N SER F 32 -15.38 84.91 -96.38
CA SER F 32 -16.06 86.20 -96.52
C SER F 32 -16.84 86.26 -97.82
N GLY F 33 -17.17 87.49 -98.27
CA GLY F 33 -17.82 87.64 -99.55
C GLY F 33 -18.76 88.84 -99.69
N TYR F 34 -19.21 89.07 -100.91
CA TYR F 34 -20.18 90.12 -101.22
C TYR F 34 -21.35 89.55 -102.00
N ALA F 35 -22.51 90.16 -101.83
CA ALA F 35 -23.70 89.77 -102.59
C ALA F 35 -24.64 90.96 -102.78
N ALA F 36 -24.93 91.29 -104.03
CA ALA F 36 -25.81 92.42 -104.33
C ALA F 36 -27.26 92.08 -104.03
N ASP F 37 -27.88 92.89 -103.18
CA ASP F 37 -29.29 92.74 -102.89
C ASP F 37 -30.09 93.13 -104.13
N LYS F 38 -30.35 92.16 -105.00
CA LYS F 38 -31.06 92.38 -106.25
C LYS F 38 -32.48 92.90 -106.00
N GLU F 39 -32.96 92.74 -104.77
CA GLU F 39 -34.27 93.24 -104.36
C GLU F 39 -34.34 94.76 -104.37
N SER F 40 -33.62 95.38 -103.45
CA SER F 40 -33.65 96.84 -103.29
C SER F 40 -32.88 97.56 -104.40
N THR F 41 -31.97 96.83 -105.06
CA THR F 41 -31.26 97.38 -106.21
C THR F 41 -32.23 97.59 -107.37
N GLN F 42 -33.27 96.77 -107.43
CA GLN F 42 -34.28 96.89 -108.49
C GLN F 42 -35.30 98.00 -108.22
N LYS F 43 -35.79 98.11 -106.98
CA LYS F 43 -36.70 99.19 -106.62
C LYS F 43 -36.00 100.56 -106.61
N ALA F 44 -34.69 100.54 -106.83
CA ALA F 44 -33.90 101.76 -106.91
C ALA F 44 -33.62 102.14 -108.36
N ILE F 45 -33.26 101.15 -109.17
CA ILE F 45 -33.05 101.36 -110.59
C ILE F 45 -34.37 101.74 -111.27
N ASP F 46 -35.46 101.18 -110.77
CA ASP F 46 -36.79 101.56 -111.20
C ASP F 46 -37.07 103.02 -110.85
N GLY F 47 -36.51 103.46 -109.74
CA GLY F 47 -36.73 104.81 -109.24
C GLY F 47 -36.12 105.88 -110.12
N VAL F 48 -34.82 105.78 -110.36
CA VAL F 48 -34.10 106.83 -111.09
C VAL F 48 -34.38 106.79 -112.59
N THR F 49 -34.70 105.60 -113.12
CA THR F 49 -35.03 105.48 -114.53
C THR F 49 -36.32 106.23 -114.82
N ASN F 50 -37.33 106.00 -113.99
CA ASN F 50 -38.59 106.71 -114.10
C ASN F 50 -38.40 108.20 -113.82
N LYS F 51 -37.50 108.51 -112.90
CA LYS F 51 -37.22 109.90 -112.55
C LYS F 51 -36.61 110.67 -113.70
N VAL F 52 -35.58 110.11 -114.32
CA VAL F 52 -34.93 110.73 -115.48
C VAL F 52 -35.95 110.94 -116.59
N ASN F 53 -36.68 109.88 -116.93
CA ASN F 53 -37.67 109.93 -118.01
C ASN F 53 -38.83 110.88 -117.71
N SER F 54 -39.16 111.07 -116.43
CA SER F 54 -40.23 111.99 -116.06
C SER F 54 -39.77 113.43 -116.19
N ILE F 55 -38.52 113.70 -115.79
CA ILE F 55 -37.93 115.02 -115.92
C ILE F 55 -37.87 115.42 -117.39
N ILE F 56 -37.55 114.45 -118.25
CA ILE F 56 -37.49 114.69 -119.68
C ILE F 56 -38.89 114.83 -120.30
N ASP F 57 -39.83 113.98 -119.89
CA ASP F 57 -41.18 114.02 -120.45
C ASP F 57 -41.97 115.24 -120.01
N LYS F 58 -41.66 115.76 -118.84
CA LYS F 58 -42.32 116.96 -118.33
C LYS F 58 -41.95 118.20 -119.14
N MET F 59 -40.92 118.09 -119.97
CA MET F 59 -40.40 119.23 -120.70
C MET F 59 -40.13 118.97 -122.17
N ASN F 60 -40.98 118.17 -122.82
CA ASN F 60 -40.81 117.94 -124.25
C ASN F 60 -41.51 119.02 -125.10
N THR F 61 -42.65 119.51 -124.62
CA THR F 61 -43.22 120.73 -125.16
C THR F 61 -42.86 121.88 -124.24
N GLN F 62 -41.83 122.63 -124.62
CA GLN F 62 -41.25 123.66 -123.78
C GLN F 62 -41.59 125.05 -124.34
N PHE F 63 -40.60 125.70 -124.94
CA PHE F 63 -40.85 126.94 -125.67
C PHE F 63 -39.89 127.05 -126.84
N GLU F 64 -40.43 127.14 -128.03
CA GLU F 64 -39.63 127.35 -129.23
C GLU F 64 -39.62 128.82 -129.58
N ALA F 65 -38.46 129.33 -129.95
CA ALA F 65 -38.36 130.72 -130.39
C ALA F 65 -38.29 130.75 -131.91
N VAL F 66 -39.17 131.54 -132.53
CA VAL F 66 -39.08 131.71 -133.97
C VAL F 66 -38.54 133.10 -134.31
N GLY F 67 -37.95 133.21 -135.50
CA GLY F 67 -37.36 134.45 -135.93
C GLY F 67 -38.37 135.39 -136.55
N ARG F 68 -38.43 136.60 -136.01
CA ARG F 68 -39.28 137.65 -136.54
C ARG F 68 -38.44 138.89 -136.62
N GLU F 69 -38.66 139.69 -137.64
CA GLU F 69 -37.89 140.91 -137.80
C GLU F 69 -38.81 142.13 -137.80
N PHE F 70 -38.22 143.29 -137.51
CA PHE F 70 -38.98 144.53 -137.38
C PHE F 70 -38.17 145.70 -137.90
N ASN F 71 -38.83 146.64 -138.57
CA ASN F 71 -38.15 147.84 -139.08
C ASN F 71 -37.85 148.91 -138.02
N ASN F 72 -37.30 150.02 -138.49
CA ASN F 72 -36.80 151.08 -137.61
C ASN F 72 -37.92 151.81 -136.85
N LEU F 73 -39.16 151.65 -137.31
CA LEU F 73 -40.30 152.28 -136.65
C LEU F 73 -41.22 151.24 -136.02
N GLU F 74 -40.63 150.12 -135.60
CA GLU F 74 -41.35 149.08 -134.89
C GLU F 74 -40.50 148.65 -133.73
N ARG F 75 -39.88 149.63 -133.07
CA ARG F 75 -38.97 149.35 -131.97
C ARG F 75 -39.70 148.87 -130.73
N ARG F 76 -40.95 149.27 -130.57
CA ARG F 76 -41.77 148.82 -129.44
C ARG F 76 -42.07 147.32 -129.50
N ILE F 77 -42.69 146.87 -130.59
CA ILE F 77 -43.03 145.44 -130.68
C ILE F 77 -41.79 144.59 -130.81
N GLU F 78 -40.74 145.15 -131.38
CA GLU F 78 -39.48 144.43 -131.46
C GLU F 78 -38.94 144.15 -130.07
N ASN F 79 -39.06 145.13 -129.18
CA ASN F 79 -38.63 144.96 -127.81
C ASN F 79 -39.56 144.01 -127.09
N LEU F 80 -40.85 144.14 -127.36
CA LEU F 80 -41.85 143.23 -126.82
C LEU F 80 -41.51 141.81 -127.26
N ASN F 81 -41.19 141.66 -128.54
CA ASN F 81 -40.85 140.35 -129.07
C ASN F 81 -39.61 139.80 -128.39
N LYS F 82 -38.60 140.65 -128.28
CA LYS F 82 -37.33 140.26 -127.67
C LYS F 82 -37.52 139.78 -126.25
N LYS F 83 -38.16 140.61 -125.42
CA LYS F 83 -38.31 140.28 -124.01
C LYS F 83 -39.30 139.15 -123.75
N MET F 84 -40.24 138.94 -124.66
CA MET F 84 -41.20 137.87 -124.48
C MET F 84 -40.59 136.50 -124.77
N GLU F 85 -39.64 136.46 -125.71
CA GLU F 85 -38.94 135.22 -126.03
C GLU F 85 -37.82 134.94 -125.04
N ASP F 86 -37.13 136.00 -124.64
CA ASP F 86 -36.15 135.90 -123.56
C ASP F 86 -36.87 135.51 -122.29
N GLY F 87 -38.13 135.95 -122.16
CA GLY F 87 -38.90 135.67 -120.98
C GLY F 87 -39.10 134.19 -120.77
N PHE F 88 -39.75 133.54 -121.74
CA PHE F 88 -40.03 132.12 -121.66
C PHE F 88 -38.77 131.27 -121.57
N LEU F 89 -37.72 131.66 -122.28
CA LEU F 89 -36.50 130.87 -122.25
C LEU F 89 -35.75 131.04 -120.93
N ASP F 90 -36.11 132.08 -120.16
CA ASP F 90 -35.56 132.24 -118.83
C ASP F 90 -36.28 131.35 -117.82
N VAL F 91 -37.61 131.35 -117.86
CA VAL F 91 -38.40 130.55 -116.91
C VAL F 91 -38.15 129.05 -117.11
N TRP F 92 -37.94 128.63 -118.35
CA TRP F 92 -37.72 127.22 -118.65
C TRP F 92 -36.32 126.80 -118.26
N THR F 93 -35.38 127.74 -118.32
CA THR F 93 -34.04 127.53 -117.80
C THR F 93 -34.09 127.40 -116.29
N TYR F 94 -34.93 128.22 -115.66
CA TYR F 94 -35.16 128.14 -114.23
C TYR F 94 -35.78 126.79 -113.89
N ASN F 95 -36.85 126.46 -114.62
CA ASN F 95 -37.57 125.21 -114.39
C ASN F 95 -36.69 123.97 -114.49
N ALA F 96 -35.73 123.99 -115.41
CA ALA F 96 -34.85 122.85 -115.62
C ALA F 96 -33.84 122.73 -114.48
N GLU F 97 -33.11 123.82 -114.24
CA GLU F 97 -32.11 123.85 -113.18
C GLU F 97 -32.68 123.57 -111.79
N LEU F 98 -33.85 124.15 -111.52
CA LEU F 98 -34.50 124.00 -110.23
C LEU F 98 -35.00 122.57 -110.00
N LEU F 99 -35.51 121.95 -111.06
CA LEU F 99 -35.99 120.57 -110.97
C LEU F 99 -34.84 119.60 -110.79
N VAL F 100 -33.68 119.95 -111.32
CA VAL F 100 -32.48 119.13 -111.17
C VAL F 100 -31.93 119.24 -109.74
N LEU F 101 -31.85 120.46 -109.23
CA LEU F 101 -31.39 120.69 -107.86
C LEU F 101 -32.27 119.96 -106.85
N MET F 102 -33.58 120.02 -107.07
CA MET F 102 -34.53 119.44 -106.14
C MET F 102 -34.58 117.91 -106.21
N GLU F 103 -34.36 117.36 -107.40
CA GLU F 103 -34.46 115.91 -107.59
C GLU F 103 -33.13 115.20 -107.43
N ASN F 104 -32.02 115.94 -107.52
CA ASN F 104 -30.72 115.39 -107.17
C ASN F 104 -30.70 115.08 -105.68
N GLU F 105 -31.34 115.95 -104.91
CA GLU F 105 -31.39 115.79 -103.46
C GLU F 105 -32.29 114.62 -103.06
N ARG F 106 -33.50 114.61 -103.59
CA ARG F 106 -34.43 113.52 -103.31
C ARG F 106 -33.90 112.20 -103.88
N THR F 107 -32.85 112.29 -104.68
CA THR F 107 -32.16 111.11 -105.20
C THR F 107 -31.16 110.58 -104.17
N LEU F 108 -30.36 111.48 -103.61
CA LEU F 108 -29.36 111.09 -102.62
C LEU F 108 -30.03 110.58 -101.34
N ASP F 109 -31.08 111.27 -100.91
CA ASP F 109 -31.81 110.86 -99.71
C ASP F 109 -32.61 109.59 -99.97
N PHE F 110 -32.71 109.20 -101.24
CA PHE F 110 -33.41 107.97 -101.63
C PHE F 110 -32.50 106.75 -101.45
N HIS F 111 -31.22 106.93 -101.75
CA HIS F 111 -30.24 105.87 -101.52
C HIS F 111 -29.98 105.73 -100.02
N ASP F 112 -30.03 106.85 -99.31
CA ASP F 112 -29.88 106.86 -97.86
C ASP F 112 -31.07 106.13 -97.24
N SER F 113 -32.24 106.32 -97.82
CA SER F 113 -33.46 105.66 -97.36
C SER F 113 -33.39 104.15 -97.54
N ASN F 114 -32.89 103.71 -98.69
CA ASN F 114 -32.81 102.28 -99.01
C ASN F 114 -31.84 101.52 -98.11
N VAL F 115 -30.69 102.13 -97.83
CA VAL F 115 -29.72 101.54 -96.91
C VAL F 115 -30.31 101.44 -95.51
N LYS F 116 -30.90 102.54 -95.05
CA LYS F 116 -31.61 102.58 -93.77
C LYS F 116 -32.72 101.53 -93.71
N ASN F 117 -33.27 101.20 -94.88
CA ASN F 117 -34.35 100.22 -94.97
C ASN F 117 -33.85 98.79 -95.16
N LEU F 118 -32.56 98.64 -95.42
CA LEU F 118 -31.96 97.31 -95.56
C LEU F 118 -31.34 96.88 -94.26
N TYR F 119 -30.71 97.83 -93.57
CA TYR F 119 -30.17 97.59 -92.24
C TYR F 119 -31.31 97.25 -91.28
N ASP F 120 -32.49 97.80 -91.55
CA ASP F 120 -33.68 97.51 -90.76
C ASP F 120 -34.38 96.23 -91.22
N LYS F 121 -34.06 95.78 -92.43
CA LYS F 121 -34.61 94.51 -92.91
C LYS F 121 -33.94 93.36 -92.15
N VAL F 122 -32.63 93.49 -91.96
CA VAL F 122 -31.83 92.51 -91.24
C VAL F 122 -32.04 92.63 -89.73
N ARG F 123 -32.04 93.87 -89.23
CA ARG F 123 -32.18 94.11 -87.80
C ARG F 123 -33.52 93.63 -87.26
N LEU F 124 -34.57 93.73 -88.09
CA LEU F 124 -35.90 93.27 -87.68
C LEU F 124 -36.09 91.76 -87.89
N GLN F 125 -34.98 91.05 -88.10
CA GLN F 125 -35.01 89.60 -88.24
C GLN F 125 -34.13 88.91 -87.21
N LEU F 126 -32.92 89.44 -87.04
CA LEU F 126 -31.96 88.87 -86.10
C LEU F 126 -32.03 89.61 -84.77
N ARG F 127 -33.20 89.55 -84.13
CA ARG F 127 -33.48 90.32 -82.92
C ARG F 127 -32.52 90.03 -81.78
N ASP F 128 -32.64 88.85 -81.17
CA ASP F 128 -31.76 88.45 -80.07
C ASP F 128 -30.56 87.64 -80.57
N ASN F 129 -30.69 87.09 -81.77
CA ASN F 129 -29.69 86.18 -82.32
C ASN F 129 -28.39 86.87 -82.75
N ALA F 130 -28.32 88.19 -82.55
CA ALA F 130 -27.15 88.97 -82.91
C ALA F 130 -27.03 90.26 -82.10
N LYS F 131 -25.86 90.88 -82.16
CA LYS F 131 -25.65 92.18 -81.51
C LYS F 131 -25.31 93.27 -82.52
N GLU F 132 -26.08 94.35 -82.51
CA GLU F 132 -25.87 95.47 -83.42
C GLU F 132 -24.58 96.19 -83.07
N LEU F 133 -23.53 95.99 -83.86
CA LEU F 133 -22.26 96.65 -83.61
C LEU F 133 -22.37 98.17 -83.72
N GLY F 134 -23.24 98.63 -84.61
CA GLY F 134 -23.52 100.06 -84.73
C GLY F 134 -22.71 100.76 -85.79
N ASN F 135 -21.74 100.07 -86.37
CA ASN F 135 -20.95 100.60 -87.47
C ASN F 135 -21.49 100.12 -88.81
N GLY F 136 -22.61 99.41 -88.75
CA GLY F 136 -23.24 98.86 -89.93
C GLY F 136 -23.26 97.35 -89.92
N CYS F 137 -22.57 96.76 -88.94
CA CYS F 137 -22.41 95.31 -88.87
C CYS F 137 -23.16 94.67 -87.72
N PHE F 138 -23.35 93.35 -87.81
CA PHE F 138 -23.93 92.56 -86.73
C PHE F 138 -23.01 91.40 -86.38
N GLU F 139 -23.08 90.94 -85.14
CA GLU F 139 -22.30 89.78 -84.71
C GLU F 139 -23.21 88.73 -84.09
N PHE F 140 -23.13 87.50 -84.60
CA PHE F 140 -24.06 86.44 -84.24
C PHE F 140 -23.82 85.80 -82.87
N TYR F 141 -24.89 85.32 -82.25
CA TYR F 141 -24.80 84.56 -81.01
C TYR F 141 -24.79 83.06 -81.29
N HIS F 142 -24.65 82.74 -82.58
CA HIS F 142 -24.45 81.36 -83.02
C HIS F 142 -23.59 81.39 -84.30
N LYS F 143 -23.28 80.23 -84.84
CA LYS F 143 -22.55 80.18 -86.11
C LYS F 143 -23.54 80.27 -87.26
N CYS F 144 -23.14 80.94 -88.34
CA CYS F 144 -24.03 81.17 -89.46
C CYS F 144 -23.44 80.67 -90.77
N ASP F 145 -23.77 79.43 -91.13
CA ASP F 145 -23.25 78.81 -92.35
C ASP F 145 -23.69 79.54 -93.63
N ASN F 146 -23.13 79.14 -94.76
CA ASN F 146 -23.43 79.77 -96.05
C ASN F 146 -24.85 79.53 -96.55
N GLU F 147 -25.63 78.78 -95.78
CA GLU F 147 -27.05 78.60 -96.08
C GLU F 147 -27.88 79.43 -95.10
N CYS F 148 -27.24 79.85 -94.01
CA CYS F 148 -27.87 80.74 -93.04
C CYS F 148 -27.89 82.17 -93.56
N MET F 149 -26.85 82.53 -94.30
CA MET F 149 -26.74 83.87 -94.89
C MET F 149 -27.80 84.08 -95.96
N GLU F 150 -28.09 83.02 -96.71
CA GLU F 150 -29.05 83.08 -97.81
C GLU F 150 -30.50 83.30 -97.36
N SER F 151 -30.86 82.72 -96.21
CA SER F 151 -32.22 82.86 -95.69
C SER F 151 -32.50 84.30 -95.29
N ILE F 152 -31.48 84.98 -94.75
CA ILE F 152 -31.57 86.40 -94.44
C ILE F 152 -31.59 87.19 -95.74
N ARG F 153 -30.79 86.74 -96.71
CA ARG F 153 -30.65 87.43 -97.99
C ARG F 153 -31.90 87.36 -98.87
N ASN F 154 -32.90 86.59 -98.48
CA ASN F 154 -34.14 86.54 -99.26
C ASN F 154 -35.45 86.66 -98.48
N GLY F 155 -35.36 87.03 -97.20
CA GLY F 155 -36.54 87.49 -96.49
C GLY F 155 -37.12 86.69 -95.33
N THR F 156 -36.80 85.40 -95.26
CA THR F 156 -37.36 84.56 -94.19
C THR F 156 -36.29 83.83 -93.37
N TYR F 157 -35.96 84.40 -92.22
CA TYR F 157 -34.99 83.83 -91.30
C TYR F 157 -35.71 83.16 -90.13
N ASN F 158 -35.25 81.97 -89.75
CA ASN F 158 -35.89 81.21 -88.67
C ASN F 158 -35.37 81.61 -87.30
N TYR F 159 -36.29 82.05 -86.43
CA TYR F 159 -35.93 82.46 -85.08
C TYR F 159 -35.42 81.35 -84.14
N PRO F 160 -36.05 80.15 -84.16
CA PRO F 160 -35.54 79.05 -83.33
C PRO F 160 -34.06 78.74 -83.53
N GLN F 161 -33.19 79.47 -82.84
CA GLN F 161 -31.74 79.25 -82.94
C GLN F 161 -30.95 79.63 -81.68
N TYR F 162 -31.51 79.33 -80.51
CA TYR F 162 -30.86 79.53 -79.19
C TYR F 162 -30.21 80.91 -78.93
N SER F 163 -29.52 81.02 -77.80
CA SER F 163 -28.93 82.30 -77.39
C SER F 163 -27.77 82.11 -76.40
N GLU F 164 -27.46 83.18 -75.68
CA GLU F 164 -26.53 83.18 -74.53
C GLU F 164 -25.37 82.17 -74.60
N GLN G 1 31.15 -75.87 99.52
CA GLN G 1 31.71 -75.74 98.18
C GLN G 1 31.43 -74.35 97.60
N ASP G 2 32.07 -74.06 96.46
CA ASP G 2 32.25 -72.69 95.97
C ASP G 2 32.39 -72.69 94.44
N GLN G 3 32.00 -71.60 93.79
CA GLN G 3 32.04 -71.51 92.33
C GLN G 3 32.43 -70.13 91.79
N ILE G 4 32.91 -70.12 90.55
CA ILE G 4 33.13 -68.88 89.81
C ILE G 4 32.80 -69.09 88.32
N CYS G 5 32.05 -68.16 87.75
CA CYS G 5 31.56 -68.31 86.38
C CYS G 5 31.75 -67.06 85.53
N ILE G 6 32.21 -67.25 84.30
CA ILE G 6 32.36 -66.15 83.34
C ILE G 6 31.24 -66.19 82.33
N GLY G 7 30.57 -65.05 82.14
CA GLY G 7 29.48 -64.96 81.19
C GLY G 7 29.43 -63.61 80.50
N TYR G 8 28.31 -63.33 79.83
CA TYR G 8 28.17 -62.08 79.09
C TYR G 8 26.79 -61.46 79.22
N HIS G 9 26.68 -60.20 78.80
CA HIS G 9 25.44 -59.43 78.87
C HIS G 9 24.33 -60.04 77.99
N ALA G 10 23.09 -59.75 78.36
CA ALA G 10 21.93 -60.08 77.54
C ALA G 10 20.78 -59.17 77.94
N ASN G 11 19.81 -58.98 77.04
CA ASN G 11 18.62 -58.20 77.36
C ASN G 11 17.38 -58.53 76.52
N ASN G 12 16.52 -57.53 76.34
CA ASN G 12 15.21 -57.74 75.75
C ASN G 12 15.01 -57.11 74.38
N SER G 13 16.04 -56.47 73.83
CA SER G 13 15.92 -55.80 72.54
C SER G 13 15.80 -56.79 71.39
N THR G 14 14.86 -56.53 70.49
CA THR G 14 14.62 -57.41 69.34
C THR G 14 15.32 -56.93 68.07
N GLU G 15 16.02 -55.80 68.17
CA GLU G 15 16.70 -55.21 67.02
C GLU G 15 17.69 -56.16 66.36
N GLN G 16 17.68 -56.17 65.03
CA GLN G 16 18.51 -57.09 64.26
C GLN G 16 19.50 -56.35 63.37
N VAL G 17 20.61 -57.01 63.05
CA VAL G 17 21.58 -56.49 62.10
C VAL G 17 21.93 -57.58 61.10
N ASP G 18 22.67 -57.23 60.06
CA ASP G 18 23.13 -58.21 59.09
C ASP G 18 24.64 -58.35 59.13
N THR G 19 25.12 -59.54 58.78
CA THR G 19 26.54 -59.76 58.51
C THR G 19 26.64 -60.41 57.14
N ILE G 20 27.86 -60.71 56.72
CA ILE G 20 28.06 -61.34 55.43
C ILE G 20 27.51 -62.77 55.43
N MET G 21 27.75 -63.50 56.51
CA MET G 21 27.38 -64.91 56.59
C MET G 21 25.98 -65.16 57.16
N GLU G 22 25.34 -64.11 57.64
CA GLU G 22 24.06 -64.29 58.32
C GLU G 22 23.22 -63.01 58.39
N LYS G 23 21.94 -63.13 58.05
CA LYS G 23 21.02 -62.00 58.11
C LYS G 23 20.19 -62.05 59.38
N ASN G 24 19.45 -60.97 59.63
CA ASN G 24 18.43 -60.92 60.69
C ASN G 24 18.91 -61.45 62.05
N VAL G 25 20.06 -60.96 62.50
CA VAL G 25 20.63 -61.40 63.78
C VAL G 25 20.33 -60.42 64.90
N THR G 26 19.64 -60.91 65.93
CA THR G 26 19.26 -60.08 67.07
C THR G 26 20.47 -59.76 67.95
N VAL G 27 20.50 -58.56 68.51
CA VAL G 27 21.62 -58.14 69.34
C VAL G 27 21.19 -57.36 70.58
N THR G 28 22.12 -57.18 71.50
CA THR G 28 21.85 -56.45 72.73
C THR G 28 21.69 -54.96 72.48
N HIS G 29 22.66 -54.40 71.74
CA HIS G 29 22.65 -52.97 71.44
C HIS G 29 23.05 -52.72 69.98
N ALA G 30 22.43 -51.72 69.36
CA ALA G 30 22.74 -51.38 67.98
C ALA G 30 22.67 -49.87 67.76
N GLN G 31 23.02 -49.45 66.54
CA GLN G 31 22.95 -48.04 66.18
C GLN G 31 22.53 -47.89 64.72
N ASP G 32 21.37 -47.27 64.50
CA ASP G 32 20.90 -47.01 63.14
C ASP G 32 21.56 -45.75 62.62
N ILE G 33 22.24 -45.85 61.50
CA ILE G 33 22.97 -44.73 60.94
C ILE G 33 22.31 -44.16 59.69
N LEU G 34 21.03 -44.48 59.49
CA LEU G 34 20.33 -44.06 58.28
C LEU G 34 19.06 -43.27 58.57
N GLU G 35 19.13 -41.95 58.34
CA GLU G 35 17.95 -41.09 58.49
C GLU G 35 17.00 -41.32 57.34
N LYS G 36 15.75 -41.65 57.66
CA LYS G 36 14.78 -42.02 56.62
C LYS G 36 13.52 -41.15 56.67
N THR G 37 13.63 -39.99 57.28
CA THR G 37 12.47 -39.12 57.44
C THR G 37 12.79 -37.65 57.19
N HIS G 38 11.88 -36.98 56.49
CA HIS G 38 11.97 -35.55 56.24
C HIS G 38 10.66 -34.90 56.68
N ASN G 39 10.61 -33.57 56.66
CA ASN G 39 9.40 -32.88 57.09
C ASN G 39 8.39 -32.60 55.97
N GLY G 40 8.73 -32.98 54.74
CA GLY G 40 7.85 -32.78 53.60
C GLY G 40 7.60 -31.31 53.28
N LYS G 41 8.54 -30.45 53.68
CA LYS G 41 8.39 -29.02 53.44
C LYS G 41 9.62 -28.40 52.77
N LEU G 42 9.44 -27.22 52.19
CA LEU G 42 10.53 -26.43 51.65
C LEU G 42 10.84 -25.27 52.60
N CYS G 43 11.95 -25.38 53.32
CA CYS G 43 12.26 -24.43 54.40
C CYS G 43 13.30 -23.39 54.03
N ASP G 44 13.44 -22.38 54.89
CA ASP G 44 14.58 -21.47 54.83
C ASP G 44 15.82 -22.29 55.11
N LEU G 45 16.97 -21.84 54.61
CA LEU G 45 18.22 -22.54 54.88
C LEU G 45 19.06 -21.66 55.80
N ASP G 46 19.17 -22.05 57.06
CA ASP G 46 19.88 -21.28 58.07
C ASP G 46 19.38 -19.83 58.12
N GLY G 47 18.07 -19.65 58.04
CA GLY G 47 17.46 -18.35 58.18
C GLY G 47 17.36 -17.50 56.93
N VAL G 48 17.96 -17.95 55.83
CA VAL G 48 17.77 -17.26 54.56
C VAL G 48 16.78 -18.00 53.68
N LYS G 49 15.72 -17.32 53.26
CA LYS G 49 14.57 -17.94 52.61
C LYS G 49 14.79 -18.24 51.12
N PRO G 50 14.34 -19.43 50.67
CA PRO G 50 14.46 -19.78 49.24
C PRO G 50 13.61 -18.89 48.35
N LEU G 51 13.90 -18.92 47.06
CA LEU G 51 13.11 -18.20 46.06
C LEU G 51 12.29 -19.25 45.34
N ILE G 52 10.99 -19.22 45.58
CA ILE G 52 10.13 -20.23 45.02
C ILE G 52 9.41 -19.67 43.82
N LEU G 53 9.95 -19.96 42.64
CA LEU G 53 9.26 -19.67 41.40
C LEU G 53 8.06 -20.57 41.49
N ARG G 54 6.89 -20.07 41.13
CA ARG G 54 5.68 -20.86 41.36
C ARG G 54 5.28 -21.54 40.07
N ASP G 55 4.52 -20.84 39.23
CA ASP G 55 4.21 -21.33 37.90
C ASP G 55 5.00 -20.55 36.88
N CYS G 56 6.09 -19.92 37.34
CA CYS G 56 7.03 -19.23 36.46
C CYS G 56 8.33 -20.03 36.32
N SER G 57 8.92 -19.97 35.13
CA SER G 57 10.22 -20.57 34.87
C SER G 57 11.31 -19.53 35.11
N VAL G 58 12.56 -19.95 35.05
CA VAL G 58 13.67 -19.02 35.22
C VAL G 58 13.57 -17.97 34.12
N ALA G 59 13.23 -18.42 32.90
CA ALA G 59 13.13 -17.50 31.78
C ALA G 59 11.99 -16.51 31.93
N GLY G 60 10.89 -16.96 32.54
CA GLY G 60 9.75 -16.09 32.75
C GLY G 60 10.10 -15.05 33.78
N TRP G 61 10.85 -15.45 34.79
CA TRP G 61 11.31 -14.54 35.83
C TRP G 61 12.29 -13.52 35.25
N LEU G 62 13.35 -14.01 34.62
CA LEU G 62 14.43 -13.13 34.19
C LEU G 62 14.01 -12.20 33.05
N LEU G 63 13.12 -12.67 32.19
CA LEU G 63 12.63 -11.84 31.11
C LEU G 63 11.46 -10.96 31.56
N GLY G 64 10.78 -11.38 32.62
CA GLY G 64 9.68 -10.60 33.17
C GLY G 64 8.36 -10.85 32.48
N ASN G 65 8.00 -12.13 32.36
CA ASN G 65 6.68 -12.55 31.94
C ASN G 65 5.64 -11.83 32.81
N PRO G 66 4.64 -11.20 32.18
CA PRO G 66 3.69 -10.39 32.93
C PRO G 66 2.96 -11.22 33.98
N MET G 67 2.90 -12.52 33.78
CA MET G 67 2.24 -13.42 34.72
C MET G 67 3.19 -13.76 35.85
N CYS G 68 4.35 -13.11 35.85
CA CYS G 68 5.39 -13.41 36.83
C CYS G 68 5.77 -12.19 37.65
N ASP G 69 4.86 -11.21 37.74
CA ASP G 69 5.12 -9.96 38.46
C ASP G 69 5.53 -10.18 39.93
N GLU G 70 5.13 -11.31 40.49
CA GLU G 70 5.50 -11.63 41.88
C GLU G 70 7.01 -11.57 42.08
N PHE G 71 7.76 -11.69 40.99
CA PHE G 71 9.21 -11.79 41.09
C PHE G 71 9.91 -10.58 40.48
N ILE G 72 9.16 -9.50 40.26
CA ILE G 72 9.73 -8.26 39.72
C ILE G 72 10.96 -7.81 40.51
N ASN G 73 10.85 -7.85 41.83
CA ASN G 73 12.01 -7.62 42.69
C ASN G 73 12.08 -8.75 43.69
N VAL G 74 13.28 -9.25 43.88
CA VAL G 74 13.46 -10.50 44.57
C VAL G 74 14.65 -10.36 45.50
N PRO G 75 14.43 -10.62 46.78
CA PRO G 75 15.50 -10.47 47.77
C PRO G 75 16.52 -11.60 47.61
N GLU G 76 17.66 -11.46 48.29
CA GLU G 76 18.62 -12.54 48.40
C GLU G 76 17.91 -13.86 48.70
N TRP G 77 18.32 -14.92 48.02
CA TRP G 77 17.78 -16.26 48.25
C TRP G 77 18.87 -17.21 48.70
N SER G 78 18.48 -18.39 49.14
CA SER G 78 19.42 -19.42 49.55
C SER G 78 19.51 -20.49 48.45
N TYR G 79 18.34 -20.87 47.93
CA TYR G 79 18.27 -21.76 46.80
C TYR G 79 17.02 -21.43 45.97
N ILE G 80 16.96 -21.93 44.73
CA ILE G 80 15.83 -21.65 43.87
C ILE G 80 15.00 -22.92 43.63
N VAL G 81 13.67 -22.78 43.72
CA VAL G 81 12.78 -23.89 43.46
C VAL G 81 11.97 -23.64 42.19
N GLU G 82 12.05 -24.58 41.26
CA GLU G 82 11.29 -24.47 40.02
C GLU G 82 10.48 -25.74 39.82
N LYS G 83 9.28 -25.58 39.30
CA LYS G 83 8.43 -26.73 39.01
C LYS G 83 8.96 -27.47 37.78
N ALA G 84 8.57 -28.73 37.65
CA ALA G 84 8.99 -29.57 36.54
C ALA G 84 8.52 -29.00 35.22
N ASN G 85 7.31 -28.44 35.21
CA ASN G 85 6.72 -27.84 34.02
C ASN G 85 5.99 -26.52 34.31
N PRO G 86 6.77 -25.46 34.57
CA PRO G 86 6.21 -24.14 34.87
C PRO G 86 5.33 -23.69 33.72
N THR G 87 4.14 -23.16 34.00
CA THR G 87 3.22 -22.78 32.94
C THR G 87 3.54 -21.40 32.38
N ASN G 88 4.31 -20.62 33.12
CA ASN G 88 4.63 -19.27 32.68
C ASN G 88 6.11 -19.12 32.34
N ASP G 89 6.37 -19.11 31.03
CA ASP G 89 7.70 -19.24 30.49
C ASP G 89 7.83 -18.21 29.39
N LEU G 90 7.89 -18.65 28.14
CA LEU G 90 7.97 -17.73 27.03
C LEU G 90 6.58 -17.50 26.47
N CYS G 91 5.85 -16.54 27.04
CA CYS G 91 4.49 -16.24 26.59
C CYS G 91 4.48 -15.97 25.10
N TYR G 92 5.38 -15.14 24.63
CA TYR G 92 5.57 -15.02 23.19
C TYR G 92 6.48 -16.15 22.80
N PRO G 93 6.04 -16.99 21.84
CA PRO G 93 6.79 -18.19 21.46
C PRO G 93 8.15 -17.87 20.86
N GLY G 94 9.12 -18.72 21.14
CA GLY G 94 10.46 -18.53 20.62
C GLY G 94 11.45 -19.33 21.41
N SER G 95 12.65 -18.79 21.59
CA SER G 95 13.70 -19.54 22.26
C SER G 95 14.62 -18.64 23.03
N PHE G 96 15.46 -19.27 23.84
CA PHE G 96 16.34 -18.60 24.79
C PHE G 96 17.73 -19.23 24.68
N ASN G 97 18.65 -18.53 24.01
CA ASN G 97 20.02 -19.00 23.85
C ASN G 97 20.78 -19.33 25.12
N ASP G 98 21.46 -20.47 25.12
CA ASP G 98 22.31 -20.89 26.23
C ASP G 98 21.60 -20.81 27.56
N TYR G 99 20.35 -21.27 27.55
CA TYR G 99 19.47 -21.29 28.71
C TYR G 99 20.01 -22.15 29.85
N GLU G 100 20.40 -23.37 29.55
CA GLU G 100 20.91 -24.27 30.60
C GLU G 100 22.22 -23.77 31.17
N GLU G 101 23.01 -23.10 30.34
CA GLU G 101 24.24 -22.50 30.81
C GLU G 101 23.94 -21.33 31.75
N LEU G 102 22.82 -20.65 31.51
CA LEU G 102 22.42 -19.55 32.39
C LEU G 102 21.89 -20.12 33.69
N LYS G 103 21.04 -21.13 33.58
CA LYS G 103 20.53 -21.81 34.76
C LYS G 103 21.66 -22.29 35.66
N TYR G 104 22.75 -22.76 35.06
CA TYR G 104 23.90 -23.20 35.85
C TYR G 104 24.54 -22.02 36.60
N LEU G 105 24.70 -20.89 35.90
CA LEU G 105 25.23 -19.67 36.53
C LEU G 105 24.41 -19.30 37.74
N LEU G 106 23.10 -19.44 37.62
CA LEU G 106 22.16 -19.10 38.69
C LEU G 106 22.43 -19.89 39.96
N SER G 107 22.79 -21.15 39.82
CA SER G 107 23.10 -21.99 40.97
C SER G 107 24.40 -21.51 41.65
N ARG G 108 25.04 -20.51 41.07
CA ARG G 108 26.26 -19.95 41.61
C ARG G 108 26.00 -18.55 42.14
N ILE G 109 24.73 -18.14 42.15
CA ILE G 109 24.36 -16.79 42.56
C ILE G 109 23.30 -16.82 43.68
N ASN G 110 23.30 -15.79 44.54
CA ASN G 110 22.35 -15.73 45.65
C ASN G 110 21.45 -14.48 45.64
N HIS G 111 21.80 -13.49 44.82
CA HIS G 111 21.05 -12.24 44.79
C HIS G 111 21.30 -11.41 43.52
N PHE G 112 20.22 -11.00 42.87
CA PHE G 112 20.26 -10.08 41.75
C PHE G 112 19.71 -8.75 42.24
N GLU G 113 20.14 -7.65 41.63
CA GLU G 113 19.49 -6.37 41.89
C GLU G 113 19.08 -5.72 40.58
N LYS G 114 17.78 -5.76 40.30
CA LYS G 114 17.26 -5.23 39.06
C LYS G 114 17.55 -3.74 38.96
N ILE G 115 18.12 -3.31 37.83
CA ILE G 115 18.32 -1.89 37.59
C ILE G 115 18.00 -1.50 36.14
N GLN G 116 17.47 -0.29 35.98
CA GLN G 116 17.12 0.24 34.68
C GLN G 116 18.34 0.76 33.95
N ILE G 117 18.79 0.04 32.92
CA ILE G 117 19.97 0.47 32.17
C ILE G 117 19.66 1.24 30.90
N ILE G 118 18.45 1.10 30.39
CA ILE G 118 17.97 1.94 29.28
C ILE G 118 16.48 2.20 29.48
N PRO G 119 16.14 3.40 29.97
CA PRO G 119 14.72 3.68 30.26
C PRO G 119 13.89 3.68 28.99
N LYS G 120 12.67 3.16 29.08
CA LYS G 120 11.74 3.10 27.95
C LYS G 120 11.45 4.49 27.36
N SER G 121 11.62 5.52 28.18
CA SER G 121 11.35 6.88 27.76
C SER G 121 12.46 7.49 26.87
N SER G 122 13.60 6.82 26.81
CA SER G 122 14.75 7.38 26.09
C SER G 122 14.66 7.17 24.58
N TRP G 123 13.67 6.41 24.14
CA TRP G 123 13.54 6.13 22.72
C TRP G 123 12.73 7.24 22.04
N SER G 124 13.44 8.18 21.44
CA SER G 124 12.81 9.37 20.87
C SER G 124 12.30 9.15 19.45
N ASP G 125 12.94 8.25 18.71
CA ASP G 125 12.63 8.11 17.29
C ASP G 125 12.06 6.75 16.93
N HIS G 126 11.62 6.01 17.94
CA HIS G 126 10.96 4.73 17.75
C HIS G 126 9.79 4.62 18.74
N GLU G 127 8.79 3.82 18.41
CA GLU G 127 7.71 3.54 19.35
C GLU G 127 8.14 2.50 20.37
N ALA G 128 7.80 2.74 21.63
CA ALA G 128 8.22 1.86 22.73
C ALA G 128 7.09 1.39 23.62
N SER G 129 5.90 1.92 23.42
CA SER G 129 4.78 1.52 24.26
C SER G 129 3.68 0.77 23.50
N SER G 130 4.01 0.35 22.28
CA SER G 130 3.10 -0.41 21.45
C SER G 130 3.57 -1.85 21.25
N GLY G 131 4.65 -2.22 21.95
CA GLY G 131 5.23 -3.54 21.76
C GLY G 131 4.55 -4.57 22.64
N VAL G 132 3.32 -4.92 22.30
CA VAL G 132 2.54 -5.82 23.12
C VAL G 132 1.94 -6.92 22.27
N SER G 133 1.47 -7.98 22.91
CA SER G 133 0.84 -9.09 22.21
C SER G 133 -0.20 -9.81 23.06
N SER G 134 -1.22 -10.33 22.41
CA SER G 134 -2.22 -11.18 23.07
C SER G 134 -1.59 -12.43 23.67
N ALA G 135 -0.39 -12.78 23.23
CA ALA G 135 0.26 -13.99 23.71
C ALA G 135 0.71 -13.76 25.14
N CYS G 136 0.95 -12.51 25.48
CA CYS G 136 1.45 -12.14 26.78
C CYS G 136 0.45 -11.19 27.42
N PRO G 137 -0.65 -11.74 27.96
CA PRO G 137 -1.67 -10.86 28.51
C PRO G 137 -1.42 -10.50 29.96
N TYR G 138 -1.75 -9.27 30.34
CA TYR G 138 -1.75 -8.88 31.74
C TYR G 138 -3.16 -8.38 32.07
N LEU G 139 -3.76 -8.95 33.12
CA LEU G 139 -5.16 -8.67 33.45
C LEU G 139 -6.08 -8.53 32.20
N GLY G 140 -5.95 -9.45 31.25
CA GLY G 140 -6.81 -9.46 30.07
C GLY G 140 -6.39 -8.60 28.89
N SER G 141 -5.41 -7.72 29.07
CA SER G 141 -4.97 -6.84 28.01
C SER G 141 -3.65 -7.31 27.45
N PRO G 142 -3.43 -7.08 26.15
CA PRO G 142 -2.14 -7.40 25.50
C PRO G 142 -0.98 -6.74 26.22
N SER G 143 0.05 -7.51 26.56
CA SER G 143 1.21 -6.97 27.25
C SER G 143 2.50 -7.56 26.63
N PHE G 144 3.58 -7.61 27.39
CA PHE G 144 4.85 -8.16 26.95
C PHE G 144 5.76 -8.41 28.13
N PHE G 145 6.93 -8.98 27.87
CA PHE G 145 7.95 -9.19 28.89
C PHE G 145 8.34 -7.83 29.45
N ARG G 146 8.48 -7.72 30.77
CA ARG G 146 8.69 -6.40 31.37
C ARG G 146 10.12 -5.85 31.22
N ASN G 147 11.12 -6.72 31.26
CA ASN G 147 12.51 -6.27 31.31
C ASN G 147 13.11 -5.86 29.96
N VAL G 148 12.42 -6.20 28.89
CA VAL G 148 12.86 -5.83 27.54
C VAL G 148 11.72 -5.12 26.83
N VAL G 149 12.06 -4.27 25.87
CA VAL G 149 11.05 -3.50 25.18
C VAL G 149 11.08 -3.80 23.69
N TRP G 150 9.92 -4.12 23.14
CA TRP G 150 9.79 -4.47 21.74
C TRP G 150 9.52 -3.21 20.90
N LEU G 151 10.58 -2.61 20.39
CA LEU G 151 10.46 -1.35 19.66
C LEU G 151 9.88 -1.57 18.27
N ILE G 152 9.01 -0.65 17.83
CA ILE G 152 8.55 -0.67 16.43
C ILE G 152 8.74 0.71 15.83
N LYS G 153 8.42 0.85 14.55
CA LYS G 153 8.65 2.09 13.82
C LYS G 153 7.86 3.28 14.38
N LYS G 154 8.16 4.47 13.87
CA LYS G 154 7.49 5.70 14.30
C LYS G 154 7.42 6.65 13.14
N ASN G 155 6.19 7.04 12.78
CA ASN G 155 5.96 7.88 11.61
C ASN G 155 6.54 7.25 10.36
N SER G 156 6.19 5.99 10.14
CA SER G 156 6.64 5.22 8.97
C SER G 156 8.16 5.24 8.79
N ALA G 157 8.90 5.15 9.89
CA ALA G 157 10.35 5.21 9.82
C ALA G 157 11.02 4.50 11.00
N TYR G 158 12.11 3.80 10.71
CA TYR G 158 12.91 3.14 11.74
C TYR G 158 14.36 3.47 11.50
N PRO G 159 14.81 4.62 12.00
CA PRO G 159 16.22 5.02 11.91
C PRO G 159 17.06 3.95 12.56
N THR G 160 18.27 3.73 12.07
CA THR G 160 19.09 2.69 12.66
C THR G 160 19.52 3.13 14.04
N ILE G 161 19.44 2.21 14.99
CA ILE G 161 19.69 2.50 16.40
C ILE G 161 21.18 2.37 16.73
N LYS G 162 21.71 3.33 17.48
CA LYS G 162 23.03 3.17 18.07
C LYS G 162 22.94 3.48 19.55
N LYS G 163 22.82 2.43 20.34
CA LYS G 163 22.65 2.58 21.77
C LYS G 163 23.78 1.88 22.47
N SER G 164 24.25 2.48 23.55
CA SER G 164 25.42 1.98 24.25
C SER G 164 25.20 2.12 25.76
N TYR G 165 25.60 1.11 26.52
CA TYR G 165 25.52 1.21 27.98
C TYR G 165 26.82 0.73 28.60
N ASN G 166 27.35 1.54 29.52
CA ASN G 166 28.62 1.22 30.19
C ASN G 166 28.33 0.74 31.61
N ASN G 167 28.81 -0.46 31.95
CA ASN G 167 28.63 -0.97 33.30
C ASN G 167 29.52 -0.24 34.31
N THR G 168 28.96 0.78 34.94
CA THR G 168 29.70 1.61 35.87
C THR G 168 29.56 1.13 37.31
N ASN G 169 29.04 -0.09 37.47
CA ASN G 169 28.91 -0.71 38.78
C ASN G 169 30.13 -1.58 39.08
N GLN G 170 30.25 -2.05 40.32
CA GLN G 170 31.40 -2.89 40.67
C GLN G 170 30.99 -4.35 40.59
N GLU G 171 29.76 -4.59 40.18
CA GLU G 171 29.26 -5.94 40.05
C GLU G 171 29.05 -6.29 38.58
N ASP G 172 29.19 -7.58 38.27
CA ASP G 172 28.83 -8.10 36.95
C ASP G 172 27.36 -7.81 36.64
N LEU G 173 27.08 -7.50 35.38
CA LEU G 173 25.71 -7.28 34.91
C LEU G 173 25.22 -8.41 34.00
N LEU G 174 24.07 -9.01 34.36
CA LEU G 174 23.37 -9.91 33.45
C LEU G 174 22.45 -9.09 32.55
N VAL G 175 22.74 -9.07 31.26
CA VAL G 175 21.99 -8.26 30.31
C VAL G 175 21.29 -9.11 29.27
N LEU G 176 19.97 -8.97 29.17
CA LEU G 176 19.16 -9.75 28.24
C LEU G 176 18.61 -8.87 27.13
N TRP G 177 18.52 -9.42 25.92
CA TRP G 177 17.87 -8.73 24.83
C TRP G 177 17.36 -9.79 23.87
N GLY G 178 16.69 -9.39 22.81
CA GLY G 178 16.15 -10.35 21.87
C GLY G 178 16.00 -9.87 20.45
N ILE G 179 15.67 -10.79 19.56
CA ILE G 179 15.32 -10.43 18.20
C ILE G 179 13.94 -10.99 17.92
N HIS G 180 13.19 -10.33 17.04
CA HIS G 180 11.87 -10.80 16.65
C HIS G 180 11.90 -11.39 15.24
N HIS G 181 11.42 -12.62 15.10
CA HIS G 181 11.29 -13.24 13.79
C HIS G 181 9.84 -13.19 13.32
N PRO G 182 9.57 -12.35 12.33
CA PRO G 182 8.23 -12.21 11.75
C PRO G 182 7.78 -13.44 10.96
N ASN G 183 6.57 -13.41 10.43
CA ASN G 183 6.03 -14.53 9.67
C ASN G 183 6.03 -14.29 8.15
N ASP G 184 6.06 -13.02 7.74
CA ASP G 184 6.10 -12.69 6.32
C ASP G 184 6.68 -11.29 6.09
N ALA G 185 6.97 -10.97 4.84
CA ALA G 185 7.59 -9.70 4.49
C ALA G 185 6.69 -8.51 4.79
N ALA G 186 5.39 -8.74 4.78
CA ALA G 186 4.44 -7.67 5.06
C ALA G 186 4.54 -7.25 6.51
N GLU G 187 4.59 -8.23 7.40
CA GLU G 187 4.71 -7.99 8.84
C GLU G 187 6.02 -7.27 9.17
N GLN G 188 7.07 -7.61 8.44
CA GLN G 188 8.38 -6.99 8.60
C GLN G 188 8.32 -5.48 8.37
N THR G 189 7.75 -5.08 7.24
CA THR G 189 7.63 -3.66 6.92
C THR G 189 6.59 -2.98 7.79
N ARG G 190 5.53 -3.71 8.13
CA ARG G 190 4.46 -3.15 8.97
C ARG G 190 5.01 -2.74 10.33
N LEU G 191 5.97 -3.52 10.83
CA LEU G 191 6.56 -3.24 12.13
C LEU G 191 7.79 -2.34 12.03
N TYR G 192 8.56 -2.47 10.97
CA TYR G 192 9.89 -1.87 10.92
C TYR G 192 10.28 -1.11 9.65
N GLN G 193 9.34 -0.96 8.72
CA GLN G 193 9.61 -0.32 7.42
C GLN G 193 10.71 -1.00 6.61
N ASN G 194 11.90 -1.07 7.20
CA ASN G 194 13.04 -1.67 6.52
C ASN G 194 12.85 -3.16 6.28
N PRO G 195 13.03 -3.59 5.02
CA PRO G 195 12.83 -5.00 4.62
C PRO G 195 13.99 -5.90 5.04
N THR G 196 15.21 -5.36 5.03
CA THR G 196 16.39 -6.15 5.33
C THR G 196 17.16 -5.57 6.52
N THR G 197 17.07 -6.26 7.66
CA THR G 197 17.54 -5.68 8.91
C THR G 197 18.55 -6.56 9.64
N TYR G 198 19.10 -6.03 10.72
CA TYR G 198 20.10 -6.74 11.51
C TYR G 198 20.19 -6.18 12.93
N ILE G 199 20.83 -6.94 13.82
CA ILE G 199 21.17 -6.45 15.14
C ILE G 199 22.59 -6.86 15.47
N SER G 200 23.48 -5.88 15.59
CA SER G 200 24.83 -6.16 16.02
C SER G 200 24.99 -5.82 17.50
N ILE G 201 25.78 -6.63 18.20
CA ILE G 201 26.01 -6.44 19.63
C ILE G 201 27.48 -6.67 19.95
N GLY G 202 28.10 -5.72 20.63
CA GLY G 202 29.51 -5.85 20.96
C GLY G 202 29.87 -5.50 22.39
N THR G 203 30.83 -6.24 22.95
CA THR G 203 31.49 -5.87 24.20
C THR G 203 33.00 -6.02 24.02
N SER G 204 33.71 -6.31 25.11
CA SER G 204 35.12 -6.66 25.03
C SER G 204 35.22 -8.00 24.35
N THR G 205 34.20 -8.81 24.58
CA THR G 205 34.28 -10.24 24.42
C THR G 205 33.26 -10.72 23.39
N LEU G 206 32.11 -10.06 23.36
CA LEU G 206 31.01 -10.47 22.50
C LEU G 206 31.06 -9.70 21.19
N ASN G 207 30.79 -10.39 20.09
CA ASN G 207 30.83 -9.76 18.77
C ASN G 207 29.80 -10.42 17.85
N GLN G 208 28.50 -10.24 18.13
CA GLN G 208 27.51 -10.92 17.31
C GLN G 208 26.68 -10.08 16.35
N ARG G 209 26.29 -10.71 15.25
CA ARG G 209 25.40 -10.13 14.27
C ARG G 209 24.20 -11.06 14.08
N LEU G 210 23.01 -10.52 14.34
CA LEU G 210 21.79 -11.31 14.22
C LEU G 210 20.99 -10.75 13.06
N VAL G 211 20.43 -11.64 12.23
CA VAL G 211 19.44 -11.20 11.26
C VAL G 211 18.15 -11.99 11.45
N PRO G 212 17.01 -11.30 11.42
CA PRO G 212 15.75 -11.99 11.65
C PRO G 212 15.47 -12.98 10.54
N LYS G 213 14.77 -14.07 10.86
CA LYS G 213 14.36 -15.07 9.88
C LYS G 213 12.87 -14.95 9.61
N ILE G 214 12.53 -14.30 8.50
CA ILE G 214 11.14 -14.14 8.10
C ILE G 214 10.66 -15.40 7.40
N ALA G 215 9.81 -16.18 8.04
CA ALA G 215 9.43 -17.50 7.53
C ALA G 215 8.13 -18.06 8.13
N THR G 216 7.54 -19.03 7.44
CA THR G 216 6.27 -19.63 7.82
C THR G 216 6.43 -20.73 8.86
N ARG G 217 5.75 -20.59 10.00
CA ARG G 217 5.88 -21.55 11.11
C ARG G 217 4.52 -21.88 11.67
N SER G 218 4.46 -22.95 12.45
CA SER G 218 3.21 -23.39 13.02
C SER G 218 2.86 -22.54 14.25
N LYS G 219 1.58 -22.23 14.39
CA LYS G 219 1.11 -21.38 15.47
C LYS G 219 1.37 -21.97 16.86
N VAL G 220 1.93 -21.16 17.73
CA VAL G 220 2.11 -21.53 19.13
C VAL G 220 1.62 -20.34 19.95
N ASN G 221 0.78 -20.62 20.94
CA ASN G 221 0.08 -19.57 21.68
C ASN G 221 -0.58 -18.56 20.74
N GLY G 222 -0.98 -19.02 19.55
CA GLY G 222 -1.72 -18.19 18.63
C GLY G 222 -0.90 -17.56 17.53
N LEU G 223 0.41 -17.58 17.67
CA LEU G 223 1.28 -16.86 16.74
C LEU G 223 2.19 -17.76 15.92
N SER G 224 2.57 -17.28 14.74
CA SER G 224 3.56 -17.96 13.91
C SER G 224 4.91 -17.26 14.01
N SER G 225 4.90 -16.06 14.60
CA SER G 225 6.12 -15.30 14.83
C SER G 225 6.90 -15.87 16.00
N ARG G 226 8.14 -15.46 16.14
CA ARG G 226 8.97 -15.94 17.24
C ARG G 226 9.77 -14.79 17.85
N MET G 227 10.04 -14.89 19.15
CA MET G 227 10.97 -13.99 19.84
C MET G 227 12.13 -14.86 20.30
N GLU G 228 13.35 -14.45 19.98
CA GLU G 228 14.52 -15.22 20.40
C GLU G 228 15.40 -14.34 21.29
N PHE G 229 15.76 -14.85 22.46
CA PHE G 229 16.45 -14.04 23.45
C PHE G 229 17.90 -14.45 23.71
N PHE G 230 18.73 -13.45 23.95
CA PHE G 230 20.15 -13.64 24.19
C PHE G 230 20.56 -12.97 25.49
N TRP G 231 21.73 -13.34 25.99
CA TRP G 231 22.26 -12.74 27.19
C TRP G 231 23.78 -12.72 27.20
N THR G 232 24.32 -11.91 28.09
CA THR G 232 25.76 -11.90 28.34
C THR G 232 26.02 -11.34 29.73
N ILE G 233 27.18 -11.66 30.29
CA ILE G 233 27.65 -11.03 31.51
C ILE G 233 28.51 -9.83 31.16
N LEU G 234 28.08 -8.64 31.55
CA LEU G 234 28.86 -7.42 31.36
C LEU G 234 29.75 -7.22 32.55
N LYS G 235 31.07 -7.25 32.35
CA LYS G 235 32.00 -7.05 33.45
C LYS G 235 32.13 -5.56 33.75
N PRO G 236 32.35 -5.22 35.02
CA PRO G 236 32.55 -3.83 35.46
C PRO G 236 33.49 -3.07 34.53
N ASN G 237 33.04 -1.89 34.11
CA ASN G 237 33.76 -0.99 33.22
C ASN G 237 33.80 -1.37 31.74
N ASP G 238 33.26 -2.53 31.41
CA ASP G 238 33.04 -2.88 30.02
C ASP G 238 31.72 -2.25 29.57
N ALA G 239 31.56 -2.06 28.26
CA ALA G 239 30.32 -1.53 27.71
C ALA G 239 29.73 -2.46 26.65
N ILE G 240 28.41 -2.38 26.48
CA ILE G 240 27.72 -3.15 25.45
C ILE G 240 27.15 -2.22 24.39
N ASN G 241 27.34 -2.58 23.12
CA ASN G 241 26.94 -1.71 22.02
C ASN G 241 25.93 -2.37 21.10
N PHE G 242 24.78 -1.73 20.94
CA PHE G 242 23.73 -2.24 20.10
C PHE G 242 23.61 -1.37 18.87
N GLU G 243 23.55 -2.00 17.71
CA GLU G 243 23.18 -1.30 16.50
C GLU G 243 22.16 -2.15 15.75
N SER G 244 21.08 -1.52 15.30
CA SER G 244 20.00 -2.25 14.64
C SER G 244 19.12 -1.34 13.81
N ASN G 245 18.57 -1.87 12.72
CA ASN G 245 17.60 -1.11 11.95
C ASN G 245 16.26 -1.84 11.89
N GLY G 246 16.02 -2.70 12.89
CA GLY G 246 14.75 -3.39 12.99
C GLY G 246 14.83 -4.66 13.81
N ASN G 247 13.66 -5.17 14.22
CA ASN G 247 13.55 -6.44 14.94
C ASN G 247 14.25 -6.52 16.29
N PHE G 248 14.76 -5.40 16.75
CA PHE G 248 15.49 -5.32 18.00
C PHE G 248 14.54 -5.29 19.19
N ILE G 249 14.74 -6.23 20.13
CA ILE G 249 14.03 -6.19 21.38
C ILE G 249 15.05 -5.69 22.41
N ALA G 250 15.02 -4.38 22.67
CA ALA G 250 16.06 -3.74 23.46
C ALA G 250 15.93 -4.05 24.94
N PRO G 251 17.07 -4.06 25.66
CA PRO G 251 17.02 -4.21 27.13
C PRO G 251 16.43 -2.97 27.76
N GLU G 252 15.82 -3.11 28.94
CA GLU G 252 15.48 -1.96 29.77
C GLU G 252 15.98 -2.16 31.19
N TYR G 253 15.66 -3.31 31.79
CA TYR G 253 16.17 -3.65 33.09
C TYR G 253 17.17 -4.80 32.96
N ALA G 254 18.21 -4.79 33.80
CA ALA G 254 19.23 -5.83 33.82
C ALA G 254 19.47 -6.17 35.28
N TYR G 255 20.36 -7.13 35.55
CA TYR G 255 20.55 -7.62 36.92
C TYR G 255 21.99 -7.50 37.40
N LYS G 256 22.22 -6.66 38.41
CA LYS G 256 23.52 -6.61 39.06
C LYS G 256 23.66 -7.88 39.88
N ILE G 257 24.75 -8.61 39.66
CA ILE G 257 25.04 -9.78 40.47
C ILE G 257 25.75 -9.33 41.74
N VAL G 258 24.98 -9.18 42.81
CA VAL G 258 25.50 -8.59 44.03
C VAL G 258 26.03 -9.65 44.99
N LYS G 259 25.61 -10.90 44.81
CA LYS G 259 26.05 -11.94 45.73
C LYS G 259 26.25 -13.29 45.06
N LYS G 260 27.49 -13.57 44.67
CA LYS G 260 27.88 -14.90 44.25
C LYS G 260 27.93 -15.77 45.49
N GLY G 261 27.82 -17.08 45.33
CA GLY G 261 27.81 -18.00 46.45
C GLY G 261 27.33 -19.38 46.05
N ASP G 262 27.25 -20.28 47.02
CA ASP G 262 26.76 -21.62 46.75
C ASP G 262 25.23 -21.60 46.75
N SER G 263 24.64 -22.19 45.72
CA SER G 263 23.20 -22.20 45.59
C SER G 263 22.78 -23.42 44.78
N ALA G 264 21.54 -23.41 44.30
CA ALA G 264 20.99 -24.55 43.59
C ALA G 264 19.70 -24.18 42.91
N ILE G 265 19.29 -25.01 41.96
CA ILE G 265 17.97 -24.89 41.37
C ILE G 265 17.25 -26.21 41.57
N MET G 266 16.35 -26.23 42.55
CA MET G 266 15.62 -27.45 42.88
C MET G 266 14.39 -27.60 42.01
N LYS G 267 14.18 -28.81 41.54
CA LYS G 267 12.97 -29.15 40.81
C LYS G 267 12.04 -29.81 41.81
N SER G 268 10.95 -29.13 42.13
CA SER G 268 10.01 -29.58 43.15
C SER G 268 8.65 -28.95 42.94
N GLU G 269 7.60 -29.73 43.12
CA GLU G 269 6.26 -29.19 43.00
C GLU G 269 5.86 -28.54 44.30
N LEU G 270 6.61 -28.83 45.37
CA LEU G 270 6.30 -28.28 46.68
C LEU G 270 6.40 -26.77 46.69
N GLU G 271 5.83 -26.15 47.70
CA GLU G 271 5.90 -24.71 47.83
C GLU G 271 6.39 -24.34 49.22
N TYR G 272 6.37 -23.04 49.52
CA TYR G 272 6.96 -22.56 50.76
C TYR G 272 6.24 -23.09 51.99
N GLY G 273 6.94 -23.92 52.76
CA GLY G 273 6.54 -24.21 54.11
C GLY G 273 6.93 -22.98 54.93
N ASN G 274 6.68 -22.98 56.22
CA ASN G 274 7.14 -21.85 57.01
C ASN G 274 8.10 -22.27 58.09
N CYS G 275 9.33 -22.61 57.68
CA CYS G 275 10.27 -23.26 58.56
C CYS G 275 11.72 -22.93 58.25
N ASN G 276 12.62 -23.47 59.06
CA ASN G 276 14.05 -23.26 58.91
C ASN G 276 14.74 -24.61 59.00
N THR G 277 15.88 -24.75 58.32
CA THR G 277 16.60 -26.02 58.30
C THR G 277 18.08 -25.86 57.98
N LYS G 278 18.84 -26.94 58.18
CA LYS G 278 20.26 -26.99 57.83
C LYS G 278 20.46 -27.82 56.58
N CYS G 279 19.45 -28.61 56.23
CA CYS G 279 19.52 -29.53 55.10
C CYS G 279 18.17 -29.64 54.41
N GLN G 280 18.16 -29.35 53.12
CA GLN G 280 16.92 -29.30 52.35
C GLN G 280 17.01 -30.22 51.15
N THR G 281 16.02 -31.10 50.98
CA THR G 281 15.92 -31.93 49.77
C THR G 281 14.67 -31.48 48.99
N PRO G 282 14.53 -31.91 47.72
CA PRO G 282 13.39 -31.42 46.95
C PRO G 282 12.04 -31.97 47.42
N MET G 283 12.06 -33.00 48.25
CA MET G 283 10.80 -33.55 48.75
C MET G 283 10.54 -33.21 50.22
N GLY G 284 11.46 -32.48 50.85
CA GLY G 284 11.32 -32.07 52.24
C GLY G 284 12.66 -31.83 52.91
N ALA G 285 12.66 -31.07 54.00
CA ALA G 285 13.89 -30.75 54.73
C ALA G 285 14.30 -31.87 55.69
N ILE G 286 15.56 -31.86 56.11
CA ILE G 286 16.08 -32.87 57.04
C ILE G 286 16.67 -32.25 58.31
N ASN G 287 16.34 -32.85 59.45
CA ASN G 287 16.92 -32.45 60.74
C ASN G 287 17.41 -33.70 61.46
N SER G 288 18.71 -33.98 61.38
CA SER G 288 19.23 -35.25 61.86
C SER G 288 20.70 -35.23 62.32
N SER G 289 21.04 -36.20 63.15
CA SER G 289 22.41 -36.39 63.61
C SER G 289 23.00 -37.62 62.93
N MET G 290 22.15 -38.29 62.14
CA MET G 290 22.57 -39.45 61.36
C MET G 290 23.65 -39.07 60.36
N PRO G 291 24.60 -39.99 60.11
CA PRO G 291 25.66 -39.73 59.11
C PRO G 291 25.19 -39.99 57.68
N PHE G 292 24.10 -40.73 57.50
CA PHE G 292 23.59 -41.05 56.18
C PHE G 292 22.11 -40.70 56.02
N HIS G 293 21.62 -40.77 54.79
CA HIS G 293 20.18 -40.66 54.52
C HIS G 293 19.84 -41.29 53.16
N ASN G 294 18.55 -41.43 52.88
CA ASN G 294 18.10 -42.09 51.66
C ASN G 294 16.92 -41.36 51.01
N ILE G 295 16.84 -40.07 51.24
CA ILE G 295 15.67 -39.30 50.84
C ILE G 295 15.74 -38.79 49.40
N HIS G 296 16.86 -38.17 49.05
CA HIS G 296 17.06 -37.64 47.71
C HIS G 296 18.54 -37.27 47.53
N PRO G 297 19.10 -37.59 46.36
CA PRO G 297 20.53 -37.31 46.12
C PRO G 297 20.82 -35.82 45.95
N LEU G 298 19.94 -35.10 45.25
CA LEU G 298 20.15 -33.67 45.05
C LEU G 298 19.73 -32.92 46.29
N THR G 299 20.71 -32.34 46.98
CA THR G 299 20.51 -31.81 48.32
C THR G 299 21.32 -30.53 48.47
N ILE G 300 20.97 -29.70 49.45
CA ILE G 300 21.77 -28.51 49.73
C ILE G 300 21.84 -28.23 51.22
N GLY G 301 23.02 -27.81 51.67
CA GLY G 301 23.26 -27.51 53.09
C GLY G 301 24.16 -28.56 53.72
N GLU G 302 24.42 -28.40 55.01
CA GLU G 302 25.19 -29.40 55.75
C GLU G 302 24.29 -30.62 55.97
N CYS G 303 24.47 -31.63 55.12
CA CYS G 303 23.56 -32.77 55.06
C CYS G 303 24.28 -34.08 55.34
N PRO G 304 23.52 -35.12 55.71
CA PRO G 304 24.08 -36.47 55.77
C PRO G 304 24.54 -36.94 54.39
N LYS G 305 25.04 -38.17 54.32
CA LYS G 305 25.53 -38.71 53.05
C LYS G 305 24.44 -39.53 52.38
N TYR G 306 24.14 -39.21 51.12
CA TYR G 306 23.09 -39.94 50.43
C TYR G 306 23.51 -41.35 50.05
N VAL G 307 22.56 -42.27 50.18
CA VAL G 307 22.78 -43.70 49.95
C VAL G 307 21.46 -44.32 49.52
N LYS G 308 21.50 -45.26 48.57
CA LYS G 308 20.29 -45.85 48.01
C LYS G 308 19.60 -46.89 48.90
N SER G 309 20.20 -47.20 50.04
CA SER G 309 19.67 -48.24 50.93
C SER G 309 18.33 -47.86 51.57
N ASN G 310 17.65 -48.86 52.12
CA ASN G 310 16.46 -48.60 52.92
C ASN G 310 16.71 -48.90 54.38
N ARG G 311 17.78 -49.63 54.67
CA ARG G 311 18.20 -49.88 56.04
C ARG G 311 19.70 -50.03 56.17
N LEU G 312 20.26 -49.38 57.18
CA LEU G 312 21.69 -49.45 57.47
C LEU G 312 21.91 -49.42 58.98
N VAL G 313 22.05 -50.59 59.58
CA VAL G 313 22.19 -50.66 61.04
C VAL G 313 23.51 -51.28 61.49
N LEU G 314 24.23 -50.54 62.32
CA LEU G 314 25.51 -50.96 62.84
C LEU G 314 25.32 -51.66 64.18
N ALA G 315 26.08 -52.74 64.39
CA ALA G 315 25.99 -53.51 65.63
C ALA G 315 27.02 -52.99 66.64
N THR G 316 26.54 -52.48 67.77
CA THR G 316 27.42 -52.02 68.83
C THR G 316 27.55 -53.06 69.94
N GLY G 317 26.43 -53.67 70.30
CA GLY G 317 26.40 -54.68 71.35
C GLY G 317 26.77 -56.07 70.87
N LEU G 318 26.15 -57.09 71.45
CA LEU G 318 26.48 -58.47 71.09
C LEU G 318 25.24 -59.33 70.91
N ARG G 319 25.45 -60.61 70.58
CA ARG G 319 24.37 -61.54 70.27
C ARG G 319 23.41 -61.74 71.45
N ASN G 320 22.15 -62.01 71.13
CA ASN G 320 21.12 -62.09 72.17
C ASN G 320 20.07 -63.20 71.94
N SER G 321 20.15 -64.26 72.75
CA SER G 321 19.17 -65.34 72.68
C SER G 321 17.90 -64.97 73.43
N GLY H 1 29.50 -68.44 66.37
CA GLY H 1 30.65 -68.03 67.16
C GLY H 1 31.98 -68.46 66.55
N LEU H 2 32.83 -67.49 66.21
CA LEU H 2 34.11 -67.79 65.59
C LEU H 2 35.13 -68.27 66.62
N PHE H 3 35.02 -67.76 67.84
CA PHE H 3 35.89 -68.19 68.93
C PHE H 3 35.18 -69.22 69.81
N GLY H 4 33.87 -69.33 69.64
CA GLY H 4 33.09 -70.37 70.27
C GLY H 4 32.66 -70.11 71.71
N ALA H 5 33.04 -68.95 72.24
CA ALA H 5 32.66 -68.60 73.61
C ALA H 5 31.18 -68.30 73.71
N ILE H 6 30.75 -67.20 73.09
CA ILE H 6 29.35 -66.80 73.10
C ILE H 6 28.49 -67.80 72.34
N ALA H 7 27.43 -68.28 72.99
CA ALA H 7 26.49 -69.24 72.41
C ALA H 7 27.15 -70.55 71.97
N GLY H 8 28.35 -70.81 72.49
CA GLY H 8 29.06 -72.04 72.21
C GLY H 8 29.06 -72.95 73.42
N PHE H 9 30.14 -72.91 74.20
CA PHE H 9 30.19 -73.68 75.44
C PHE H 9 29.46 -72.94 76.57
N ILE H 10 29.18 -71.66 76.34
CA ILE H 10 28.33 -70.89 77.24
C ILE H 10 26.97 -70.69 76.57
N GLU H 11 25.96 -71.39 77.08
CA GLU H 11 24.67 -71.52 76.40
C GLU H 11 23.92 -70.20 76.15
N GLY H 12 24.08 -69.24 77.05
CA GLY H 12 23.34 -67.99 76.94
C GLY H 12 23.90 -66.82 77.70
N GLY H 13 23.08 -65.78 77.85
CA GLY H 13 23.51 -64.55 78.49
C GLY H 13 22.90 -64.32 79.87
N TRP H 14 23.60 -63.52 80.67
CA TRP H 14 23.17 -63.24 82.04
C TRP H 14 22.43 -61.92 82.17
N GLN H 15 21.10 -62.00 82.12
CA GLN H 15 20.21 -60.85 82.24
C GLN H 15 20.54 -60.00 83.47
N GLY H 16 20.89 -60.67 84.56
CA GLY H 16 21.13 -60.01 85.83
C GLY H 16 22.33 -59.08 85.84
N MET H 17 23.22 -59.21 84.85
CA MET H 17 24.40 -58.39 84.79
C MET H 17 24.17 -57.12 83.96
N VAL H 18 23.59 -56.12 84.60
CA VAL H 18 23.28 -54.86 83.94
C VAL H 18 24.42 -53.85 84.11
N ASP H 19 25.64 -54.34 84.29
CA ASP H 19 26.77 -53.49 84.61
C ASP H 19 27.83 -53.40 83.50
N GLY H 20 27.67 -54.20 82.45
CA GLY H 20 28.61 -54.19 81.35
C GLY H 20 28.49 -55.37 80.41
N TRP H 21 29.38 -55.43 79.43
CA TRP H 21 29.33 -56.48 78.41
C TRP H 21 29.94 -57.79 78.89
N TYR H 22 31.02 -57.70 79.65
CA TYR H 22 31.68 -58.89 80.19
C TYR H 22 31.82 -58.79 81.70
N GLY H 23 31.71 -59.93 82.39
CA GLY H 23 31.80 -59.95 83.84
C GLY H 23 31.85 -61.34 84.46
N TYR H 24 31.40 -61.44 85.71
CA TYR H 24 31.44 -62.69 86.45
C TYR H 24 30.15 -62.98 87.21
N HIS H 25 30.09 -64.17 87.79
CA HIS H 25 29.01 -64.57 88.68
C HIS H 25 29.53 -65.62 89.66
N HIS H 26 29.75 -65.22 90.91
CA HIS H 26 30.25 -66.15 91.91
C HIS H 26 29.16 -66.64 92.86
N SER H 27 29.50 -67.64 93.67
CA SER H 27 28.60 -68.16 94.69
C SER H 27 29.40 -68.91 95.76
N ASN H 28 29.96 -68.15 96.69
CA ASN H 28 30.79 -68.72 97.74
C ASN H 28 30.05 -68.89 99.06
N GLU H 29 30.76 -68.68 100.16
CA GLU H 29 30.15 -68.74 101.49
C GLU H 29 29.25 -67.53 101.73
N GLN H 30 29.72 -66.36 101.33
CA GLN H 30 29.07 -65.09 101.66
C GLN H 30 28.01 -64.66 100.65
N GLY H 31 27.58 -65.59 99.81
CA GLY H 31 26.50 -65.31 98.86
C GLY H 31 26.91 -65.33 97.40
N SER H 32 25.96 -65.01 96.53
CA SER H 32 26.20 -64.93 95.09
C SER H 32 26.53 -63.50 94.66
N GLY H 33 26.39 -63.20 93.38
CA GLY H 33 26.57 -61.84 92.90
C GLY H 33 27.08 -61.68 91.48
N TYR H 34 27.08 -60.44 91.02
CA TYR H 34 27.62 -60.08 89.71
C TYR H 34 28.62 -58.94 89.84
N ALA H 35 29.58 -58.90 88.93
CA ALA H 35 30.55 -57.80 88.89
C ALA H 35 31.05 -57.59 87.47
N ALA H 36 30.88 -56.38 86.95
CA ALA H 36 31.31 -56.07 85.60
C ALA H 36 32.82 -55.92 85.51
N ASP H 37 33.44 -56.71 84.65
CA ASP H 37 34.87 -56.59 84.40
C ASP H 37 35.13 -55.27 83.68
N LYS H 38 35.35 -54.22 84.45
CA LYS H 38 35.58 -52.88 83.91
C LYS H 38 36.83 -52.83 83.02
N GLU H 39 37.68 -53.86 83.15
CA GLU H 39 38.88 -54.00 82.34
C GLU H 39 38.57 -54.24 80.87
N SER H 40 38.02 -55.41 80.56
CA SER H 40 37.71 -55.80 79.19
C SER H 40 36.49 -55.06 78.62
N THR H 41 35.65 -54.55 79.52
CA THR H 41 34.52 -53.73 79.11
C THR H 41 35.01 -52.40 78.51
N GLN H 42 36.16 -51.95 78.97
CA GLN H 42 36.76 -50.71 78.47
C GLN H 42 37.49 -50.88 77.14
N LYS H 43 38.27 -51.95 77.01
CA LYS H 43 38.95 -52.25 75.75
C LYS H 43 37.96 -52.68 74.67
N ALA H 44 36.68 -52.80 75.03
CA ALA H 44 35.62 -53.14 74.09
C ALA H 44 34.85 -51.89 73.68
N ILE H 45 34.53 -51.04 74.65
CA ILE H 45 33.86 -49.78 74.38
C ILE H 45 34.78 -48.87 73.57
N ASP H 46 36.07 -48.97 73.84
CA ASP H 46 37.09 -48.28 73.04
C ASP H 46 37.08 -48.79 71.60
N GLY H 47 36.77 -50.07 71.45
CA GLY H 47 36.78 -50.73 70.15
C GLY H 47 35.68 -50.23 69.23
N VAL H 48 34.44 -50.32 69.67
CA VAL H 48 33.30 -49.99 68.82
C VAL H 48 33.12 -48.48 68.64
N THR H 49 33.56 -47.69 69.62
CA THR H 49 33.47 -46.24 69.52
C THR H 49 34.39 -45.76 68.40
N ASN H 50 35.62 -46.25 68.40
CA ASN H 50 36.57 -45.95 67.34
C ASN H 50 36.11 -46.52 66.01
N LYS H 51 35.47 -47.69 66.06
CA LYS H 51 34.97 -48.34 64.85
C LYS H 51 33.86 -47.52 64.18
N VAL H 52 32.87 -47.10 64.97
CA VAL H 52 31.79 -46.27 64.45
C VAL H 52 32.33 -44.99 63.86
N ASN H 53 33.18 -44.30 64.62
CA ASN H 53 33.75 -43.03 64.17
C ASN H 53 34.67 -43.17 62.96
N SER H 54 35.30 -44.34 62.81
CA SER H 54 36.17 -44.58 61.66
C SER H 54 35.34 -44.82 60.40
N ILE H 55 34.25 -45.56 60.56
CA ILE H 55 33.31 -45.82 59.46
C ILE H 55 32.73 -44.50 58.95
N ILE H 56 32.43 -43.61 59.89
CA ILE H 56 31.90 -42.30 59.55
C ILE H 56 32.97 -41.36 58.95
N ASP H 57 34.17 -41.37 59.53
CA ASP H 57 35.23 -40.50 59.04
C ASP H 57 35.77 -40.93 57.68
N LYS H 58 35.71 -42.22 57.39
CA LYS H 58 36.15 -42.74 56.10
C LYS H 58 35.26 -42.28 54.95
N MET H 59 34.10 -41.72 55.30
CA MET H 59 33.11 -41.37 54.28
C MET H 59 32.50 -39.98 54.47
N ASN H 60 33.30 -39.02 54.91
CA ASN H 60 32.78 -37.66 55.05
C ASN H 60 32.90 -36.86 53.75
N THR H 61 33.96 -37.11 52.99
CA THR H 61 34.02 -36.65 51.60
C THR H 61 33.68 -37.83 50.71
N GLN H 62 32.43 -37.85 50.26
CA GLN H 62 31.87 -38.99 49.53
C GLN H 62 31.67 -38.60 48.05
N PHE H 63 30.42 -38.39 47.66
CA PHE H 63 30.12 -37.85 46.35
C PHE H 63 28.85 -37.01 46.40
N GLU H 64 28.98 -35.75 46.05
CA GLU H 64 27.84 -34.84 45.99
C GLU H 64 27.35 -34.77 44.55
N ALA H 65 26.03 -34.80 44.36
CA ALA H 65 25.46 -34.65 43.04
C ALA H 65 24.95 -33.22 42.89
N VAL H 66 25.37 -32.55 41.82
CA VAL H 66 24.82 -31.23 41.55
C VAL H 66 23.88 -31.28 40.35
N GLY H 67 22.96 -30.34 40.31
CA GLY H 67 21.96 -30.30 39.26
C GLY H 67 22.48 -29.60 38.02
N ARG H 68 22.39 -30.31 36.89
CA ARG H 68 22.75 -29.75 35.60
C ARG H 68 21.62 -30.10 34.67
N GLU H 69 21.32 -29.21 33.74
CA GLU H 69 20.27 -29.47 32.78
C GLU H 69 20.80 -29.46 31.35
N PHE H 70 20.05 -30.06 30.43
CA PHE H 70 20.49 -30.22 29.05
C PHE H 70 19.29 -30.13 28.13
N ASN H 71 19.46 -29.48 26.97
CA ASN H 71 18.39 -29.39 25.99
C ASN H 71 18.12 -30.66 25.16
N ASN H 72 17.21 -30.55 24.20
CA ASN H 72 16.74 -31.69 23.43
C ASN H 72 17.81 -32.24 22.47
N LEU H 73 18.85 -31.46 22.23
CA LEU H 73 19.94 -31.91 21.36
C LEU H 73 21.24 -32.10 22.14
N GLU H 74 21.10 -32.45 23.41
CA GLU H 74 22.23 -32.76 24.26
C GLU H 74 21.91 -34.03 25.03
N ARG H 75 21.29 -34.97 24.33
CA ARG H 75 20.84 -36.20 24.97
C ARG H 75 22.00 -37.12 25.34
N ARG H 76 23.10 -37.02 24.60
CA ARG H 76 24.30 -37.79 24.90
C ARG H 76 24.95 -37.40 26.23
N ILE H 77 25.30 -36.12 26.38
CA ILE H 77 25.95 -35.70 27.61
C ILE H 77 24.99 -35.76 28.79
N GLU H 78 23.70 -35.60 28.50
CA GLU H 78 22.69 -35.71 29.55
C GLU H 78 22.69 -37.12 30.12
N ASN H 79 22.81 -38.10 29.23
CA ASN H 79 22.87 -39.50 29.64
C ASN H 79 24.19 -39.79 30.33
N LEU H 80 25.25 -39.19 29.82
CA LEU H 80 26.57 -39.32 30.43
C LEU H 80 26.48 -38.75 31.84
N ASN H 81 25.87 -37.57 31.97
CA ASN H 81 25.72 -36.94 33.26
C ASN H 81 24.90 -37.81 34.20
N LYS H 82 23.78 -38.30 33.71
CA LYS H 82 22.89 -39.13 34.51
C LYS H 82 23.63 -40.36 35.04
N LYS H 83 24.24 -41.14 34.15
CA LYS H 83 24.88 -42.38 34.55
C LYS H 83 26.16 -42.19 35.35
N MET H 84 26.80 -41.04 35.19
CA MET H 84 28.02 -40.77 35.95
C MET H 84 27.70 -40.42 37.41
N GLU H 85 26.56 -39.77 37.63
CA GLU H 85 26.15 -39.42 38.99
C GLU H 85 25.47 -40.60 39.68
N ASP H 86 24.68 -41.34 38.90
CA ASP H 86 24.13 -42.61 39.37
C ASP H 86 25.27 -43.56 39.67
N GLY H 87 26.34 -43.45 38.89
CA GLY H 87 27.49 -44.32 39.04
C GLY H 87 28.11 -44.20 40.42
N PHE H 88 28.58 -43.00 40.74
CA PHE H 88 29.23 -42.77 42.03
C PHE H 88 28.31 -43.02 43.22
N LEU H 89 27.03 -42.69 43.08
CA LEU H 89 26.12 -42.89 44.19
C LEU H 89 25.79 -44.38 44.38
N ASP H 90 26.07 -45.18 43.36
CA ASP H 90 25.93 -46.62 43.48
C ASP H 90 27.12 -47.24 44.21
N VAL H 91 28.32 -46.86 43.82
CA VAL H 91 29.52 -47.42 44.44
C VAL H 91 29.62 -47.05 45.92
N TRP H 92 29.16 -45.85 46.27
CA TRP H 92 29.23 -45.37 47.64
C TRP H 92 28.16 -46.03 48.50
N THR H 93 27.05 -46.39 47.86
CA THR H 93 26.01 -47.18 48.51
C THR H 93 26.54 -48.58 48.77
N TYR H 94 27.29 -49.10 47.80
CA TYR H 94 27.94 -50.39 47.94
C TYR H 94 28.96 -50.32 49.07
N ASN H 95 29.82 -49.30 49.01
CA ASN H 95 30.86 -49.12 50.01
C ASN H 95 30.34 -49.04 51.44
N ALA H 96 29.17 -48.41 51.60
CA ALA H 96 28.59 -48.25 52.93
C ALA H 96 28.03 -49.56 53.44
N GLU H 97 27.16 -50.18 52.63
CA GLU H 97 26.52 -51.45 53.00
C GLU H 97 27.54 -52.57 53.23
N LEU H 98 28.55 -52.62 52.37
CA LEU H 98 29.57 -53.66 52.44
C LEU H 98 30.46 -53.50 53.68
N LEU H 99 30.77 -52.26 54.02
CA LEU H 99 31.60 -51.97 55.20
C LEU H 99 30.83 -52.29 56.48
N VAL H 100 29.52 -52.12 56.44
CA VAL H 100 28.67 -52.45 57.58
C VAL H 100 28.56 -53.97 57.77
N LEU H 101 28.31 -54.68 56.67
CA LEU H 101 28.24 -56.14 56.72
C LEU H 101 29.54 -56.75 57.25
N MET H 102 30.66 -56.22 56.79
CA MET H 102 31.96 -56.75 57.15
C MET H 102 32.38 -56.41 58.58
N GLU H 103 31.96 -55.24 59.06
CA GLU H 103 32.35 -54.79 60.39
C GLU H 103 31.35 -55.16 61.48
N ASN H 104 30.13 -55.49 61.08
CA ASN H 104 29.18 -56.05 62.03
C ASN H 104 29.66 -57.43 62.46
N GLU H 105 30.27 -58.14 61.52
CA GLU H 105 30.77 -59.48 61.79
C GLU H 105 32.01 -59.43 62.68
N ARG H 106 32.99 -58.61 62.29
CA ARG H 106 34.20 -58.45 63.09
C ARG H 106 33.88 -57.82 64.44
N THR H 107 32.65 -57.34 64.59
CA THR H 107 32.16 -56.82 65.86
C THR H 107 31.68 -57.96 66.76
N LEU H 108 30.88 -58.86 66.19
CA LEU H 108 30.35 -60.00 66.94
C LEU H 108 31.47 -60.95 67.36
N ASP H 109 32.38 -61.22 66.43
CA ASP H 109 33.52 -62.08 66.71
C ASP H 109 34.52 -61.41 67.67
N PHE H 110 34.32 -60.11 67.90
CA PHE H 110 35.16 -59.37 68.82
C PHE H 110 34.68 -59.55 70.26
N HIS H 111 33.37 -59.64 70.43
CA HIS H 111 32.80 -59.92 71.75
C HIS H 111 33.04 -61.39 72.10
N ASP H 112 33.02 -62.24 71.08
CA ASP H 112 33.31 -63.65 71.26
C ASP H 112 34.77 -63.82 71.67
N SER H 113 35.63 -62.99 71.09
CA SER H 113 37.06 -63.00 71.40
C SER H 113 37.32 -62.59 72.85
N ASN H 114 36.63 -61.55 73.30
CA ASN H 114 36.83 -61.02 74.65
C ASN H 114 36.40 -62.00 75.74
N VAL H 115 35.26 -62.67 75.54
CA VAL H 115 34.78 -63.68 76.46
C VAL H 115 35.77 -64.86 76.51
N LYS H 116 36.18 -65.32 75.34
CA LYS H 116 37.18 -66.37 75.21
C LYS H 116 38.49 -65.95 75.89
N ASN H 117 38.75 -64.64 75.94
CA ASN H 117 39.96 -64.11 76.55
C ASN H 117 39.80 -63.80 78.04
N LEU H 118 38.58 -63.88 78.53
CA LEU H 118 38.32 -63.66 79.95
C LEU H 118 38.24 -64.99 80.68
N TYR H 119 37.63 -65.98 80.02
CA TYR H 119 37.58 -67.34 80.52
C TYR H 119 39.00 -67.89 80.61
N ASP H 120 39.86 -67.42 79.72
CA ASP H 120 41.27 -67.82 79.72
C ASP H 120 42.11 -66.99 80.68
N LYS H 121 41.57 -65.84 81.10
CA LYS H 121 42.25 -65.03 82.10
C LYS H 121 42.15 -65.71 83.46
N VAL H 122 40.97 -66.26 83.73
CA VAL H 122 40.70 -66.98 84.97
C VAL H 122 41.30 -68.38 84.93
N ARG H 123 41.13 -69.07 83.81
CA ARG H 123 41.63 -70.44 83.66
C ARG H 123 43.14 -70.51 83.79
N LEU H 124 43.83 -69.49 83.31
CA LEU H 124 45.29 -69.45 83.39
C LEU H 124 45.79 -68.95 84.75
N GLN H 125 44.90 -68.90 85.73
CA GLN H 125 45.25 -68.51 87.09
C GLN H 125 44.92 -69.60 88.11
N LEU H 126 43.72 -70.16 87.98
CA LEU H 126 43.25 -71.21 88.89
C LEU H 126 43.52 -72.58 88.28
N ARG H 127 44.80 -72.87 88.05
CA ARG H 127 45.22 -74.09 87.35
C ARG H 127 44.74 -75.37 88.01
N ASP H 128 45.34 -75.71 89.15
CA ASP H 128 44.96 -76.92 89.90
C ASP H 128 43.92 -76.61 90.97
N ASN H 129 43.81 -75.34 91.35
CA ASN H 129 42.95 -74.92 92.45
C ASN H 129 41.46 -74.97 92.13
N ALA H 130 41.13 -75.41 90.91
CA ALA H 130 39.74 -75.49 90.49
C ALA H 130 39.55 -76.51 89.36
N LYS H 131 38.29 -76.87 89.11
CA LYS H 131 37.96 -77.77 88.00
C LYS H 131 37.06 -77.07 86.96
N GLU H 132 37.51 -77.08 85.72
CA GLU H 132 36.76 -76.45 84.62
C GLU H 132 35.49 -77.25 84.34
N LEU H 133 34.34 -76.72 84.77
CA LEU H 133 33.07 -77.41 84.54
C LEU H 133 32.77 -77.55 83.05
N GLY H 134 33.18 -76.55 82.27
CA GLY H 134 33.04 -76.61 80.83
C GLY H 134 31.80 -75.93 80.28
N ASN H 135 30.92 -75.50 81.18
CA ASN H 135 29.73 -74.76 80.79
C ASN H 135 29.95 -73.26 80.97
N GLY H 136 31.19 -72.91 81.32
CA GLY H 136 31.55 -71.53 81.55
C GLY H 136 31.97 -71.27 82.99
N CYS H 137 31.76 -72.29 83.84
CA CYS H 137 32.00 -72.12 85.27
C CYS H 137 33.20 -72.93 85.77
N PHE H 138 33.68 -72.57 86.96
CA PHE H 138 34.73 -73.30 87.65
C PHE H 138 34.28 -73.67 89.05
N GLU H 139 34.84 -74.75 89.59
CA GLU H 139 34.53 -75.17 90.96
C GLU H 139 35.82 -75.35 91.75
N PHE H 140 35.91 -74.66 92.89
CA PHE H 140 37.15 -74.59 93.66
C PHE H 140 37.48 -75.84 94.47
N TYR H 141 38.78 -76.08 94.68
CA TYR H 141 39.25 -77.16 95.55
C TYR H 141 39.54 -76.62 96.95
N HIS H 142 39.12 -75.38 97.18
CA HIS H 142 39.14 -74.77 98.51
C HIS H 142 37.97 -73.78 98.60
N LYS H 143 37.81 -73.14 99.76
CA LYS H 143 36.78 -72.12 99.89
C LYS H 143 37.33 -70.79 99.40
N CYS H 144 36.47 -69.99 98.79
CA CYS H 144 36.91 -68.72 98.21
C CYS H 144 36.11 -67.54 98.74
N ASP H 145 36.62 -66.90 99.78
CA ASP H 145 35.94 -65.77 100.41
C ASP H 145 35.78 -64.57 99.46
N ASN H 146 35.03 -63.56 99.91
CA ASN H 146 34.76 -62.38 99.10
C ASN H 146 35.99 -61.50 98.86
N GLU H 147 37.13 -61.89 99.43
CA GLU H 147 38.39 -61.21 99.16
C GLU H 147 39.23 -62.07 98.21
N CYS H 148 38.86 -63.35 98.10
CA CYS H 148 39.50 -64.26 97.16
C CYS H 148 39.00 -64.01 95.74
N MET H 149 37.73 -63.64 95.63
CA MET H 149 37.12 -63.33 94.34
C MET H 149 37.73 -62.07 93.73
N GLU H 150 38.05 -61.11 94.58
CA GLU H 150 38.58 -59.82 94.14
C GLU H 150 40.00 -59.93 93.55
N SER H 151 40.81 -60.81 94.11
CA SER H 151 42.18 -61.00 93.62
C SER H 151 42.20 -61.54 92.20
N ILE H 152 41.25 -62.43 91.91
CA ILE H 152 41.07 -62.95 90.56
C ILE H 152 40.49 -61.85 89.67
N ARG H 153 39.59 -61.05 90.26
CA ARG H 153 38.91 -59.99 89.51
C ARG H 153 39.80 -58.82 89.14
N ASN H 154 41.04 -58.80 89.62
CA ASN H 154 41.97 -57.73 89.23
C ASN H 154 43.37 -58.16 88.79
N GLY H 155 43.58 -59.46 88.60
CA GLY H 155 44.75 -59.93 87.88
C GLY H 155 45.83 -60.73 88.58
N THR H 156 45.89 -60.65 89.91
CA THR H 156 46.93 -61.38 90.64
C THR H 156 46.39 -62.31 91.73
N TYR H 157 46.27 -63.59 91.38
CA TYR H 157 45.79 -64.61 92.30
C TYR H 157 46.96 -65.43 92.84
N ASN H 158 46.95 -65.70 94.13
CA ASN H 158 48.05 -66.42 94.78
C ASN H 158 47.88 -67.94 94.67
N TYR H 159 48.87 -68.61 94.08
CA TYR H 159 48.84 -70.06 93.91
C TYR H 159 48.93 -70.89 95.21
N PRO H 160 49.81 -70.50 96.16
CA PRO H 160 49.86 -71.23 97.43
C PRO H 160 48.51 -71.36 98.14
N GLN H 161 47.72 -72.37 97.77
CA GLN H 161 46.42 -72.62 98.39
C GLN H 161 45.97 -74.08 98.38
N TYR H 162 46.91 -75.00 98.61
CA TYR H 162 46.65 -76.46 98.73
C TYR H 162 45.78 -77.11 97.64
N SER H 163 45.45 -78.39 97.83
CA SER H 163 44.70 -79.14 96.82
C SER H 163 43.93 -80.32 97.41
N GLU H 164 43.45 -81.17 96.49
CA GLU H 164 42.78 -82.46 96.75
C GLU H 164 42.28 -82.72 98.17
C1 GAL I . 1.29 -85.68 115.31
C2 GAL I . 0.75 -86.88 116.11
C3 GAL I . 1.41 -86.88 117.48
C4 GAL I . 2.92 -87.01 117.28
C5 GAL I . 3.48 -86.00 116.27
C6 GAL I . 4.79 -86.56 115.77
O1 GAL I . 0.68 -85.59 114.04
O2 GAL I . -0.67 -86.84 116.19
O3 GAL I . 0.96 -87.96 118.28
O4 GAL I . 3.18 -88.31 116.79
O5 GAL I . 2.69 -85.86 115.10
O6 GAL I . 5.81 -85.60 115.73
C1 SIA I . 7.72 -86.96 116.57
C2 SIA I . 6.99 -86.35 115.43
C3 SIA I . 7.84 -85.06 115.46
C4 SIA I . 9.24 -85.09 114.91
C5 SIA I . 9.39 -85.74 113.64
C6 SIA I . 8.63 -87.03 113.73
C7 SIA I . 8.59 -87.71 112.48
C8 SIA I . 7.56 -88.83 112.63
C9 SIA I . 7.52 -89.77 111.46
C10 SIA I . 11.34 -86.00 111.96
C11 SIA I . 12.76 -86.32 111.71
N5 SIA I . 10.81 -86.07 113.36
O1A SIA I . 8.03 -88.16 116.50
O1B SIA I . 7.98 -86.25 117.63
O4 SIA I . 9.77 -83.75 114.81
O6 SIA I . 7.23 -86.68 114.12
O7 SIA I . 8.14 -86.87 111.49
O8 SIA I . 7.88 -89.63 113.71
O9 SIA I . 8.04 -90.99 111.72
O10 SIA I . 10.61 -85.67 111.04
C1 GAL J . -19.36 72.31 -77.64
C2 GAL J . -20.24 72.39 -76.39
C3 GAL J . -19.46 71.94 -75.16
C4 GAL J . -18.73 70.61 -75.40
C5 GAL J . -18.04 70.55 -76.76
C6 GAL J . -17.61 69.11 -76.98
O1 GAL J . -20.10 72.71 -78.79
O2 GAL J . -20.70 73.72 -76.18
O3 GAL J . -20.36 71.80 -74.05
O4 GAL J . -19.63 69.52 -75.29
O5 GAL J . -18.89 70.98 -77.82
O6 GAL J . -16.90 68.99 -78.19
C1 SIA J . -15.91 66.60 -77.83
C2 SIA J . -16.70 67.62 -78.58
C3 SIA J . -15.53 67.89 -79.56
C4 SIA J . -15.21 66.89 -80.63
C5 SIA J . -16.35 66.40 -81.35
C6 SIA J . -17.36 66.03 -80.30
C7 SIA J . -18.56 65.53 -80.88
C8 SIA J . -19.49 65.14 -79.74
C9 SIA J . -20.65 64.34 -80.27
C10 SIA J . -16.65 64.97 -83.48
C11 SIA J . -16.31 63.74 -84.26
N5 SIA J . -16.03 65.18 -82.14
O1A SIA J . -16.49 65.58 -77.44
O1B SIA J . -14.65 66.78 -77.56
O4 SIA J . -14.23 67.40 -81.55
O6 SIA J . -17.64 67.25 -79.52
O7 SIA J . -19.20 66.52 -81.58
O8 SIA J . -18.85 64.40 -78.76
O9 SIA J . -21.78 65.05 -80.43
O10 SIA J . -17.42 65.79 -83.94
C1 NAG K . -25.42 163.36 -168.58
C2 NAG K . -26.43 162.32 -168.07
C3 NAG K . -26.70 162.38 -166.56
C4 NAG K . -25.44 162.67 -165.76
C5 NAG K . -24.55 163.73 -166.38
C6 NAG K . -23.20 163.81 -165.66
C7 NAG K . -28.11 161.47 -169.57
C8 NAG K . -29.26 161.76 -170.49
N2 NAG K . -27.68 162.46 -168.79
O1 NAG K . -25.04 163.00 -169.90
O3 NAG K . -27.20 161.12 -166.14
O4 NAG K . -25.82 162.94 -164.42
O5 NAG K . -24.28 163.43 -167.75
O6 NAG K . -22.60 162.52 -165.67
O7 NAG K . -27.59 160.35 -169.55
C1 GAL K . -25.18 161.93 -163.61
C2 GAL K . -24.59 162.32 -162.26
C3 GAL K . -23.73 161.13 -161.77
C4 GAL K . -24.48 159.80 -161.93
C5 GAL K . -25.20 159.71 -163.28
C6 GAL K . -25.98 158.41 -163.45
O2 GAL K . -23.81 163.50 -162.35
O3 GAL K . -23.32 161.34 -160.44
O4 GAL K . -25.45 159.68 -160.93
O5 GAL K . -26.05 160.83 -163.43
O6 GAL K . -26.79 158.52 -164.61
C1 SIA K . -27.54 156.14 -163.89
C2 SIA K . -27.77 157.46 -164.53
C3 SIA K . -27.51 156.87 -165.94
C4 SIA K . -28.55 155.96 -166.57
C5 SIA K . -29.90 156.43 -166.47
C6 SIA K . -30.08 156.91 -165.06
C7 SIA K . -31.34 157.52 -164.81
C8 SIA K . -31.31 157.90 -163.34
C9 SIA K . -32.60 158.53 -162.86
C10 SIA K . -32.18 155.71 -167.42
C11 SIA K . -33.17 154.65 -167.69
N5 SIA K . -30.90 155.36 -166.74
O1A SIA K . -28.27 155.80 -162.93
O1B SIA K . -26.58 155.35 -164.28
O4 SIA K . -28.22 155.68 -167.95
O6 SIA K . -29.04 157.95 -164.78
O7 SIA K . -31.43 158.71 -165.49
O8 SIA K . -31.03 156.78 -162.56
O9 SIA K . -32.91 158.29 -161.56
O10 SIA K . -32.41 156.86 -167.77
C1 NAG L . -6.19 -7.23 12.44
C2 NAG L . -5.14 -7.32 13.55
C3 NAG L . -4.28 -8.58 13.44
C4 NAG L . -5.14 -9.82 13.17
C5 NAG L . -6.24 -9.58 12.12
C6 NAG L . -7.21 -10.76 12.07
C7 NAG L . -4.32 -5.27 14.54
C8 NAG L . -3.21 -4.25 14.59
N2 NAG L . -4.28 -6.14 13.53
O1 NAG L . -7.01 -6.09 12.63
O3 NAG L . -3.55 -8.71 14.66
O4 NAG L . -4.34 -10.95 12.86
O5 NAG L . -6.98 -8.41 12.42
O6 NAG L . -7.85 -10.94 13.33
O7 NAG L . -5.20 -5.29 15.41
C1 GAL L . -4.28 -11.80 14.02
C2 GAL L . -4.58 -13.29 13.85
C3 GAL L . -4.72 -13.94 15.24
C4 GAL L . -3.65 -13.43 16.22
C5 GAL L . -3.49 -11.92 16.11
C6 GAL L . -2.52 -11.32 17.11
O2 GAL L . -5.78 -13.45 13.13
O3 GAL L . -4.68 -15.35 15.11
O4 GAL L . -2.40 -13.98 15.88
O5 GAL L . -3.11 -11.62 14.79
O6 GAL L . -2.31 -9.95 16.82
C1 SIA L . -0.85 -9.96 18.92
C2 SIA L . -1.13 -9.54 17.52
C3 SIA L . -1.63 -8.14 18.00
C4 SIA L . -0.60 -7.15 18.54
C5 SIA L . 0.54 -6.96 17.69
C6 SIA L . 1.00 -8.34 17.30
C7 SIA L . 2.08 -8.33 16.38
C8 SIA L . 2.42 -9.79 16.06
C9 SIA L . 3.67 -9.88 15.19
C10 SIA L . 2.55 -5.32 17.59
C11 SIA L . 3.67 -4.64 18.26
N5 SIA L . 1.67 -6.25 18.36
O1A SIA L . 0.21 -10.54 19.19
O1B SIA L . -1.75 -9.77 19.84
O4 SIA L . -1.20 -5.88 18.90
O6 SIA L . -0.15 -9.05 16.67
O7 SIA L . 1.65 -7.81 15.19
O8 SIA L . 2.54 -10.53 17.23
O9 SIA L . 4.36 -11.05 15.21
O10 SIA L . 2.36 -5.12 16.39
C1 NAG M . 40.40 -102.86 104.44
C2 NAG M . 40.18 -103.56 103.11
C3 NAG M . 41.36 -104.44 102.69
C4 NAG M . 42.62 -103.58 102.72
C5 NAG M . 42.79 -103.02 104.13
C6 NAG M . 44.08 -102.20 104.25
C7 NAG M . 38.08 -104.24 102.18
C8 NAG M . 37.05 -105.31 102.14
N2 NAG M . 38.96 -104.34 103.17
O3 NAG M . 41.17 -105.01 101.41
O4 NAG M . 43.74 -104.35 102.33
O5 NAG M . 41.68 -102.23 104.50
O6 NAG M . 43.90 -100.89 103.74
O7 NAG M . 38.08 -103.34 101.34
C1 NAG N . -15.83 33.05 -96.62
C2 NAG N . -17.22 32.81 -97.20
C3 NAG N . -17.38 31.35 -97.64
C4 NAG N . -16.29 31.03 -98.64
C5 NAG N . -14.91 31.37 -98.07
C6 NAG N . -13.85 31.17 -99.16
C7 NAG N . -19.34 33.80 -96.71
C8 NAG N . -20.50 33.81 -95.78
N2 NAG N . -18.25 33.20 -96.26
O3 NAG N . -18.66 31.14 -98.21
O4 NAG N . -16.35 29.66 -98.98
O5 NAG N . -14.86 32.69 -97.57
O6 NAG N . -12.96 32.26 -99.25
O7 NAG N . -19.42 34.34 -97.82
C1 NAG O . -58.48 133.72 -164.81
C2 NAG O . -59.79 134.48 -164.79
C3 NAG O . -61.02 133.58 -164.66
C4 NAG O . -60.91 132.36 -165.56
C5 NAG O . -59.58 131.66 -165.26
C6 NAG O . -59.42 130.35 -166.03
C7 NAG O . -59.86 136.69 -163.74
C8 NAG O . -59.91 137.38 -162.42
N2 NAG O . -59.74 135.38 -163.64
O3 NAG O . -62.19 134.31 -164.97
O4 NAG O . -62.02 131.49 -165.34
O5 NAG O . -58.53 132.55 -165.60
O6 NAG O . -59.12 130.61 -167.39
O7 NAG O . -59.94 137.33 -164.79
C1 NAG P . 33.10 2.78 31.03
C2 NAG P . 34.15 2.96 29.95
C3 NAG P . 35.55 3.26 30.52
C4 NAG P . 35.49 4.26 31.68
C5 NAG P . 34.43 3.82 32.68
C6 NAG P . 34.35 4.69 33.92
C7 NAG P . 33.95 1.69 27.89
C8 NAG P . 34.30 0.41 27.20
N2 NAG P . 34.19 1.72 29.20
O3 NAG P . 36.38 3.75 29.51
O4 NAG P . 36.77 4.37 32.28
O5 NAG P . 33.18 3.80 32.02
O6 NAG P . 33.58 5.86 33.68
O7 NAG P . 33.49 2.63 27.25
#